data_8UAD
#
_entry.id   8UAD
#
_cell.length_a   1.00
_cell.length_b   1.00
_cell.length_c   1.00
_cell.angle_alpha   90.00
_cell.angle_beta   90.00
_cell.angle_gamma   90.00
#
_symmetry.space_group_name_H-M   'P 1'
#
loop_
_entity.id
_entity.type
_entity.pdbx_description
1 polymer 'Hemagglutinin HA1 chain'
2 polymer 'Hemagglutinin HA2 chain'
3 branched beta-D-mannopyranose-(1-4)-2-acetamido-2-deoxy-beta-D-glucopyranose-(1-4)-2-acetamido-2-deoxy-beta-D-glucopyranose
4 branched 2-acetamido-2-deoxy-beta-D-glucopyranose-(1-4)-2-acetamido-2-deoxy-beta-D-glucopyranose
5 non-polymer 2-acetamido-2-deoxy-beta-D-glucopyranose
#
loop_
_entity_poly.entity_id
_entity_poly.type
_entity_poly.pdbx_seq_one_letter_code
_entity_poly.pdbx_strand_id
1 'polypeptide(L)'
;MKAIIVLLMVVTSNADRICTGITSSNSPHVVKTATQGEVNVTGVIPLTTTPTKSHFANLKGTETRGKLCPKCLNCTDLDV
ALGRPKCTGKIPSARVSILHEVRPVTSGCFPIMHDRTKIRQLPNLLRGYEHVRLSTHNVINAEGAPGGPYKIGTSGSCPN
ITNGNGFFATMAWAVPDKNKTATNPLTIEVPYVCTEGEDQITVWGFHSDNETQMAKLYGDSKPQTFTSSANGVTTHYVSQ
IGGFPNQTEDGGLPQSGRIVVDYMVQKSGKTGTITYQRGILLPQKVWCASGRSKVIKGSLPLIGEADCLHEKYGGLNKSK
PYYTGEHAKAIGNCPIWVKTPLKLANGTKYRPPAKLLKER
;
A,C,E
2 'polypeptide(L)'
;GFFGAIAGFLEGGWEGMIAGWFGYTSHGAHGVAVAADLKATQEAINKITKNLNSLSELEVKNLYRLSYAMDELHNEILEL
DEKVDDLRADTISSQIELAVLLSNEGIINREDWFLLALERKLKKMLGPSAVEIGNGCFETKHKCNQTCLDKIAAGTFDAG
EFSLPTFDSLNITAGGSEPEA
;
B,D,F
#
# COMPACT_ATOMS: atom_id res chain seq x y z
N ASP A 16 -1.49 24.40 62.17
CA ASP A 16 -1.67 24.69 60.75
C ASP A 16 -1.85 23.42 59.94
N ARG A 17 -2.19 23.58 58.66
CA ARG A 17 -2.33 22.47 57.73
C ARG A 17 -1.59 22.83 56.45
N ILE A 18 -0.58 22.05 56.11
CA ILE A 18 0.19 22.21 54.88
C ILE A 18 -0.23 21.11 53.93
N CYS A 19 -0.57 21.49 52.69
CA CYS A 19 -1.05 20.54 51.71
C CYS A 19 -0.31 20.75 50.39
N THR A 20 -0.32 19.72 49.57
CA THR A 20 0.15 19.79 48.20
C THR A 20 -1.04 20.10 47.30
N GLY A 21 -0.77 20.79 46.19
CA GLY A 21 -1.84 21.19 45.32
C GLY A 21 -1.36 21.45 43.92
N ILE A 22 -2.28 21.93 43.10
CA ILE A 22 -2.04 22.19 41.68
C ILE A 22 -2.69 23.51 41.32
N THR A 23 -2.08 24.25 40.41
CA THR A 23 -2.54 25.59 40.12
C THR A 23 -3.90 25.56 39.44
N SER A 24 -4.52 26.73 39.36
CA SER A 24 -5.75 26.92 38.60
C SER A 24 -5.57 28.16 37.73
N SER A 25 -5.86 28.03 36.44
CA SER A 25 -5.71 29.14 35.51
C SER A 25 -6.82 29.06 34.47
N ASN A 26 -6.79 29.99 33.53
CA ASN A 26 -7.63 29.89 32.35
C ASN A 26 -7.21 28.69 31.53
N SER A 27 -8.17 27.86 31.14
CA SER A 27 -7.91 26.63 30.41
C SER A 27 -8.74 26.63 29.13
N PRO A 28 -8.35 27.43 28.14
CA PRO A 28 -9.13 27.50 26.90
C PRO A 28 -8.77 26.47 25.85
N HIS A 29 -7.82 25.57 26.08
CA HIS A 29 -7.46 24.65 25.01
C HIS A 29 -8.07 23.28 25.27
N VAL A 30 -8.28 22.52 24.20
CA VAL A 30 -8.92 21.21 24.32
C VAL A 30 -8.04 20.17 23.66
N VAL A 31 -7.75 19.07 24.37
CA VAL A 31 -7.04 17.95 23.79
C VAL A 31 -7.82 16.67 24.01
N LYS A 32 -7.41 15.63 23.28
CA LYS A 32 -8.13 14.37 23.18
C LYS A 32 -7.29 13.25 23.75
N THR A 33 -7.82 12.56 24.75
CA THR A 33 -7.16 11.46 25.42
C THR A 33 -7.91 10.16 25.12
N ALA A 34 -7.45 9.06 25.71
CA ALA A 34 -7.97 7.73 25.39
C ALA A 34 -8.84 7.11 26.46
N THR A 35 -8.87 7.65 27.66
CA THR A 35 -9.68 7.11 28.74
C THR A 35 -10.51 8.16 29.45
N GLN A 36 -10.34 9.44 29.12
CA GLN A 36 -11.08 10.52 29.75
C GLN A 36 -11.92 11.32 28.79
N GLY A 37 -11.77 11.12 27.49
CA GLY A 37 -12.53 11.92 26.54
C GLY A 37 -11.75 13.16 26.16
N GLU A 38 -12.43 14.28 25.96
CA GLU A 38 -11.76 15.54 25.62
C GLU A 38 -11.68 16.39 26.87
N VAL A 39 -10.49 16.95 27.12
CA VAL A 39 -10.25 17.70 28.34
C VAL A 39 -9.77 19.11 27.99
N ASN A 40 -9.98 20.02 28.94
CA ASN A 40 -9.49 21.39 28.85
C ASN A 40 -8.11 21.49 29.49
N VAL A 41 -7.18 22.13 28.80
CA VAL A 41 -5.82 22.28 29.24
C VAL A 41 -5.41 23.75 29.15
N THR A 42 -4.45 24.10 30.02
CA THR A 42 -3.95 25.46 30.16
C THR A 42 -3.25 25.94 28.91
N GLY A 43 -2.42 25.10 28.31
CA GLY A 43 -1.66 25.50 27.14
C GLY A 43 -1.34 24.29 26.30
N VAL A 44 -0.96 24.55 25.05
CA VAL A 44 -0.68 23.50 24.08
C VAL A 44 0.57 23.84 23.30
N ILE A 45 1.00 22.88 22.48
CA ILE A 45 2.03 23.02 21.47
C ILE A 45 1.38 22.58 20.16
N PRO A 46 1.19 23.48 19.19
CA PRO A 46 0.68 23.05 17.89
C PRO A 46 1.70 22.20 17.16
N LEU A 47 1.20 21.30 16.32
CA LEU A 47 2.07 20.44 15.52
C LEU A 47 1.81 20.52 14.03
N THR A 48 0.89 21.37 13.59
CA THR A 48 0.54 21.46 12.17
C THR A 48 0.50 22.92 11.73
N THR A 49 0.54 23.09 10.41
CA THR A 49 0.23 24.36 9.74
C THR A 49 -0.54 24.06 8.48
N THR A 50 -1.22 25.08 7.96
CA THR A 50 -1.75 25.04 6.60
C THR A 50 -0.90 25.97 5.74
N PRO A 51 -0.13 25.46 4.79
CA PRO A 51 0.77 26.31 4.03
C PRO A 51 0.02 27.16 3.01
N THR A 52 0.77 28.04 2.34
CA THR A 52 0.22 28.94 1.33
C THR A 52 0.91 28.71 0.00
N LYS A 53 0.15 28.82 -1.08
CA LYS A 53 0.68 28.62 -2.41
C LYS A 53 1.79 29.63 -2.73
N SER A 54 2.87 29.14 -3.31
CA SER A 54 4.04 29.94 -3.62
C SER A 54 4.57 29.51 -4.97
N HIS A 55 5.70 30.07 -5.37
CA HIS A 55 6.32 29.67 -6.62
C HIS A 55 7.27 28.51 -6.39
N PHE A 56 7.74 27.92 -7.49
CA PHE A 56 8.65 26.79 -7.43
C PHE A 56 10.10 27.27 -7.39
N ALA A 57 10.96 26.48 -6.77
CA ALA A 57 12.30 26.90 -6.45
C ALA A 57 13.27 25.80 -6.82
N ASN A 58 14.53 25.97 -6.41
CA ASN A 58 15.56 24.97 -6.58
C ASN A 58 15.63 24.14 -5.31
N LEU A 59 15.74 22.82 -5.45
CA LEU A 59 15.85 21.98 -4.28
C LEU A 59 17.18 22.22 -3.58
N LYS A 60 17.15 22.28 -2.27
CA LYS A 60 18.29 22.66 -1.45
C LYS A 60 19.16 21.44 -1.24
N GLY A 61 20.29 21.38 -1.93
CA GLY A 61 21.21 20.27 -1.86
C GLY A 61 21.29 19.38 -3.09
N THR A 62 20.44 19.61 -4.08
CA THR A 62 20.38 18.76 -5.27
C THR A 62 20.26 19.65 -6.51
N GLU A 63 20.80 19.17 -7.62
CA GLU A 63 20.66 19.87 -8.90
C GLU A 63 19.29 19.56 -9.50
N THR A 64 18.59 20.60 -9.93
CA THR A 64 17.19 20.51 -10.32
C THR A 64 17.04 20.90 -11.77
N ARG A 65 16.30 20.10 -12.53
CA ARG A 65 16.13 20.25 -13.95
C ARG A 65 14.81 20.96 -14.23
N GLY A 66 14.88 22.01 -15.06
CA GLY A 66 13.71 22.66 -15.61
C GLY A 66 13.56 22.28 -17.06
N LYS A 67 14.07 23.13 -17.94
CA LYS A 67 14.23 22.79 -19.36
C LYS A 67 15.33 21.75 -19.55
N LEU A 68 15.24 21.00 -20.64
CA LEU A 68 16.23 19.95 -20.93
C LEU A 68 17.59 20.55 -21.27
N CYS A 69 17.63 21.46 -22.25
CA CYS A 69 18.84 22.21 -22.59
C CYS A 69 18.56 23.68 -22.34
N PRO A 70 18.99 24.24 -21.21
CA PRO A 70 18.72 25.65 -20.93
C PRO A 70 19.68 26.63 -21.62
N LYS A 71 20.77 26.15 -22.22
CA LYS A 71 21.64 26.99 -23.03
C LYS A 71 21.25 27.03 -24.49
N CYS A 72 20.28 26.22 -24.90
CA CYS A 72 19.71 26.32 -26.24
C CYS A 72 18.62 27.38 -26.20
N LEU A 73 18.77 28.43 -26.99
CA LEU A 73 17.85 29.56 -26.97
C LEU A 73 16.81 29.43 -28.07
N ASN A 74 15.58 29.85 -27.77
CA ASN A 74 14.45 29.79 -28.69
C ASN A 74 14.07 28.35 -29.05
N CYS A 75 14.30 27.41 -28.14
CA CYS A 75 13.94 26.02 -28.34
C CYS A 75 12.96 25.60 -27.27
N THR A 76 12.01 24.73 -27.64
CA THR A 76 11.17 24.04 -26.68
C THR A 76 11.81 22.70 -26.34
N ASP A 77 11.17 21.92 -25.47
CA ASP A 77 11.73 20.62 -25.12
C ASP A 77 11.54 19.60 -26.25
N LEU A 78 10.40 19.65 -26.95
CA LEU A 78 10.19 18.75 -28.07
C LEU A 78 11.11 19.08 -29.24
N ASP A 79 11.49 20.35 -29.39
CA ASP A 79 12.48 20.72 -30.38
C ASP A 79 13.82 20.05 -30.13
N VAL A 80 14.24 20.03 -28.86
CA VAL A 80 15.51 19.40 -28.49
C VAL A 80 15.41 17.89 -28.60
N ALA A 81 14.28 17.32 -28.18
CA ALA A 81 14.11 15.87 -28.25
C ALA A 81 14.10 15.37 -29.69
N LEU A 82 13.57 16.15 -30.62
CA LEU A 82 13.55 15.74 -32.02
C LEU A 82 14.82 16.09 -32.77
N GLY A 83 15.72 16.87 -32.19
CA GLY A 83 16.97 17.19 -32.84
C GLY A 83 16.93 18.31 -33.84
N ARG A 84 16.12 19.34 -33.58
CA ARG A 84 15.96 20.42 -34.56
C ARG A 84 17.27 21.17 -34.74
N PRO A 85 17.59 21.61 -35.95
CA PRO A 85 18.87 22.31 -36.16
C PRO A 85 18.94 23.59 -35.34
N LYS A 86 20.11 23.82 -34.75
CA LYS A 86 20.43 24.89 -33.81
C LYS A 86 19.80 24.68 -32.43
N CYS A 87 19.18 23.53 -32.19
CA CYS A 87 18.69 23.15 -30.87
C CYS A 87 19.44 21.94 -30.35
N THR A 88 20.68 21.75 -30.78
CA THR A 88 21.52 20.66 -30.32
C THR A 88 22.51 21.19 -29.30
N GLY A 89 22.72 20.42 -28.25
CA GLY A 89 23.53 20.86 -27.14
C GLY A 89 23.66 19.73 -26.15
N LYS A 90 24.39 20.01 -25.09
CA LYS A 90 24.71 18.95 -24.14
C LYS A 90 23.64 18.99 -23.06
N ILE A 91 23.18 17.83 -22.60
CA ILE A 91 22.06 17.80 -21.67
C ILE A 91 22.61 17.50 -20.27
N PRO A 92 22.58 18.48 -19.36
CA PRO A 92 23.13 18.26 -18.01
C PRO A 92 22.36 17.23 -17.21
N SER A 93 23.08 16.50 -16.37
CA SER A 93 22.49 15.48 -15.52
C SER A 93 21.77 16.12 -14.33
N ALA A 94 20.82 15.39 -13.78
CA ALA A 94 20.06 15.91 -12.66
C ALA A 94 19.32 14.77 -12.00
N ARG A 95 19.15 14.86 -10.70
CA ARG A 95 18.51 13.83 -9.91
C ARG A 95 17.06 14.16 -9.59
N VAL A 96 16.63 15.39 -9.89
CA VAL A 96 15.26 15.84 -9.71
C VAL A 96 14.86 16.63 -10.95
N SER A 97 13.64 16.39 -11.44
CA SER A 97 13.12 17.07 -12.62
C SER A 97 11.76 17.65 -12.34
N ILE A 98 11.41 18.70 -13.08
CA ILE A 98 10.10 19.33 -13.01
C ILE A 98 9.37 19.08 -14.33
N LEU A 99 8.15 18.55 -14.25
CA LEU A 99 7.30 18.36 -15.42
C LEU A 99 6.39 19.58 -15.52
N HIS A 100 6.76 20.53 -16.37
CA HIS A 100 6.09 21.82 -16.45
C HIS A 100 5.16 21.95 -17.65
N GLU A 101 4.91 20.87 -18.39
CA GLU A 101 4.15 20.97 -19.63
C GLU A 101 3.52 19.63 -19.95
N VAL A 102 2.19 19.52 -19.80
CA VAL A 102 1.53 18.23 -19.97
C VAL A 102 1.29 17.85 -21.42
N ARG A 103 1.35 18.81 -22.35
CA ARG A 103 1.28 18.53 -23.78
C ARG A 103 2.30 19.42 -24.48
N PRO A 104 3.54 18.96 -24.63
CA PRO A 104 4.59 19.80 -25.20
C PRO A 104 4.36 20.15 -26.65
N VAL A 105 4.90 21.29 -27.07
CA VAL A 105 4.69 21.83 -28.40
C VAL A 105 6.04 22.00 -29.10
N THR A 106 5.98 22.07 -30.43
CA THR A 106 7.12 22.50 -31.24
C THR A 106 6.97 23.97 -31.60
N SER A 107 8.04 24.54 -32.16
CA SER A 107 7.98 25.88 -32.72
C SER A 107 8.82 25.99 -33.98
N GLY A 108 9.14 24.87 -34.62
CA GLY A 108 10.27 24.79 -35.50
C GLY A 108 10.09 24.37 -36.94
N CYS A 109 10.58 23.16 -37.22
CA CYS A 109 10.97 22.59 -38.50
C CYS A 109 9.70 22.23 -39.29
N PHE A 110 9.80 21.30 -40.23
CA PHE A 110 8.68 20.73 -40.98
C PHE A 110 7.44 20.49 -40.12
N PRO A 111 6.23 20.71 -40.67
CA PRO A 111 5.00 20.48 -39.88
C PRO A 111 4.67 19.01 -39.66
N ILE A 112 4.14 18.73 -38.46
CA ILE A 112 3.85 17.38 -37.99
C ILE A 112 2.36 17.28 -37.71
N MET A 113 1.79 16.09 -37.90
CA MET A 113 0.46 15.76 -37.37
C MET A 113 0.65 15.08 -36.02
N HIS A 114 0.75 15.91 -34.97
CA HIS A 114 1.23 15.45 -33.67
C HIS A 114 0.31 14.44 -33.02
N ASP A 115 -0.97 14.41 -33.39
CA ASP A 115 -1.97 13.71 -32.60
C ASP A 115 -2.27 12.30 -33.08
N ARG A 116 -1.54 11.81 -34.07
CA ARG A 116 -1.78 10.47 -34.60
C ARG A 116 -0.81 9.44 -34.06
N THR A 117 0.06 9.82 -33.13
CA THR A 117 1.03 8.93 -32.49
C THR A 117 1.15 9.38 -31.05
N LYS A 118 2.18 8.92 -30.37
CA LYS A 118 2.45 9.28 -28.98
C LYS A 118 3.69 10.15 -28.81
N ILE A 119 4.06 10.92 -29.84
CA ILE A 119 5.37 11.57 -29.86
C ILE A 119 5.43 12.76 -28.91
N ARG A 120 4.29 13.39 -28.61
CA ARG A 120 4.30 14.55 -27.72
C ARG A 120 4.90 14.23 -26.36
N GLN A 121 4.83 12.97 -25.94
CA GLN A 121 5.31 12.57 -24.64
C GLN A 121 6.77 12.14 -24.63
N LEU A 122 7.47 12.24 -25.76
CA LEU A 122 8.88 11.87 -25.77
C LEU A 122 9.76 12.74 -24.88
N PRO A 123 9.64 14.07 -24.84
CA PRO A 123 10.44 14.83 -23.86
C PRO A 123 10.21 14.40 -22.41
N ASN A 124 8.96 14.18 -22.01
CA ASN A 124 8.68 13.82 -20.62
C ASN A 124 9.30 12.48 -20.27
N LEU A 125 9.23 11.51 -21.18
CA LEU A 125 9.97 10.26 -20.98
C LEU A 125 11.45 10.53 -20.75
N LEU A 126 12.07 11.34 -21.62
CA LEU A 126 13.48 11.60 -21.49
C LEU A 126 13.83 12.26 -20.16
N ARG A 127 12.87 12.89 -19.50
CA ARG A 127 13.21 13.58 -18.26
C ARG A 127 13.11 12.69 -17.04
N GLY A 128 12.81 11.41 -17.22
CA GLY A 128 12.84 10.48 -16.11
C GLY A 128 14.14 9.74 -15.93
N TYR A 129 15.11 9.98 -16.80
CA TYR A 129 16.44 9.40 -16.74
C TYR A 129 17.41 10.44 -16.21
N GLU A 130 18.46 9.97 -15.54
CA GLU A 130 19.43 10.91 -15.00
C GLU A 130 20.43 11.34 -16.05
N HIS A 131 20.97 10.40 -16.80
CA HIS A 131 21.91 10.66 -17.90
C HIS A 131 21.20 10.43 -19.22
N VAL A 132 21.24 11.42 -20.10
CA VAL A 132 20.66 11.36 -21.43
C VAL A 132 21.67 11.94 -22.41
N ARG A 133 21.98 11.20 -23.48
CA ARG A 133 22.87 11.77 -24.49
C ARG A 133 22.48 11.27 -25.88
N LEU A 134 22.93 12.00 -26.89
CA LEU A 134 22.72 11.65 -28.28
C LEU A 134 23.96 10.96 -28.81
N SER A 135 23.78 9.83 -29.49
CA SER A 135 24.91 9.03 -29.94
C SER A 135 25.81 9.86 -30.86
N THR A 136 27.03 9.38 -31.06
CA THR A 136 27.98 10.12 -31.90
C THR A 136 28.08 9.58 -33.32
N HIS A 137 27.54 8.40 -33.60
CA HIS A 137 27.50 7.86 -34.95
C HIS A 137 26.05 7.49 -35.30
N ASN A 138 25.79 7.40 -36.60
CA ASN A 138 24.48 6.99 -37.06
C ASN A 138 24.27 5.50 -36.87
N VAL A 139 23.04 5.11 -36.56
CA VAL A 139 22.78 3.71 -36.24
C VAL A 139 22.69 2.85 -37.50
N ILE A 140 22.22 3.41 -38.61
CA ILE A 140 22.27 2.72 -39.90
C ILE A 140 22.77 3.70 -40.95
N ASN A 141 23.26 3.15 -42.05
CA ASN A 141 23.69 3.94 -43.21
C ASN A 141 22.50 4.10 -44.14
N ALA A 142 22.02 5.33 -44.30
CA ALA A 142 20.71 5.57 -44.91
C ALA A 142 20.74 5.35 -46.42
N GLU A 143 21.80 5.79 -47.10
CA GLU A 143 21.86 5.69 -48.55
C GLU A 143 21.89 4.25 -49.05
N GLY A 144 22.30 3.29 -48.22
CA GLY A 144 22.42 1.93 -48.68
C GLY A 144 21.41 0.98 -48.09
N ALA A 145 20.36 1.51 -47.47
CA ALA A 145 19.35 0.69 -46.82
C ALA A 145 18.50 -0.04 -47.86
N PRO A 146 17.77 -1.09 -47.46
CA PRO A 146 16.89 -1.78 -48.39
C PRO A 146 15.86 -0.84 -48.99
N GLY A 147 15.52 -1.07 -50.24
CA GLY A 147 14.60 -0.20 -50.96
C GLY A 147 15.24 0.66 -52.02
N GLY A 148 16.53 0.51 -52.25
CA GLY A 148 17.18 1.19 -53.33
C GLY A 148 18.19 2.17 -52.83
N PRO A 149 19.05 2.67 -53.71
CA PRO A 149 19.91 3.80 -53.34
C PRO A 149 19.06 5.03 -53.07
N TYR A 150 19.39 5.74 -52.00
CA TYR A 150 18.60 6.85 -51.55
C TYR A 150 19.39 8.14 -51.63
N LYS A 151 18.68 9.26 -51.70
CA LYS A 151 19.27 10.55 -51.46
C LYS A 151 18.50 11.23 -50.33
N ILE A 152 19.21 12.06 -49.56
CA ILE A 152 18.71 12.57 -48.30
C ILE A 152 18.12 13.95 -48.54
N GLY A 153 16.85 14.11 -48.18
CA GLY A 153 16.13 15.33 -48.47
C GLY A 153 16.23 16.36 -47.36
N THR A 154 16.23 17.63 -47.77
CA THR A 154 16.31 18.76 -46.86
C THR A 154 15.15 19.69 -47.14
N SER A 155 14.83 20.53 -46.15
CA SER A 155 13.64 21.36 -46.20
C SER A 155 14.01 22.82 -46.01
N GLY A 156 13.29 23.71 -46.70
CA GLY A 156 13.53 25.13 -46.55
C GLY A 156 13.03 25.71 -45.26
N SER A 157 12.07 25.04 -44.63
CA SER A 157 11.57 25.42 -43.31
C SER A 157 12.42 24.87 -42.19
N CYS A 158 13.67 24.51 -42.49
CA CYS A 158 14.58 23.93 -41.49
C CYS A 158 15.99 24.41 -41.79
N PRO A 159 16.29 25.68 -41.56
CA PRO A 159 17.64 26.18 -41.81
C PRO A 159 18.62 25.82 -40.69
N ASN A 160 19.89 25.72 -41.07
CA ASN A 160 20.97 25.36 -40.15
C ASN A 160 21.86 26.58 -39.91
N ILE A 161 22.98 26.35 -39.22
CA ILE A 161 23.77 27.43 -38.64
C ILE A 161 24.22 28.44 -39.69
N THR A 162 24.72 27.96 -40.83
CA THR A 162 24.86 28.80 -42.02
C THR A 162 23.62 28.51 -42.85
N ASN A 163 22.69 29.45 -42.88
CA ASN A 163 21.32 29.18 -43.29
C ASN A 163 21.27 28.49 -44.64
N GLY A 164 20.14 27.83 -44.90
CA GLY A 164 19.85 27.39 -46.24
C GLY A 164 19.11 26.09 -46.50
N ASN A 165 19.33 25.02 -45.71
CA ASN A 165 18.46 23.83 -45.71
C ASN A 165 18.91 22.80 -44.67
N GLY A 166 17.99 22.17 -43.98
CA GLY A 166 18.34 21.15 -43.03
C GLY A 166 17.22 20.18 -42.76
N PHE A 167 17.33 19.48 -41.64
CA PHE A 167 16.33 18.52 -41.19
C PHE A 167 16.67 18.15 -39.76
N PHE A 168 15.77 17.38 -39.14
CA PHE A 168 16.03 16.87 -37.79
C PHE A 168 17.24 15.95 -37.80
N ALA A 169 18.01 15.98 -36.71
CA ALA A 169 19.22 15.18 -36.63
C ALA A 169 18.97 13.73 -36.22
N THR A 170 17.77 13.40 -35.77
CA THR A 170 17.42 12.04 -35.39
C THR A 170 16.87 11.21 -36.53
N MET A 171 16.65 11.78 -37.71
CA MET A 171 16.02 11.08 -38.81
C MET A 171 16.67 11.47 -40.12
N ALA A 172 16.48 10.64 -41.14
CA ALA A 172 16.91 10.91 -42.51
C ALA A 172 15.74 10.69 -43.47
N TRP A 173 15.38 11.73 -44.21
CA TRP A 173 14.32 11.65 -45.20
C TRP A 173 14.89 11.03 -46.46
N ALA A 174 14.52 9.78 -46.73
CA ALA A 174 15.11 8.99 -47.80
C ALA A 174 14.19 9.03 -49.01
N VAL A 175 14.63 9.72 -50.07
CA VAL A 175 13.85 9.74 -51.30
C VAL A 175 14.59 8.93 -52.36
N PRO A 176 13.88 8.15 -53.18
CA PRO A 176 14.57 7.28 -54.13
C PRO A 176 15.43 8.06 -55.11
N ASP A 177 16.60 7.52 -55.41
CA ASP A 177 17.58 8.26 -56.20
C ASP A 177 17.28 8.16 -57.69
N LYS A 178 17.19 6.94 -58.21
CA LYS A 178 17.03 6.71 -59.64
C LYS A 178 15.69 6.09 -60.02
N ASN A 179 15.30 5.00 -59.36
CA ASN A 179 14.10 4.25 -59.73
C ASN A 179 12.93 4.74 -58.89
N LYS A 180 11.96 5.38 -59.53
CA LYS A 180 10.75 5.84 -58.86
C LYS A 180 9.65 4.82 -59.15
N THR A 181 9.56 3.81 -58.28
CA THR A 181 8.61 2.73 -58.45
C THR A 181 8.00 2.36 -57.10
N ALA A 182 6.88 1.64 -57.14
CA ALA A 182 6.27 1.10 -55.95
C ALA A 182 7.10 -0.05 -55.40
N THR A 183 6.82 -0.45 -54.16
CA THR A 183 7.60 -1.52 -53.56
C THR A 183 6.71 -2.35 -52.63
N ASN A 184 7.16 -3.56 -52.35
CA ASN A 184 6.59 -4.38 -51.28
C ASN A 184 7.16 -3.91 -49.95
N PRO A 185 6.63 -4.39 -48.83
CA PRO A 185 7.24 -4.02 -47.55
C PRO A 185 8.69 -4.48 -47.44
N LEU A 186 9.52 -3.64 -46.83
CA LEU A 186 10.93 -3.91 -46.61
C LEU A 186 11.18 -3.92 -45.12
N THR A 187 12.24 -4.59 -44.69
CA THR A 187 12.53 -4.78 -43.28
C THR A 187 13.96 -4.35 -42.96
N ILE A 188 14.11 -3.52 -41.94
CA ILE A 188 15.43 -3.26 -41.36
C ILE A 188 15.42 -3.70 -39.91
N GLU A 189 16.58 -4.17 -39.49
CA GLU A 189 16.87 -4.53 -38.12
C GLU A 189 17.70 -3.42 -37.49
N VAL A 190 17.19 -2.81 -36.42
CA VAL A 190 17.82 -1.64 -35.81
C VAL A 190 18.69 -2.15 -34.66
N PRO A 191 20.01 -2.00 -34.73
CA PRO A 191 20.89 -2.61 -33.74
C PRO A 191 21.02 -1.78 -32.47
N TYR A 192 21.70 -2.36 -31.50
CA TYR A 192 21.93 -1.75 -30.20
C TYR A 192 23.33 -1.17 -30.15
N VAL A 193 23.42 0.16 -29.99
CA VAL A 193 24.69 0.87 -30.10
C VAL A 193 25.08 1.58 -28.80
N CYS A 194 24.25 1.53 -27.77
CA CYS A 194 24.63 2.15 -26.51
C CYS A 194 25.46 1.16 -25.70
N THR A 195 25.98 1.63 -24.55
CA THR A 195 26.76 0.76 -23.68
C THR A 195 25.79 -0.11 -22.87
N GLU A 196 26.32 -0.88 -21.91
CA GLU A 196 25.58 -2.05 -21.44
C GLU A 196 24.43 -1.71 -20.49
N GLY A 197 24.57 -0.71 -19.64
CA GLY A 197 23.48 -0.45 -18.74
C GLY A 197 22.40 0.47 -19.26
N GLU A 198 22.46 0.89 -20.53
CA GLU A 198 21.67 1.98 -21.05
C GLU A 198 20.51 1.48 -21.89
N ASP A 199 19.45 2.28 -21.93
CA ASP A 199 18.31 2.09 -22.81
C ASP A 199 18.49 2.91 -24.08
N GLN A 200 17.95 2.41 -25.18
CA GLN A 200 18.07 3.08 -26.47
C GLN A 200 16.69 3.51 -26.95
N ILE A 201 16.52 4.79 -27.25
CA ILE A 201 15.26 5.29 -27.79
C ILE A 201 15.51 5.69 -29.24
N THR A 202 14.74 5.09 -30.14
CA THR A 202 14.86 5.24 -31.58
C THR A 202 13.68 6.05 -32.10
N VAL A 203 13.94 7.03 -32.94
CA VAL A 203 12.90 7.91 -33.48
C VAL A 203 12.83 7.70 -34.99
N TRP A 204 11.65 7.41 -35.51
CA TRP A 204 11.43 7.19 -36.94
C TRP A 204 10.11 7.82 -37.33
N GLY A 205 9.74 7.73 -38.60
CA GLY A 205 8.47 8.27 -39.03
C GLY A 205 8.28 8.12 -40.52
N PHE A 206 7.34 8.89 -41.07
CA PHE A 206 7.12 8.89 -42.51
C PHE A 206 6.47 10.19 -42.98
N HIS A 207 6.63 10.46 -44.28
CA HIS A 207 6.16 11.67 -44.95
C HIS A 207 5.08 11.34 -45.96
N SER A 208 4.09 12.22 -46.10
CA SER A 208 3.05 12.04 -47.11
C SER A 208 2.62 13.40 -47.65
N ASP A 209 2.01 13.38 -48.83
CA ASP A 209 1.75 14.59 -49.61
C ASP A 209 0.44 14.38 -50.37
N ASN A 210 0.13 15.29 -51.29
CA ASN A 210 -1.04 15.12 -52.15
C ASN A 210 -0.69 14.22 -53.33
N GLU A 211 -1.67 13.88 -54.16
CA GLU A 211 -1.49 12.81 -55.14
C GLU A 211 -0.41 13.14 -56.17
N THR A 212 -0.46 14.35 -56.73
CA THR A 212 0.48 14.73 -57.78
C THR A 212 1.91 14.67 -57.26
N GLN A 213 2.13 15.22 -56.07
CA GLN A 213 3.47 15.25 -55.52
C GLN A 213 3.93 13.87 -55.06
N MET A 214 3.01 13.02 -54.63
CA MET A 214 3.39 11.64 -54.30
C MET A 214 3.83 10.88 -55.54
N ALA A 215 3.14 11.05 -56.66
CA ALA A 215 3.58 10.40 -57.88
C ALA A 215 4.90 10.99 -58.39
N LYS A 216 5.15 12.27 -58.11
CA LYS A 216 6.40 12.89 -58.53
C LYS A 216 7.59 12.50 -57.68
N LEU A 217 7.41 12.31 -56.37
CA LEU A 217 8.54 12.06 -55.48
C LEU A 217 8.91 10.58 -55.37
N TYR A 218 7.91 9.70 -55.30
CA TYR A 218 8.12 8.30 -54.97
C TYR A 218 7.72 7.33 -56.07
N GLY A 219 6.77 7.70 -56.92
CA GLY A 219 6.31 6.81 -57.96
C GLY A 219 5.05 6.03 -57.67
N ASP A 220 4.40 6.28 -56.54
CA ASP A 220 3.13 5.64 -56.20
C ASP A 220 2.26 6.61 -55.45
N SER A 221 0.95 6.58 -55.71
CA SER A 221 -0.01 7.52 -55.13
C SER A 221 -1.11 6.81 -54.34
N LYS A 222 -0.76 5.77 -53.59
CA LYS A 222 -1.69 5.05 -52.73
C LYS A 222 -1.22 5.14 -51.30
N PRO A 223 -2.10 4.87 -50.32
CA PRO A 223 -1.64 4.80 -48.93
C PRO A 223 -0.57 3.74 -48.75
N GLN A 224 0.37 4.02 -47.85
CA GLN A 224 1.47 3.12 -47.54
C GLN A 224 1.34 2.63 -46.11
N THR A 225 1.92 1.46 -45.83
CA THR A 225 1.76 0.78 -44.55
C THR A 225 3.09 0.63 -43.87
N PHE A 226 3.14 0.94 -42.58
CA PHE A 226 4.37 0.93 -41.79
C PHE A 226 4.12 0.15 -40.52
N THR A 227 5.15 -0.58 -40.07
CA THR A 227 5.03 -1.42 -38.87
C THR A 227 6.32 -1.32 -38.08
N SER A 228 6.22 -1.35 -36.77
CA SER A 228 7.42 -1.41 -35.93
C SER A 228 7.23 -2.45 -34.84
N SER A 229 8.34 -3.01 -34.37
CA SER A 229 8.30 -4.04 -33.34
C SER A 229 9.55 -3.98 -32.48
N ALA A 230 9.36 -3.90 -31.17
CA ALA A 230 10.49 -3.97 -30.26
C ALA A 230 10.03 -4.49 -28.90
N ASN A 231 10.75 -5.46 -28.37
CA ASN A 231 10.52 -6.00 -27.03
C ASN A 231 9.07 -6.42 -26.82
N GLY A 232 8.51 -7.09 -27.82
CA GLY A 232 7.15 -7.59 -27.74
C GLY A 232 6.07 -6.57 -28.02
N VAL A 233 6.41 -5.33 -28.32
CA VAL A 233 5.43 -4.27 -28.58
C VAL A 233 5.43 -3.98 -30.07
N THR A 234 4.23 -4.02 -30.68
CA THR A 234 4.04 -3.95 -32.11
C THR A 234 3.11 -2.79 -32.45
N THR A 235 3.34 -2.13 -33.58
CA THR A 235 2.54 -0.97 -33.95
C THR A 235 2.39 -0.92 -35.47
N HIS A 236 1.22 -0.46 -35.94
CA HIS A 236 0.86 -0.50 -37.36
C HIS A 236 0.22 0.84 -37.77
N TYR A 237 0.64 1.38 -38.92
CA TYR A 237 0.16 2.66 -39.44
C TYR A 237 -0.14 2.59 -40.92
N VAL A 238 -1.06 3.44 -41.37
CA VAL A 238 -1.42 3.62 -42.77
C VAL A 238 -1.46 5.12 -43.06
N SER A 239 -0.89 5.54 -44.18
CA SER A 239 -0.77 6.97 -44.49
C SER A 239 -1.97 7.51 -45.25
N GLN A 240 -2.06 8.83 -45.32
CA GLN A 240 -3.17 9.56 -45.90
C GLN A 240 -2.69 10.42 -47.06
N ILE A 241 -3.47 10.46 -48.13
CA ILE A 241 -3.09 11.15 -49.36
C ILE A 241 -4.04 12.33 -49.53
N GLY A 242 -3.56 13.53 -49.23
CA GLY A 242 -4.33 14.74 -49.43
C GLY A 242 -5.26 15.04 -48.29
N GLY A 243 -5.85 16.23 -48.34
CA GLY A 243 -6.86 16.63 -47.37
C GLY A 243 -6.37 16.70 -45.94
N PHE A 244 -5.22 17.32 -45.73
CA PHE A 244 -4.62 17.39 -44.41
C PHE A 244 -5.22 18.51 -43.58
N PRO A 245 -5.13 18.43 -42.26
CA PRO A 245 -5.47 19.59 -41.43
C PRO A 245 -4.50 20.74 -41.59
N ASN A 246 -4.71 21.83 -40.86
CA ASN A 246 -3.89 23.02 -41.01
C ASN A 246 -2.55 22.88 -40.29
N GLN A 247 -1.57 23.65 -40.75
CA GLN A 247 -0.25 23.64 -40.14
C GLN A 247 -0.27 24.40 -38.82
N THR A 248 0.28 23.79 -37.77
CA THR A 248 0.44 24.45 -36.49
C THR A 248 1.83 24.14 -35.96
N GLU A 249 2.40 25.12 -35.25
CA GLU A 249 3.66 24.97 -34.51
C GLU A 249 4.81 24.60 -35.44
N ASP A 250 5.07 25.46 -36.41
CA ASP A 250 6.13 25.19 -37.37
C ASP A 250 6.76 26.51 -37.80
N GLY A 251 7.64 26.45 -38.80
CA GLY A 251 8.41 27.59 -39.24
C GLY A 251 7.64 28.62 -40.05
N GLY A 252 6.42 28.30 -40.48
CA GLY A 252 5.57 29.27 -41.13
C GLY A 252 5.59 29.26 -42.64
N LEU A 253 6.41 28.43 -43.26
CA LEU A 253 6.37 28.34 -44.71
C LEU A 253 5.20 27.47 -45.17
N PRO A 254 4.60 27.76 -46.31
CA PRO A 254 3.54 26.90 -46.84
C PRO A 254 4.12 25.60 -47.38
N GLN A 255 3.45 24.50 -47.08
CA GLN A 255 3.80 23.17 -47.57
C GLN A 255 2.55 22.49 -48.07
N SER A 256 2.70 21.31 -48.66
CA SER A 256 1.55 20.53 -49.06
C SER A 256 1.48 19.16 -48.41
N GLY A 257 2.53 18.71 -47.71
CA GLY A 257 2.54 17.42 -47.07
C GLY A 257 2.87 17.54 -45.59
N ARG A 258 2.76 16.42 -44.90
CA ARG A 258 2.97 16.36 -43.46
C ARG A 258 3.76 15.11 -43.10
N ILE A 259 4.33 15.10 -41.89
CA ILE A 259 5.05 13.94 -41.37
C ILE A 259 4.35 13.41 -40.13
N VAL A 260 4.53 12.10 -39.90
CA VAL A 260 4.06 11.39 -38.71
C VAL A 260 5.27 10.74 -38.08
N VAL A 261 5.51 11.03 -36.80
CA VAL A 261 6.73 10.67 -36.09
C VAL A 261 6.40 9.79 -34.91
N ASP A 262 7.24 8.79 -34.63
CA ASP A 262 7.07 7.90 -33.50
C ASP A 262 8.44 7.51 -32.94
N TYR A 263 8.42 6.85 -31.78
CA TYR A 263 9.64 6.36 -31.14
C TYR A 263 9.40 4.96 -30.59
N MET A 264 10.48 4.18 -30.49
CA MET A 264 10.43 2.88 -29.83
C MET A 264 11.62 2.70 -28.90
N VAL A 265 11.38 1.98 -27.81
CA VAL A 265 12.37 1.76 -26.75
C VAL A 265 12.96 0.37 -26.88
N GLN A 266 14.27 0.28 -26.82
CA GLN A 266 15.01 -0.98 -26.82
C GLN A 266 15.74 -1.09 -25.50
N LYS A 267 15.31 -2.06 -24.69
CA LYS A 267 15.98 -2.37 -23.44
C LYS A 267 17.30 -3.09 -23.72
N SER A 268 18.23 -2.99 -22.77
CA SER A 268 19.63 -3.24 -23.07
C SER A 268 19.85 -4.61 -23.69
N GLY A 269 20.65 -4.63 -24.75
CA GLY A 269 20.98 -5.82 -25.48
C GLY A 269 20.07 -6.12 -26.65
N LYS A 270 18.90 -5.53 -26.70
CA LYS A 270 17.86 -5.96 -27.62
C LYS A 270 17.90 -5.18 -28.92
N THR A 271 17.40 -5.83 -29.97
CA THR A 271 17.36 -5.30 -31.31
C THR A 271 15.91 -5.01 -31.68
N GLY A 272 15.69 -4.07 -32.61
CA GLY A 272 14.36 -3.69 -33.01
C GLY A 272 14.15 -3.96 -34.49
N THR A 273 12.91 -3.78 -34.95
CA THR A 273 12.61 -4.02 -36.36
C THR A 273 11.61 -3.00 -36.87
N ILE A 274 11.85 -2.50 -38.09
CA ILE A 274 10.91 -1.63 -38.79
C ILE A 274 10.61 -2.23 -40.16
N THR A 275 9.34 -2.26 -40.53
CA THR A 275 8.88 -2.65 -41.87
C THR A 275 8.23 -1.44 -42.52
N TYR A 276 8.57 -1.17 -43.77
CA TYR A 276 8.22 0.10 -44.36
C TYR A 276 8.00 0.01 -45.86
N GLN A 277 7.50 1.12 -46.41
CA GLN A 277 7.28 1.33 -47.84
C GLN A 277 7.70 2.76 -48.15
N ARG A 278 7.23 3.31 -49.27
CA ARG A 278 7.71 4.62 -49.75
C ARG A 278 7.36 5.76 -48.80
N GLY A 279 8.38 6.52 -48.39
CA GLY A 279 8.20 7.68 -47.56
C GLY A 279 8.87 7.63 -46.21
N ILE A 280 9.78 6.68 -46.01
CA ILE A 280 10.34 6.40 -44.69
C ILE A 280 11.31 7.48 -44.27
N LEU A 281 11.27 7.86 -43.00
CA LEU A 281 12.31 8.69 -42.38
C LEU A 281 13.10 7.77 -41.46
N LEU A 282 14.25 7.32 -41.92
CA LEU A 282 15.03 6.30 -41.24
C LEU A 282 15.78 6.88 -40.04
N PRO A 283 15.97 6.10 -38.99
CA PRO A 283 16.64 6.63 -37.79
C PRO A 283 18.14 6.81 -37.97
N GLN A 284 18.66 7.95 -37.50
CA GLN A 284 20.08 8.23 -37.58
C GLN A 284 20.74 8.33 -36.21
N LYS A 285 20.33 9.25 -35.36
CA LYS A 285 20.88 9.39 -34.01
C LYS A 285 19.85 8.89 -33.01
N VAL A 286 20.30 8.13 -32.03
CA VAL A 286 19.41 7.54 -31.05
C VAL A 286 19.78 8.14 -29.70
N TRP A 287 18.83 8.08 -28.77
CA TRP A 287 19.07 8.59 -27.43
C TRP A 287 19.53 7.44 -26.54
N CYS A 288 20.67 7.60 -25.91
CA CYS A 288 21.22 6.62 -24.97
C CYS A 288 21.01 7.16 -23.56
N ALA A 289 20.29 6.42 -22.74
CA ALA A 289 19.79 6.96 -21.49
C ALA A 289 19.91 5.96 -20.36
N SER A 290 20.40 6.41 -19.21
CA SER A 290 20.61 5.53 -18.07
C SER A 290 20.43 6.29 -16.79
N GLY A 291 20.11 5.56 -15.72
CA GLY A 291 19.88 6.15 -14.42
C GLY A 291 18.41 6.36 -14.15
N ARG A 292 18.13 7.09 -13.08
CA ARG A 292 16.76 7.43 -12.75
C ARG A 292 16.71 8.78 -12.04
N SER A 293 15.62 9.51 -12.29
CA SER A 293 15.39 10.85 -11.77
C SER A 293 14.02 10.90 -11.12
N LYS A 294 13.81 11.85 -10.22
CA LYS A 294 12.54 12.01 -9.52
C LYS A 294 11.78 13.20 -10.08
N VAL A 295 10.52 12.97 -10.45
CA VAL A 295 9.71 13.92 -11.20
C VAL A 295 8.46 14.26 -10.41
N ILE A 296 8.11 15.55 -10.36
CA ILE A 296 6.77 16.01 -9.99
C ILE A 296 6.38 17.14 -10.93
N LYS A 297 5.09 17.47 -10.95
CA LYS A 297 4.57 18.56 -11.77
C LYS A 297 4.78 19.90 -11.10
N GLY A 298 5.17 20.88 -11.88
CA GLY A 298 5.43 22.22 -11.37
C GLY A 298 5.26 23.27 -12.42
N SER A 299 5.93 24.40 -12.24
CA SER A 299 5.91 25.47 -13.22
C SER A 299 7.23 26.23 -13.15
N LEU A 300 7.50 26.98 -14.21
CA LEU A 300 8.74 27.70 -14.41
C LEU A 300 8.47 29.20 -14.45
N PRO A 301 9.46 30.04 -14.12
CA PRO A 301 10.84 29.75 -13.72
C PRO A 301 11.01 29.33 -12.25
N LEU A 302 12.17 28.74 -11.97
CA LEU A 302 12.55 28.37 -10.61
C LEU A 302 13.22 29.56 -9.94
N ILE A 303 12.59 30.10 -8.90
CA ILE A 303 13.04 31.32 -8.24
C ILE A 303 13.43 30.96 -6.81
N GLY A 304 14.72 30.96 -6.52
CA GLY A 304 15.16 30.81 -5.15
C GLY A 304 15.55 29.41 -4.74
N GLU A 305 15.33 29.07 -3.46
CA GLU A 305 15.74 27.80 -2.90
C GLU A 305 14.84 27.45 -1.73
N ALA A 306 14.61 26.15 -1.54
CA ALA A 306 13.64 25.67 -0.56
C ALA A 306 13.97 24.26 -0.14
N ASP A 307 13.44 23.86 1.02
CA ASP A 307 13.67 22.53 1.58
C ASP A 307 12.88 21.46 0.85
N CYS A 308 11.63 21.73 0.52
CA CYS A 308 10.72 20.76 -0.06
C CYS A 308 10.05 21.38 -1.28
N LEU A 309 9.72 20.54 -2.27
CA LEU A 309 8.89 20.94 -3.39
C LEU A 309 7.59 20.15 -3.33
N HIS A 310 6.47 20.85 -3.41
CA HIS A 310 5.13 20.31 -3.25
C HIS A 310 4.29 20.65 -4.48
N GLU A 311 3.49 19.69 -4.94
CA GLU A 311 2.74 19.89 -6.18
C GLU A 311 1.61 20.90 -6.08
N LYS A 312 1.10 21.17 -4.88
CA LYS A 312 0.06 22.16 -4.72
C LYS A 312 0.55 23.47 -4.11
N TYR A 313 1.69 23.47 -3.42
CA TYR A 313 2.13 24.63 -2.66
C TYR A 313 3.46 25.21 -3.11
N GLY A 314 4.20 24.56 -4.01
CA GLY A 314 5.48 25.11 -4.42
C GLY A 314 6.62 24.80 -3.48
N GLY A 315 7.50 25.77 -3.24
CA GLY A 315 8.60 25.55 -2.33
C GLY A 315 8.20 25.78 -0.88
N LEU A 316 8.63 24.88 -0.01
CA LEU A 316 8.34 24.97 1.42
C LEU A 316 9.61 24.86 2.23
N ASN A 317 9.61 25.52 3.38
CA ASN A 317 10.63 25.36 4.41
C ASN A 317 9.99 24.70 5.62
N LYS A 318 10.64 23.70 6.17
CA LYS A 318 10.06 22.87 7.20
C LYS A 318 10.17 23.57 8.55
N SER A 319 9.03 23.86 9.17
CA SER A 319 8.99 24.44 10.51
C SER A 319 8.36 23.48 11.52
N LYS A 320 7.17 23.05 11.27
CA LYS A 320 6.38 22.08 12.02
C LYS A 320 6.51 20.70 11.40
N PRO A 321 6.40 19.64 12.20
CA PRO A 321 6.56 18.30 11.63
C PRO A 321 5.44 17.86 10.71
N TYR A 322 4.21 18.38 10.87
CA TYR A 322 3.06 17.94 10.10
C TYR A 322 2.42 19.12 9.37
N TYR A 323 1.43 18.81 8.53
CA TYR A 323 0.66 19.86 7.86
C TYR A 323 -0.74 19.34 7.56
N THR A 324 -1.69 20.28 7.45
CA THR A 324 -3.06 19.98 7.03
C THR A 324 -3.36 20.79 5.78
N GLY A 325 -4.07 20.18 4.83
CA GLY A 325 -4.42 20.85 3.60
C GLY A 325 -4.81 19.89 2.51
N GLU A 326 -4.31 20.10 1.30
CA GLU A 326 -4.48 19.14 0.21
C GLU A 326 -3.24 18.27 0.14
N HIS A 327 -3.44 16.96 0.20
CA HIS A 327 -2.33 16.02 0.05
C HIS A 327 -1.93 15.94 -1.41
N ALA A 328 -0.63 15.90 -1.67
CA ALA A 328 -0.11 15.77 -3.02
C ALA A 328 1.29 15.17 -2.95
N LYS A 329 1.88 14.95 -4.11
CA LYS A 329 3.25 14.47 -4.19
C LYS A 329 4.23 15.56 -3.81
N ALA A 330 5.37 15.15 -3.28
CA ALA A 330 6.37 16.10 -2.80
C ALA A 330 7.72 15.44 -2.79
N ILE A 331 8.77 16.25 -2.92
CA ILE A 331 10.15 15.76 -2.95
C ILE A 331 10.99 16.65 -2.04
N GLY A 332 11.78 16.01 -1.18
CA GLY A 332 12.75 16.72 -0.38
C GLY A 332 12.65 16.46 1.11
N ASN A 333 12.76 17.53 1.89
CA ASN A 333 12.64 17.51 3.35
C ASN A 333 11.27 18.10 3.68
N CYS A 334 10.27 17.24 3.83
CA CYS A 334 8.89 17.69 3.86
C CYS A 334 8.18 17.27 5.14
N PRO A 335 7.17 18.02 5.57
CA PRO A 335 6.31 17.57 6.66
C PRO A 335 5.38 16.46 6.21
N ILE A 336 4.68 15.87 7.19
CA ILE A 336 3.80 14.74 6.95
C ILE A 336 2.35 15.19 7.06
N TRP A 337 1.48 14.64 6.22
CA TRP A 337 0.09 15.04 6.15
C TRP A 337 -0.75 14.31 7.20
N VAL A 338 -1.67 15.06 7.84
CA VAL A 338 -2.61 14.53 8.82
C VAL A 338 -3.98 15.12 8.57
N LYS A 339 -5.02 14.42 9.03
CA LYS A 339 -6.39 14.83 8.72
C LYS A 339 -6.80 16.08 9.48
N THR A 340 -6.48 16.15 10.76
CA THR A 340 -6.93 17.21 11.65
C THR A 340 -5.74 17.96 12.21
N PRO A 341 -5.94 19.17 12.72
CA PRO A 341 -4.88 19.84 13.48
C PRO A 341 -4.63 19.14 14.81
N LEU A 342 -3.37 18.80 15.05
CA LEU A 342 -2.97 18.04 16.23
C LEU A 342 -2.25 18.96 17.21
N LYS A 343 -2.39 18.66 18.50
CA LYS A 343 -1.82 19.47 19.57
C LYS A 343 -1.21 18.56 20.62
N LEU A 344 -0.14 19.01 21.25
CA LEU A 344 0.47 18.29 22.35
C LEU A 344 0.29 19.12 23.62
N ALA A 345 -0.28 18.53 24.65
CA ALA A 345 -0.56 19.26 25.87
C ALA A 345 0.73 19.74 26.52
N ASN A 346 0.77 21.02 26.87
CA ASN A 346 1.87 21.65 27.61
C ASN A 346 1.31 22.46 28.76
N GLY A 347 0.44 21.83 29.52
CA GLY A 347 -0.14 22.46 30.68
C GLY A 347 -0.68 21.41 31.62
N THR A 348 -1.59 21.86 32.48
CA THR A 348 -2.29 20.97 33.41
C THR A 348 -3.78 21.04 33.17
N LYS A 349 -4.47 19.98 33.54
CA LYS A 349 -5.90 19.84 33.27
C LYS A 349 -6.67 20.96 33.96
N TYR A 350 -7.92 21.17 33.51
CA TYR A 350 -8.74 22.22 34.09
C TYR A 350 -9.04 21.92 35.55
N ARG A 351 -8.96 22.96 36.37
CA ARG A 351 -9.06 22.86 37.82
C ARG A 351 -9.98 23.99 38.28
N PRO A 352 -11.17 23.66 38.79
CA PRO A 352 -12.12 24.71 39.19
C PRO A 352 -11.53 25.64 40.23
N PRO A 353 -11.78 26.93 40.11
CA PRO A 353 -11.15 27.90 41.03
C PRO A 353 -11.67 27.77 42.44
N ALA A 354 -11.49 26.60 43.04
CA ALA A 354 -12.11 26.32 44.32
C ALA A 354 -11.20 26.71 45.47
N LYS A 355 -10.42 27.78 45.32
CA LYS A 355 -9.72 28.31 46.49
C LYS A 355 -10.80 28.70 47.47
N LEU A 356 -11.57 29.71 47.06
CA LEU A 356 -12.55 30.38 47.92
C LEU A 356 -13.61 29.43 48.44
N LEU A 357 -13.81 28.30 47.76
CA LEU A 357 -14.74 27.30 48.27
C LEU A 357 -14.21 26.65 49.54
N LYS A 358 -12.91 26.33 49.57
CA LYS A 358 -12.32 25.75 50.76
C LYS A 358 -11.90 26.83 51.75
N GLU A 359 -11.69 28.05 51.28
CA GLU A 359 -11.34 29.19 52.11
C GLU A 359 -12.55 29.64 52.92
N ARG A 360 -13.72 29.09 52.60
CA ARG A 360 -15.00 29.36 53.26
C ARG A 360 -15.12 30.76 53.85
N GLY B 1 -7.33 12.63 38.53
CA GLY B 1 -7.46 11.37 37.84
C GLY B 1 -8.27 10.37 38.64
N PHE B 2 -8.22 9.10 38.25
CA PHE B 2 -8.92 8.07 39.01
C PHE B 2 -8.26 7.82 40.36
N PHE B 3 -7.04 8.31 40.57
CA PHE B 3 -6.35 8.11 41.83
C PHE B 3 -6.81 9.11 42.89
N GLY B 4 -6.91 10.38 42.50
CA GLY B 4 -7.36 11.40 43.43
C GLY B 4 -8.84 11.37 43.71
N ALA B 5 -9.63 10.80 42.81
CA ALA B 5 -11.06 10.65 43.07
C ALA B 5 -11.32 9.74 44.27
N ILE B 6 -10.53 8.69 44.42
CA ILE B 6 -10.73 7.76 45.52
C ILE B 6 -9.87 8.12 46.73
N ALA B 7 -8.62 8.53 46.52
CA ALA B 7 -7.74 8.76 47.66
C ALA B 7 -8.19 9.93 48.52
N GLY B 8 -9.09 10.76 48.03
CA GLY B 8 -9.60 11.88 48.82
C GLY B 8 -8.94 13.21 48.55
N PHE B 9 -8.26 13.38 47.43
CA PHE B 9 -7.60 14.63 47.12
C PHE B 9 -8.61 15.76 46.92
N LEU B 10 -8.08 16.97 46.85
CA LEU B 10 -8.89 18.14 46.56
C LEU B 10 -9.18 18.23 45.07
N GLU B 11 -10.41 18.60 44.74
CA GLU B 11 -10.84 18.68 43.35
C GLU B 11 -10.56 20.03 42.72
N GLY B 12 -10.20 21.04 43.52
CA GLY B 12 -9.90 22.37 43.02
C GLY B 12 -8.45 22.73 43.24
N GLY B 13 -8.09 23.92 42.76
CA GLY B 13 -6.72 24.38 42.84
C GLY B 13 -6.66 25.85 43.20
N TRP B 14 -5.44 26.35 43.25
CA TRP B 14 -5.14 27.70 43.72
C TRP B 14 -4.61 28.55 42.57
N GLU B 15 -5.07 29.81 42.49
CA GLU B 15 -4.48 30.79 41.58
C GLU B 15 -3.39 31.65 42.20
N GLY B 16 -3.06 31.43 43.48
CA GLY B 16 -1.85 32.04 43.99
C GLY B 16 -0.57 31.47 43.41
N MET B 17 -0.66 30.32 42.74
CA MET B 17 0.49 29.72 42.05
C MET B 17 0.63 30.37 40.70
N ILE B 18 1.57 31.30 40.59
CA ILE B 18 1.86 31.95 39.33
C ILE B 18 3.19 31.48 38.74
N ALA B 19 4.14 31.05 39.58
CA ALA B 19 5.46 30.66 39.12
C ALA B 19 5.60 29.15 38.93
N GLY B 20 4.51 28.43 38.72
CA GLY B 20 4.62 27.00 38.49
C GLY B 20 3.25 26.37 38.35
N TRP B 21 3.28 25.09 37.98
CA TRP B 21 2.07 24.28 37.90
C TRP B 21 1.76 23.56 39.21
N PHE B 22 2.77 22.99 39.85
CA PHE B 22 2.61 22.24 41.09
C PHE B 22 3.23 23.02 42.23
N GLY B 23 2.64 22.94 43.41
CA GLY B 23 3.15 23.71 44.53
C GLY B 23 2.50 23.37 45.84
N TYR B 24 2.78 24.21 46.84
CA TYR B 24 2.32 24.02 48.21
C TYR B 24 1.37 25.13 48.64
N THR B 25 0.51 24.82 49.60
CA THR B 25 -0.35 25.80 50.22
C THR B 25 -0.55 25.42 51.68
N SER B 26 -0.46 26.43 52.56
CA SER B 26 -0.60 26.24 54.01
C SER B 26 -1.81 27.01 54.50
N HIS B 27 -2.67 26.32 55.23
CA HIS B 27 -3.91 26.89 55.75
C HIS B 27 -3.83 26.92 57.27
N GLY B 28 -4.03 28.10 57.85
CA GLY B 28 -3.95 28.25 59.28
C GLY B 28 -4.72 29.44 59.81
N ALA B 29 -4.39 29.86 61.03
CA ALA B 29 -5.12 30.96 61.65
C ALA B 29 -5.02 32.23 60.81
N HIS B 30 -3.83 32.52 60.28
CA HIS B 30 -3.66 33.72 59.46
C HIS B 30 -4.41 33.64 58.15
N GLY B 31 -4.92 32.48 57.76
CA GLY B 31 -5.65 32.35 56.53
C GLY B 31 -5.05 31.32 55.60
N VAL B 32 -4.68 31.72 54.39
CA VAL B 32 -4.05 30.83 53.43
C VAL B 32 -2.75 31.45 52.96
N ALA B 33 -1.82 30.59 52.56
CA ALA B 33 -0.56 31.01 51.95
C ALA B 33 -0.20 30.01 50.87
N VAL B 34 0.41 30.51 49.79
CA VAL B 34 0.63 29.72 48.58
C VAL B 34 2.06 29.92 48.10
N ALA B 35 2.70 28.85 47.64
CA ALA B 35 4.02 28.93 47.03
C ALA B 35 4.12 27.86 45.96
N ALA B 36 5.05 28.06 45.02
CA ALA B 36 5.18 27.18 43.86
C ALA B 36 6.52 26.46 43.87
N ASP B 37 6.51 25.22 43.39
CA ASP B 37 7.71 24.40 43.29
C ASP B 37 8.25 24.48 41.87
N LEU B 38 9.56 24.74 41.75
CA LEU B 38 10.15 25.01 40.45
C LEU B 38 10.75 23.76 39.80
N LYS B 39 11.31 22.84 40.60
CA LYS B 39 11.98 21.68 40.05
C LYS B 39 10.99 20.70 39.43
N ALA B 40 9.85 20.48 40.08
CA ALA B 40 8.84 19.58 39.53
C ALA B 40 8.31 20.12 38.22
N THR B 41 7.98 21.41 38.18
CA THR B 41 7.52 22.04 36.96
C THR B 41 8.57 21.90 35.86
N GLN B 42 9.84 22.13 36.21
CA GLN B 42 10.90 22.06 35.22
C GLN B 42 11.03 20.67 34.61
N GLU B 43 10.98 19.62 35.43
CA GLU B 43 11.16 18.31 34.82
C GLU B 43 9.92 17.83 34.09
N ALA B 44 8.72 18.27 34.50
CA ALA B 44 7.54 18.01 33.67
C ALA B 44 7.70 18.64 32.29
N ILE B 45 8.18 19.87 32.25
CA ILE B 45 8.41 20.55 30.97
C ILE B 45 9.46 19.80 30.16
N ASN B 46 10.52 19.34 30.82
CA ASN B 46 11.58 18.62 30.10
C ASN B 46 11.06 17.34 29.48
N LYS B 47 10.22 16.60 30.20
CA LYS B 47 9.69 15.36 29.64
C LYS B 47 8.77 15.63 28.47
N ILE B 48 7.96 16.68 28.54
CA ILE B 48 7.11 17.04 27.39
C ILE B 48 7.98 17.42 26.19
N THR B 49 9.12 18.08 26.43
CA THR B 49 10.03 18.45 25.34
C THR B 49 10.68 17.22 24.69
N LYS B 50 11.13 16.26 25.50
CA LYS B 50 11.67 15.03 24.93
C LYS B 50 10.61 14.27 24.14
N ASN B 51 9.37 14.26 24.62
CA ASN B 51 8.28 13.65 23.87
C ASN B 51 8.06 14.34 22.53
N LEU B 52 8.13 15.67 22.51
CA LEU B 52 8.01 16.39 21.25
C LEU B 52 9.14 16.03 20.29
N ASN B 53 10.36 15.90 20.80
CA ASN B 53 11.47 15.48 19.95
C ASN B 53 11.25 14.09 19.37
N SER B 54 10.72 13.17 20.18
CA SER B 54 10.42 11.83 19.68
C SER B 54 9.35 11.88 18.58
N LEU B 55 8.32 12.69 18.77
CA LEU B 55 7.27 12.79 17.75
C LEU B 55 7.80 13.42 16.46
N SER B 56 8.75 14.34 16.57
CA SER B 56 9.21 15.11 15.42
C SER B 56 10.30 14.43 14.61
N GLU B 57 10.78 13.26 15.01
CA GLU B 57 11.94 12.64 14.37
C GLU B 57 11.62 11.35 13.65
N LEU B 58 10.44 11.23 13.04
CA LEU B 58 10.13 10.03 12.28
C LEU B 58 9.98 10.40 10.81
N GLU B 59 10.47 9.51 9.94
CA GLU B 59 10.52 9.75 8.52
C GLU B 59 9.71 8.69 7.78
N VAL B 60 9.13 9.11 6.66
CA VAL B 60 8.48 8.22 5.71
C VAL B 60 9.04 8.55 4.33
N LYS B 61 8.82 7.65 3.38
CA LYS B 61 9.40 7.79 2.07
C LYS B 61 8.60 8.73 1.19
N ASN B 62 9.29 9.43 0.29
CA ASN B 62 8.64 10.36 -0.62
C ASN B 62 7.76 9.64 -1.62
N LEU B 63 6.71 10.31 -2.06
CA LEU B 63 5.85 9.85 -3.13
C LEU B 63 6.00 10.81 -4.30
N TYR B 64 6.41 10.28 -5.45
CA TYR B 64 6.57 11.08 -6.65
C TYR B 64 6.04 10.27 -7.82
N ARG B 65 6.24 10.77 -9.03
CA ARG B 65 5.67 10.15 -10.21
C ARG B 65 6.45 8.92 -10.62
N LEU B 66 5.75 7.98 -11.26
CA LEU B 66 6.40 6.87 -11.94
C LEU B 66 7.15 7.37 -13.16
N SER B 67 8.32 6.81 -13.41
CA SER B 67 9.19 7.32 -14.46
C SER B 67 8.76 6.93 -15.87
N TYR B 68 8.11 5.78 -16.02
CA TYR B 68 7.86 5.19 -17.33
C TYR B 68 6.44 5.37 -17.83
N ALA B 69 5.50 5.76 -16.98
CA ALA B 69 4.10 5.85 -17.35
C ALA B 69 3.77 7.24 -17.85
N MET B 70 3.16 7.32 -19.02
CA MET B 70 2.87 8.57 -19.72
C MET B 70 1.39 8.87 -19.70
N ASP B 71 1.04 10.14 -19.74
CA ASP B 71 -0.36 10.54 -19.69
C ASP B 71 -1.09 10.16 -20.97
N GLU B 72 -2.33 9.72 -20.81
CA GLU B 72 -3.29 9.36 -21.86
C GLU B 72 -2.92 8.10 -22.61
N LEU B 73 -1.76 7.49 -22.33
CA LEU B 73 -1.45 6.20 -22.88
C LEU B 73 -1.47 5.09 -21.83
N HIS B 74 -1.34 5.45 -20.56
CA HIS B 74 -1.29 4.51 -19.43
C HIS B 74 -2.24 4.97 -18.32
N ASN B 75 -3.50 5.25 -18.67
CA ASN B 75 -4.43 5.84 -17.71
C ASN B 75 -4.81 4.88 -16.59
N GLU B 76 -4.90 3.58 -16.88
CA GLU B 76 -5.25 2.62 -15.86
C GLU B 76 -4.18 2.50 -14.80
N ILE B 77 -2.91 2.45 -15.22
CA ILE B 77 -1.79 2.40 -14.29
C ILE B 77 -1.73 3.67 -13.45
N LEU B 78 -2.03 4.82 -14.07
CA LEU B 78 -1.96 6.07 -13.32
C LEU B 78 -3.09 6.20 -12.31
N GLU B 79 -4.27 5.67 -12.62
CA GLU B 79 -5.34 5.62 -11.63
C GLU B 79 -4.97 4.73 -10.45
N LEU B 80 -4.38 3.57 -10.71
CA LEU B 80 -3.95 2.72 -9.60
C LEU B 80 -2.85 3.39 -8.78
N ASP B 81 -1.96 4.13 -9.42
CA ASP B 81 -0.91 4.84 -8.71
C ASP B 81 -1.49 5.89 -7.77
N GLU B 82 -2.49 6.63 -8.24
CA GLU B 82 -3.17 7.60 -7.39
C GLU B 82 -3.86 6.93 -6.20
N LYS B 83 -4.48 5.78 -6.42
CA LYS B 83 -5.10 5.05 -5.32
C LYS B 83 -4.07 4.60 -4.28
N VAL B 84 -2.91 4.16 -4.74
CA VAL B 84 -1.84 3.76 -3.82
C VAL B 84 -1.43 4.93 -2.93
N ASP B 85 -1.29 6.11 -3.53
CA ASP B 85 -0.91 7.30 -2.74
C ASP B 85 -1.98 7.64 -1.70
N ASP B 86 -3.25 7.60 -2.10
CA ASP B 86 -4.34 7.85 -1.15
C ASP B 86 -4.28 6.90 0.03
N LEU B 87 -4.12 5.61 -0.24
CA LEU B 87 -4.14 4.63 0.84
C LEU B 87 -2.95 4.80 1.77
N ARG B 88 -1.78 5.10 1.24
CA ARG B 88 -0.61 5.26 2.09
C ARG B 88 -0.74 6.48 2.99
N ALA B 89 -1.26 7.59 2.45
CA ALA B 89 -1.49 8.76 3.28
C ALA B 89 -2.48 8.47 4.41
N ASP B 90 -3.55 7.74 4.10
CA ASP B 90 -4.54 7.38 5.11
C ASP B 90 -3.91 6.56 6.24
N THR B 91 -3.12 5.55 5.89
CA THR B 91 -2.52 4.69 6.91
C THR B 91 -1.56 5.44 7.82
N ILE B 92 -0.68 6.27 7.23
CA ILE B 92 0.29 6.97 8.06
C ILE B 92 -0.40 8.03 8.93
N SER B 93 -1.46 8.65 8.42
CA SER B 93 -2.20 9.60 9.25
C SER B 93 -2.82 8.91 10.46
N SER B 94 -3.40 7.73 10.26
CA SER B 94 -3.99 7.01 11.39
C SER B 94 -2.94 6.65 12.43
N GLN B 95 -1.76 6.23 11.99
CA GLN B 95 -0.70 5.91 12.93
C GLN B 95 -0.24 7.13 13.73
N ILE B 96 -0.12 8.28 13.08
CA ILE B 96 0.32 9.48 13.78
C ILE B 96 -0.73 9.91 14.80
N GLU B 97 -2.01 9.81 14.47
CA GLU B 97 -3.05 10.17 15.43
C GLU B 97 -3.02 9.24 16.64
N LEU B 98 -2.74 7.95 16.42
CA LEU B 98 -2.60 7.04 17.56
C LEU B 98 -1.45 7.44 18.46
N ALA B 99 -0.30 7.80 17.88
CA ALA B 99 0.85 8.19 18.70
C ALA B 99 0.59 9.45 19.50
N VAL B 100 -0.10 10.43 18.91
CA VAL B 100 -0.41 11.65 19.65
C VAL B 100 -1.43 11.37 20.76
N LEU B 101 -2.39 10.50 20.50
CA LEU B 101 -3.35 10.13 21.53
C LEU B 101 -2.66 9.49 22.72
N LEU B 102 -1.71 8.59 22.47
CA LEU B 102 -0.95 7.98 23.57
C LEU B 102 -0.13 9.01 24.33
N SER B 103 0.49 9.95 23.61
CA SER B 103 1.28 10.98 24.26
C SER B 103 0.43 11.83 25.19
N ASN B 104 -0.72 12.29 24.72
CA ASN B 104 -1.57 13.13 25.55
C ASN B 104 -2.14 12.34 26.73
N GLU B 105 -2.44 11.07 26.52
CA GLU B 105 -2.87 10.21 27.62
C GLU B 105 -1.83 10.18 28.72
N GLY B 106 -0.57 9.96 28.35
CA GLY B 106 0.48 9.90 29.36
C GLY B 106 0.70 11.24 30.06
N ILE B 107 0.66 12.33 29.31
CA ILE B 107 0.87 13.65 29.88
C ILE B 107 -0.22 13.98 30.89
N ILE B 108 -1.47 13.65 30.56
CA ILE B 108 -2.55 13.94 31.50
C ILE B 108 -2.52 12.99 32.70
N ASN B 109 -2.07 11.74 32.53
CA ASN B 109 -2.03 10.86 33.69
C ASN B 109 -0.92 11.21 34.68
N ARG B 110 0.22 11.75 34.23
CA ARG B 110 1.29 11.96 35.20
C ARG B 110 0.95 12.95 36.31
N GLU B 111 -0.21 13.58 36.29
CA GLU B 111 -0.48 14.67 37.22
C GLU B 111 -0.69 14.20 38.65
N ASP B 112 -0.91 12.91 38.88
CA ASP B 112 -1.06 12.39 40.24
C ASP B 112 0.23 11.78 40.78
N TRP B 113 1.08 11.25 39.92
CA TRP B 113 2.40 10.82 40.36
C TRP B 113 3.30 12.02 40.66
N PHE B 114 3.22 13.09 39.85
CA PHE B 114 3.90 14.32 40.24
C PHE B 114 3.43 14.85 41.57
N LEU B 115 2.25 14.46 42.03
CA LEU B 115 1.75 14.99 43.29
C LEU B 115 2.03 14.07 44.47
N LEU B 116 2.06 12.75 44.24
CA LEU B 116 2.57 11.83 45.27
C LEU B 116 4.04 12.10 45.56
N ALA B 117 4.84 12.37 44.53
CA ALA B 117 6.24 12.71 44.75
C ALA B 117 6.36 13.93 45.65
N LEU B 118 5.56 14.96 45.37
CA LEU B 118 5.58 16.17 46.18
C LEU B 118 5.14 15.87 47.61
N GLU B 119 4.11 15.04 47.77
CA GLU B 119 3.60 14.75 49.11
C GLU B 119 4.67 14.11 49.97
N ARG B 120 5.40 13.15 49.44
CA ARG B 120 6.35 12.51 50.34
C ARG B 120 7.68 13.25 50.42
N LYS B 121 8.04 14.08 49.44
CA LYS B 121 9.12 15.03 49.69
C LYS B 121 8.77 15.93 50.85
N LEU B 122 7.53 16.44 50.88
CA LEU B 122 7.10 17.29 51.99
C LEU B 122 7.15 16.53 53.31
N LYS B 123 6.72 15.27 53.30
CA LYS B 123 6.77 14.49 54.54
C LYS B 123 8.19 14.34 55.05
N LYS B 124 9.13 14.05 54.15
CA LYS B 124 10.52 13.92 54.58
C LYS B 124 11.05 15.23 55.16
N MET B 125 10.75 16.35 54.50
CA MET B 125 11.33 17.63 54.93
C MET B 125 10.56 18.27 56.08
N LEU B 126 9.37 17.80 56.41
CA LEU B 126 8.56 18.45 57.43
C LEU B 126 8.84 17.95 58.84
N GLY B 127 9.65 16.90 58.99
CA GLY B 127 10.07 16.46 60.31
C GLY B 127 9.29 15.28 60.84
N PRO B 128 9.91 14.51 61.74
CA PRO B 128 9.26 13.30 62.26
C PRO B 128 7.99 13.55 63.04
N SER B 129 7.79 14.75 63.57
CA SER B 129 6.66 15.01 64.45
C SER B 129 5.35 15.28 63.71
N ALA B 130 5.41 15.56 62.41
CA ALA B 130 4.18 15.81 61.66
C ALA B 130 3.41 14.51 61.49
N VAL B 131 2.11 14.66 61.21
CA VAL B 131 1.23 13.51 61.02
C VAL B 131 0.62 13.58 59.62
N GLU B 132 0.72 12.47 58.89
CA GLU B 132 0.08 12.35 57.59
C GLU B 132 -1.39 11.99 57.78
N ILE B 133 -2.26 12.68 57.04
CA ILE B 133 -3.69 12.39 57.11
C ILE B 133 -4.07 11.31 56.11
N GLY B 134 -3.62 11.44 54.86
CA GLY B 134 -3.93 10.45 53.84
C GLY B 134 -4.24 11.03 52.48
N ASN B 135 -4.58 12.31 52.42
CA ASN B 135 -4.94 12.97 51.16
C ASN B 135 -3.97 14.08 50.80
N GLY B 136 -2.71 13.95 51.20
CA GLY B 136 -1.68 14.90 50.85
C GLY B 136 -1.49 16.04 51.82
N CYS B 137 -2.34 16.17 52.82
CA CYS B 137 -2.25 17.26 53.79
C CYS B 137 -1.47 16.82 55.03
N PHE B 138 -0.90 17.78 55.73
CA PHE B 138 -0.10 17.52 56.91
C PHE B 138 -0.47 18.48 58.03
N GLU B 139 -0.39 17.99 59.27
CA GLU B 139 -0.69 18.80 60.45
C GLU B 139 0.60 19.04 61.23
N THR B 140 0.93 20.31 61.46
CA THR B 140 2.14 20.70 62.16
C THR B 140 1.79 21.34 63.50
N LYS B 141 2.80 21.50 64.33
CA LYS B 141 2.67 22.09 65.66
C LYS B 141 3.13 23.54 65.70
N HIS B 142 3.45 24.13 64.55
CA HIS B 142 4.06 25.45 64.49
C HIS B 142 3.39 26.29 63.41
N LYS B 143 3.50 27.61 63.58
CA LYS B 143 2.95 28.53 62.59
C LYS B 143 3.80 28.53 61.33
N CYS B 144 3.13 28.74 60.19
CA CYS B 144 3.81 28.74 58.89
C CYS B 144 3.18 29.83 58.04
N ASN B 145 3.82 30.99 57.98
CA ASN B 145 3.36 32.10 57.16
C ASN B 145 4.04 32.04 55.79
N GLN B 146 3.96 33.13 55.02
CA GLN B 146 4.43 33.12 53.65
C GLN B 146 5.93 32.84 53.55
N THR B 147 6.73 33.41 54.46
CA THR B 147 8.17 33.16 54.41
C THR B 147 8.50 31.72 54.80
N CYS B 148 7.72 31.15 55.72
CA CYS B 148 7.84 29.72 56.03
C CYS B 148 7.66 28.86 54.78
N LEU B 149 6.56 29.06 54.05
CA LEU B 149 6.35 28.28 52.84
C LEU B 149 7.39 28.62 51.78
N ASP B 150 7.89 29.85 51.78
CA ASP B 150 8.95 30.21 50.83
C ASP B 150 10.19 29.38 51.07
N LYS B 151 10.55 29.17 52.34
CA LYS B 151 11.69 28.33 52.65
C LYS B 151 11.39 26.85 52.44
N ILE B 152 10.13 26.44 52.63
CA ILE B 152 9.78 25.04 52.43
C ILE B 152 9.87 24.66 50.95
N ALA B 153 9.24 25.47 50.09
CA ALA B 153 9.22 25.16 48.66
C ALA B 153 10.60 25.29 48.03
N ALA B 154 11.50 26.03 48.64
CA ALA B 154 12.85 26.21 48.11
C ALA B 154 13.81 25.12 48.56
N GLY B 155 13.36 24.20 49.40
CA GLY B 155 14.22 23.12 49.86
C GLY B 155 15.26 23.52 50.87
N THR B 156 14.95 24.50 51.74
CA THR B 156 15.85 24.92 52.79
C THR B 156 15.21 24.87 54.17
N PHE B 157 14.03 24.26 54.31
CA PHE B 157 13.36 24.24 55.59
C PHE B 157 14.03 23.25 56.53
N ASP B 158 14.35 23.72 57.73
CA ASP B 158 14.94 22.89 58.78
C ASP B 158 14.14 23.08 60.06
N ALA B 159 13.55 22.00 60.56
CA ALA B 159 12.71 22.09 61.74
C ALA B 159 13.50 22.35 63.01
N GLY B 160 14.83 22.23 62.95
CA GLY B 160 15.64 22.48 64.13
C GLY B 160 15.47 23.89 64.66
N GLU B 161 15.36 24.88 63.77
CA GLU B 161 15.12 26.26 64.19
C GLU B 161 13.78 26.46 64.85
N PHE B 162 12.87 25.49 64.76
CA PHE B 162 11.54 25.58 65.33
C PHE B 162 11.43 24.87 66.67
N SER B 163 12.56 24.53 67.28
CA SER B 163 12.61 23.91 68.61
C SER B 163 11.80 22.63 68.65
N LEU B 164 11.92 21.82 67.60
CA LEU B 164 11.23 20.55 67.47
C LEU B 164 12.19 19.49 66.95
N PRO B 165 11.98 18.23 67.31
CA PRO B 165 12.89 17.18 66.86
C PRO B 165 12.87 17.01 65.35
N THR B 166 14.02 16.65 64.80
CA THR B 166 14.18 16.48 63.36
C THR B 166 14.62 15.07 63.01
N ASP C 16 20.86 2.14 63.42
CA ASP C 16 21.23 1.88 62.04
C ASP C 16 20.22 2.47 61.07
N ARG C 17 20.56 2.43 59.78
CA ARG C 17 19.68 2.89 58.72
C ARG C 17 19.65 1.82 57.63
N ILE C 18 18.47 1.27 57.37
CA ILE C 18 18.26 0.29 56.32
C ILE C 18 17.51 0.98 55.19
N CYS C 19 18.04 0.84 53.97
CA CYS C 19 17.47 1.50 52.82
C CYS C 19 17.31 0.50 51.68
N THR C 20 16.43 0.84 50.75
CA THR C 20 16.29 0.14 49.49
C THR C 20 17.15 0.81 48.45
N GLY C 21 17.64 0.02 47.49
CA GLY C 21 18.54 0.57 46.50
C GLY C 21 18.55 -0.26 45.24
N ILE C 22 19.43 0.13 44.34
CA ILE C 22 19.56 -0.49 43.02
C ILE C 22 21.04 -0.65 42.72
N THR C 23 21.40 -1.71 42.01
CA THR C 23 22.79 -2.02 41.80
C THR C 23 23.45 -0.98 40.91
N SER C 24 24.78 -1.04 40.85
CA SER C 24 25.57 -0.24 39.92
C SER C 24 26.57 -1.17 39.25
N SER C 25 26.62 -1.12 37.92
CA SER C 25 27.52 -1.97 37.17
C SER C 25 28.02 -1.20 35.95
N ASN C 26 28.83 -1.87 35.15
CA ASN C 26 29.19 -1.36 33.83
C ASN C 26 27.94 -1.29 32.96
N SER C 27 27.71 -0.16 32.32
CA SER C 27 26.53 0.07 31.51
C SER C 27 26.95 0.51 30.12
N PRO C 28 27.49 -0.40 29.31
CA PRO C 28 27.94 -0.02 27.97
C PRO C 28 26.89 -0.05 26.88
N HIS C 29 25.63 -0.38 27.16
CA HIS C 29 24.67 -0.46 26.07
C HIS C 29 23.78 0.78 26.07
N VAL C 30 23.24 1.11 24.90
CA VAL C 30 22.43 2.31 24.75
C VAL C 30 21.09 1.92 24.14
N VAL C 31 19.99 2.35 24.75
CA VAL C 31 18.66 2.17 24.17
C VAL C 31 17.95 3.50 24.11
N LYS C 32 16.85 3.50 23.35
CA LYS C 32 16.12 4.71 22.98
C LYS C 32 14.72 4.64 23.56
N THR C 33 14.36 5.64 24.36
CA THR C 33 13.07 5.75 25.00
C THR C 33 12.31 6.94 24.43
N ALA C 34 11.12 7.21 24.96
CA ALA C 34 10.24 8.22 24.41
C ALA C 34 10.12 9.49 25.23
N THR C 35 10.57 9.48 26.47
CA THR C 35 10.48 10.67 27.32
C THR C 35 11.80 11.01 28.00
N GLN C 36 12.83 10.18 27.86
CA GLN C 36 14.12 10.41 28.47
C GLN C 36 15.26 10.55 27.48
N GLY C 37 15.03 10.25 26.21
CA GLY C 37 16.11 10.32 25.25
C GLY C 37 16.81 8.98 25.15
N GLU C 38 18.13 8.98 24.97
CA GLU C 38 18.88 7.73 24.89
C GLU C 38 19.56 7.50 26.23
N VAL C 39 19.46 6.27 26.74
CA VAL C 39 19.97 5.95 28.06
C VAL C 39 20.96 4.80 27.96
N ASN C 40 21.83 4.72 28.96
CA ASN C 40 22.79 3.62 29.11
C ASN C 40 22.17 2.54 29.99
N VAL C 41 22.29 1.30 29.54
CA VAL C 41 21.73 0.14 30.22
C VAL C 41 22.80 -0.92 30.37
N THR C 42 22.62 -1.72 31.42
CA THR C 42 23.56 -2.78 31.80
C THR C 42 23.64 -3.87 30.74
N GLY C 43 22.51 -4.29 30.20
CA GLY C 43 22.49 -5.37 29.23
C GLY C 43 21.30 -5.24 28.32
N VAL C 44 21.36 -5.94 27.20
CA VAL C 44 20.32 -5.86 26.17
C VAL C 44 20.02 -7.25 25.65
N ILE C 45 18.99 -7.32 24.82
CA ILE C 45 18.61 -8.47 24.02
C ILE C 45 18.58 -7.98 22.57
N PRO C 46 19.47 -8.44 21.70
CA PRO C 46 19.37 -8.07 20.29
C PRO C 46 18.13 -8.67 19.65
N LEU C 47 17.61 -7.99 18.64
CA LEU C 47 16.44 -8.47 17.90
C LEU C 47 16.68 -8.60 16.41
N THR C 48 17.88 -8.30 15.92
CA THR C 48 18.15 -8.34 14.49
C THR C 48 19.45 -9.10 14.21
N THR C 49 19.61 -9.49 12.95
CA THR C 49 20.87 -9.98 12.39
C THR C 49 21.01 -9.43 10.98
N THR C 50 22.25 -9.45 10.48
CA THR C 50 22.49 -9.26 9.06
C THR C 50 22.89 -10.61 8.47
N PRO C 51 22.09 -11.20 7.60
CA PRO C 51 22.40 -12.54 7.11
C PRO C 51 23.51 -12.52 6.08
N THR C 52 23.92 -13.72 5.66
CA THR C 52 24.99 -13.89 4.68
C THR C 52 24.46 -14.64 3.47
N LYS C 53 24.96 -14.26 2.30
CA LYS C 53 24.55 -14.90 1.06
C LYS C 53 24.88 -16.38 1.05
N SER C 54 23.92 -17.19 0.61
CA SER C 54 24.05 -18.64 0.59
C SER C 54 23.43 -19.16 -0.69
N HIS C 55 23.37 -20.48 -0.83
CA HIS C 55 22.74 -21.06 -1.99
C HIS C 55 21.25 -21.26 -1.74
N PHE C 56 20.52 -21.60 -2.81
CA PHE C 56 19.09 -21.81 -2.72
C PHE C 56 18.79 -23.27 -2.39
N ALA C 57 17.67 -23.49 -1.72
CA ALA C 57 17.35 -24.78 -1.13
C ALA C 57 15.93 -25.16 -1.46
N ASN C 58 15.44 -26.22 -0.83
CA ASN C 58 14.06 -26.65 -0.93
C ASN C 58 13.29 -26.05 0.22
N LEU C 59 12.09 -25.53 -0.05
CA LEU C 59 11.30 -24.98 1.02
C LEU C 59 10.81 -26.09 1.95
N LYS C 60 10.88 -25.83 3.24
CA LYS C 60 10.63 -26.81 4.28
C LYS C 60 9.13 -26.92 4.49
N GLY C 61 8.53 -28.00 4.00
CA GLY C 61 7.10 -28.23 4.10
C GLY C 61 6.32 -28.12 2.80
N THR C 62 6.95 -27.71 1.71
CA THR C 62 6.27 -27.49 0.44
C THR C 62 7.12 -28.07 -0.69
N GLU C 63 6.45 -28.53 -1.74
CA GLU C 63 7.15 -29.00 -2.93
C GLU C 63 7.57 -27.80 -3.79
N THR C 64 8.83 -27.80 -4.21
CA THR C 64 9.45 -26.64 -4.84
C THR C 64 9.89 -27.00 -6.24
N ARG C 65 9.58 -26.13 -7.19
CA ARG C 65 9.82 -26.36 -8.60
C ARG C 65 11.09 -25.64 -9.02
N GLY C 66 11.98 -26.35 -9.69
CA GLY C 66 13.13 -25.80 -10.35
C GLY C 66 12.90 -25.79 -11.84
N LYS C 67 13.40 -26.81 -12.52
CA LYS C 67 13.05 -27.06 -13.92
C LYS C 67 11.61 -27.54 -14.04
N LEU C 68 11.02 -27.32 -15.22
CA LEU C 68 9.63 -27.71 -15.45
C LEU C 68 9.47 -29.23 -15.48
N CYS C 69 10.26 -29.91 -16.33
CA CYS C 69 10.31 -31.37 -16.38
C CYS C 69 11.73 -31.79 -16.01
N PRO C 70 11.98 -32.20 -14.76
CA PRO C 70 13.34 -32.60 -14.37
C PRO C 70 13.72 -34.01 -14.77
N LYS C 71 12.77 -34.84 -15.23
CA LYS C 71 13.09 -36.15 -15.78
C LYS C 71 13.33 -36.13 -17.28
N CYS C 72 13.12 -35.01 -17.93
CA CYS C 72 13.52 -34.84 -19.33
C CYS C 72 14.98 -34.41 -19.35
N LEU C 73 15.83 -35.21 -19.98
CA LEU C 73 17.26 -34.96 -19.98
C LEU C 73 17.69 -34.25 -21.25
N ASN C 74 18.65 -33.34 -21.11
CA ASN C 74 19.17 -32.52 -22.21
C ASN C 74 18.12 -31.59 -22.79
N CYS C 75 17.19 -31.14 -21.97
CA CYS C 75 16.15 -30.20 -22.39
C CYS C 75 16.25 -28.95 -21.55
N THR C 76 15.98 -27.80 -22.18
CA THR C 76 15.79 -26.55 -21.46
C THR C 76 14.29 -26.38 -21.18
N ASP C 77 13.92 -25.28 -20.52
CA ASP C 77 12.51 -25.06 -20.23
C ASP C 77 11.74 -24.63 -21.48
N LEU C 78 12.35 -23.84 -22.36
CA LEU C 78 11.70 -23.45 -23.60
C LEU C 78 11.55 -24.63 -24.55
N ASP C 79 12.47 -25.59 -24.48
CA ASP C 79 12.31 -26.83 -25.25
C ASP C 79 11.06 -27.58 -24.85
N VAL C 80 10.81 -27.69 -23.54
CA VAL C 80 9.64 -28.38 -23.04
C VAL C 80 8.37 -27.59 -23.33
N ALA C 81 8.43 -26.27 -23.17
CA ALA C 81 7.26 -25.43 -23.45
C ALA C 81 6.85 -25.47 -24.91
N LEU C 82 7.81 -25.59 -25.82
CA LEU C 82 7.49 -25.66 -27.24
C LEU C 82 7.17 -27.06 -27.73
N GLY C 83 7.39 -28.08 -26.91
CA GLY C 83 7.05 -29.44 -27.30
C GLY C 83 8.07 -30.15 -28.16
N ARG C 84 9.36 -29.91 -27.92
CA ARG C 84 10.40 -30.48 -28.78
C ARG C 84 10.41 -32.00 -28.65
N PRO C 85 10.64 -32.74 -29.73
CA PRO C 85 10.62 -34.20 -29.64
C PRO C 85 11.69 -34.71 -28.68
N LYS C 86 11.29 -35.71 -27.88
CA LYS C 86 12.05 -36.30 -26.78
C LYS C 86 12.16 -35.38 -25.56
N CYS C 87 11.45 -34.25 -25.56
CA CYS C 87 11.34 -33.38 -24.40
C CYS C 87 9.91 -33.33 -23.90
N THR C 88 9.15 -34.39 -24.14
CA THR C 88 7.77 -34.47 -23.67
C THR C 88 7.72 -35.37 -22.44
N GLY C 89 6.94 -34.96 -21.47
CA GLY C 89 6.90 -35.64 -20.19
C GLY C 89 5.84 -34.99 -19.33
N LYS C 90 5.70 -35.54 -18.14
CA LYS C 90 4.60 -35.12 -17.28
C LYS C 90 5.15 -33.99 -16.40
N ILE C 91 4.36 -32.95 -16.16
CA ILE C 91 4.87 -31.79 -15.44
C ILE C 91 4.33 -31.84 -14.01
N PRO C 92 5.16 -32.09 -13.01
CA PRO C 92 4.68 -32.19 -11.63
C PRO C 92 4.16 -30.86 -11.09
N SER C 93 3.15 -30.96 -10.23
CA SER C 93 2.55 -29.79 -9.61
C SER C 93 3.44 -29.25 -8.50
N ALA C 94 3.27 -27.97 -8.20
CA ALA C 94 4.07 -27.34 -7.17
C ALA C 94 3.43 -26.03 -6.79
N ARG C 95 3.58 -25.67 -5.53
CA ARG C 95 2.98 -24.46 -4.98
C ARG C 95 3.99 -23.32 -4.87
N VAL C 96 5.27 -23.60 -5.10
CA VAL C 96 6.35 -22.62 -5.10
C VAL C 96 7.24 -22.91 -6.29
N SER C 97 7.66 -21.86 -7.00
CA SER C 97 8.52 -21.99 -8.17
C SER C 97 9.71 -21.05 -8.06
N ILE C 98 10.80 -21.41 -8.72
CA ILE C 98 12.00 -20.58 -8.80
C ILE C 98 12.16 -20.11 -10.24
N LEU C 99 12.30 -18.81 -10.43
CA LEU C 99 12.59 -18.22 -11.75
C LEU C 99 14.10 -18.06 -11.85
N HIS C 100 14.74 -19.00 -12.52
CA HIS C 100 16.20 -19.07 -12.55
C HIS C 100 16.79 -18.58 -13.88
N GLU C 101 16.00 -17.99 -14.77
CA GLU C 101 16.48 -17.66 -16.10
C GLU C 101 15.63 -16.54 -16.67
N VAL C 102 16.18 -15.33 -16.75
CA VAL C 102 15.40 -14.17 -17.18
C VAL C 102 15.23 -14.07 -18.69
N ARG C 103 16.03 -14.78 -19.47
CA ARG C 103 15.86 -14.88 -20.93
C ARG C 103 16.14 -16.32 -21.34
N PRO C 104 15.12 -17.18 -21.32
CA PRO C 104 15.33 -18.60 -21.61
C PRO C 104 15.78 -18.86 -23.03
N VAL C 105 16.51 -19.96 -23.21
CA VAL C 105 17.10 -20.32 -24.49
C VAL C 105 16.60 -21.69 -24.93
N THR C 106 16.71 -21.95 -26.23
CA THR C 106 16.53 -23.29 -26.78
C THR C 106 17.89 -23.94 -26.99
N SER C 107 17.86 -25.24 -27.29
CA SER C 107 19.06 -25.94 -27.70
C SER C 107 18.76 -26.98 -28.77
N GLY C 108 17.64 -26.83 -29.48
CA GLY C 108 17.03 -27.94 -30.16
C GLY C 108 16.78 -27.88 -31.65
N CYS C 109 15.49 -27.77 -31.97
CA CYS C 109 14.83 -28.09 -33.24
C CYS C 109 15.15 -26.99 -34.26
N PHE C 110 14.31 -26.83 -35.27
CA PHE C 110 14.39 -25.75 -36.26
C PHE C 110 14.77 -24.40 -35.65
N PRO C 111 15.57 -23.58 -36.37
CA PRO C 111 15.98 -22.27 -35.84
C PRO C 111 14.87 -21.23 -35.84
N ILE C 112 14.85 -20.40 -34.79
CA ILE C 112 13.83 -19.40 -34.53
C ILE C 112 14.47 -18.03 -34.52
N MET C 113 13.72 -17.00 -34.94
CA MET C 113 14.09 -15.61 -34.68
C MET C 113 13.38 -15.17 -33.41
N HIS C 114 14.02 -15.44 -32.27
CA HIS C 114 13.38 -15.36 -30.97
C HIS C 114 12.94 -13.95 -30.60
N ASP C 115 13.55 -12.93 -31.19
CA ASP C 115 13.44 -11.58 -30.66
C ASP C 115 12.37 -10.75 -31.34
N ARG C 116 11.59 -11.31 -32.25
CA ARG C 116 10.56 -10.59 -32.96
C ARG C 116 9.17 -10.80 -32.38
N THR C 117 9.06 -11.54 -31.29
CA THR C 117 7.80 -11.80 -30.60
C THR C 117 8.10 -11.82 -29.12
N LYS C 118 7.17 -12.35 -28.33
CA LYS C 118 7.33 -12.47 -26.88
C LYS C 118 7.48 -13.91 -26.41
N ILE C 119 7.98 -14.81 -27.27
CA ILE C 119 7.89 -16.24 -26.99
C ILE C 119 8.88 -16.67 -25.91
N ARG C 120 9.98 -15.94 -25.74
CA ARG C 120 10.98 -16.33 -24.73
C ARG C 120 10.37 -16.40 -23.34
N GLN C 121 9.30 -15.66 -23.08
CA GLN C 121 8.69 -15.60 -21.77
C GLN C 121 7.60 -16.64 -21.57
N LEU C 122 7.36 -17.51 -22.54
CA LEU C 122 6.34 -18.54 -22.36
C LEU C 122 6.63 -19.53 -21.24
N PRO C 123 7.86 -20.06 -21.07
CA PRO C 123 8.10 -20.90 -19.89
C PRO C 123 7.81 -20.22 -18.56
N ASN C 124 8.24 -18.97 -18.39
CA ASN C 124 8.04 -18.27 -17.13
C ASN C 124 6.56 -18.07 -16.83
N LEU C 125 5.76 -17.74 -17.84
CA LEU C 125 4.32 -17.71 -17.67
C LEU C 125 3.80 -19.05 -17.17
N LEU C 126 4.23 -20.15 -17.82
CA LEU C 126 3.75 -21.46 -17.42
C LEU C 126 4.12 -21.80 -15.99
N ARG C 127 5.13 -21.14 -15.43
CA ARG C 127 5.54 -21.52 -14.08
C ARG C 127 4.80 -20.76 -13.01
N GLY C 128 3.84 -19.92 -13.38
CA GLY C 128 3.00 -19.28 -12.40
C GLY C 128 1.71 -19.99 -12.09
N TYR C 129 1.45 -21.11 -12.75
CA TYR C 129 0.28 -21.95 -12.53
C TYR C 129 0.70 -23.17 -11.73
N GLU C 130 -0.23 -23.70 -10.95
CA GLU C 130 0.08 -24.87 -10.15
C GLU C 130 -0.02 -26.15 -10.96
N HIS C 131 -1.10 -26.30 -11.71
CA HIS C 131 -1.31 -27.45 -12.60
C HIS C 131 -1.14 -27.00 -14.03
N VAL C 132 -0.28 -27.70 -14.78
CA VAL C 132 -0.02 -27.45 -16.19
C VAL C 132 0.00 -28.78 -16.91
N ARG C 133 -0.79 -28.92 -17.98
CA ARG C 133 -0.71 -30.14 -18.76
C ARG C 133 -0.93 -29.86 -20.24
N LEU C 134 -0.50 -30.80 -21.07
CA LEU C 134 -0.68 -30.74 -22.51
C LEU C 134 -1.88 -31.57 -22.90
N SER C 135 -2.76 -31.00 -23.72
CA SER C 135 -4.01 -31.67 -24.07
C SER C 135 -3.72 -33.02 -24.72
N THR C 136 -4.74 -33.88 -24.77
CA THR C 136 -4.56 -35.20 -25.34
C THR C 136 -5.04 -35.32 -26.78
N HIS C 137 -5.80 -34.36 -27.28
CA HIS C 137 -6.22 -34.33 -28.67
C HIS C 137 -5.82 -33.00 -29.30
N ASN C 138 -5.74 -32.99 -30.63
CA ASN C 138 -5.44 -31.76 -31.35
C ASN C 138 -6.64 -30.84 -31.37
N VAL C 139 -6.37 -29.53 -31.32
CA VAL C 139 -7.46 -28.57 -31.21
C VAL C 139 -8.14 -28.34 -32.56
N ILE C 140 -7.42 -28.44 -33.66
CA ILE C 140 -8.01 -28.41 -34.99
C ILE C 140 -7.39 -29.51 -35.82
N ASN C 141 -8.09 -29.91 -36.88
CA ASN C 141 -7.59 -30.88 -37.85
C ASN C 141 -6.85 -30.12 -38.95
N ALA C 142 -5.54 -30.35 -39.04
CA ALA C 142 -4.68 -29.48 -39.83
C ALA C 142 -4.86 -29.70 -41.33
N GLU C 143 -4.99 -30.96 -41.76
CA GLU C 143 -5.09 -31.24 -43.19
C GLU C 143 -6.35 -30.68 -43.84
N GLY C 144 -7.38 -30.40 -43.07
CA GLY C 144 -8.62 -29.94 -43.65
C GLY C 144 -8.95 -28.50 -43.35
N ALA C 145 -7.98 -27.74 -42.86
CA ALA C 145 -8.21 -26.34 -42.50
C ALA C 145 -8.41 -25.48 -43.74
N PRO C 146 -8.96 -24.27 -43.59
CA PRO C 146 -9.11 -23.37 -44.73
C PRO C 146 -7.76 -23.08 -45.38
N GLY C 147 -7.77 -22.94 -46.69
CA GLY C 147 -6.55 -22.71 -47.44
C GLY C 147 -6.11 -23.88 -48.28
N GLY C 148 -6.86 -24.96 -48.30
CA GLY C 148 -6.58 -26.07 -49.18
C GLY C 148 -6.23 -27.31 -48.39
N PRO C 149 -6.21 -28.45 -49.06
CA PRO C 149 -5.67 -29.65 -48.42
C PRO C 149 -4.18 -29.47 -48.16
N TYR C 150 -3.76 -29.88 -46.98
CA TYR C 150 -2.39 -29.64 -46.54
C TYR C 150 -1.67 -30.95 -46.33
N LYS C 151 -0.35 -30.90 -46.39
CA LYS C 151 0.47 -31.99 -45.91
C LYS C 151 1.42 -31.43 -44.86
N ILE C 152 1.77 -32.26 -43.89
CA ILE C 152 2.45 -31.83 -42.68
C ILE C 152 3.96 -32.05 -42.86
N GLY C 153 4.72 -30.97 -42.70
CA GLY C 153 6.13 -31.01 -42.96
C GLY C 153 6.96 -31.36 -41.73
N THR C 154 8.06 -32.06 -41.99
CA THR C 154 8.98 -32.49 -40.95
C THR C 154 10.38 -32.00 -41.32
N SER C 155 11.24 -31.93 -40.31
CA SER C 155 12.56 -31.34 -40.46
C SER C 155 13.65 -32.32 -40.04
N GLY C 156 14.78 -32.27 -40.74
CA GLY C 156 15.90 -33.14 -40.39
C GLY C 156 16.63 -32.73 -39.14
N SER C 157 16.51 -31.46 -38.76
CA SER C 157 17.07 -30.95 -37.51
C SER C 157 16.14 -31.17 -36.33
N CYS C 158 15.22 -32.13 -36.45
CA CYS C 158 14.25 -32.42 -35.40
C CYS C 158 13.97 -33.91 -35.39
N PRO C 159 14.93 -34.73 -34.97
CA PRO C 159 14.69 -36.18 -34.93
C PRO C 159 13.87 -36.61 -33.72
N ASN C 160 13.15 -37.72 -33.88
CA ASN C 160 12.30 -38.28 -32.84
C ASN C 160 12.91 -39.58 -32.31
N ILE C 161 12.14 -40.29 -31.48
CA ILE C 161 12.68 -41.36 -30.65
C ILE C 161 13.34 -42.45 -31.49
N THR C 162 12.70 -42.87 -32.57
CA THR C 162 13.38 -43.63 -33.62
C THR C 162 13.76 -42.61 -34.68
N ASN C 163 15.04 -42.27 -34.75
CA ASN C 163 15.49 -41.06 -35.42
C ASN C 163 14.94 -40.96 -36.83
N GLY C 164 14.93 -39.73 -37.34
CA GLY C 164 14.72 -39.54 -38.76
C GLY C 164 13.95 -38.34 -39.28
N ASN C 165 12.91 -37.85 -38.60
CA ASN C 165 12.31 -36.54 -38.88
C ASN C 165 11.17 -36.21 -37.91
N GLY C 166 11.08 -34.98 -37.47
CA GLY C 166 10.00 -34.59 -36.59
C GLY C 166 9.70 -33.12 -36.63
N PHE C 167 9.02 -32.64 -35.59
CA PHE C 167 8.68 -31.23 -35.43
C PHE C 167 8.17 -31.05 -34.01
N PHE C 168 7.93 -29.80 -33.64
CA PHE C 168 7.34 -29.49 -32.35
C PHE C 168 5.93 -30.08 -32.25
N ALA C 169 5.56 -30.53 -31.06
CA ALA C 169 4.26 -31.15 -30.86
C ALA C 169 3.13 -30.17 -30.67
N THR C 170 3.42 -28.88 -30.47
CA THR C 170 2.41 -27.85 -30.32
C THR C 170 1.98 -27.22 -31.62
N MET C 171 2.60 -27.55 -32.75
CA MET C 171 2.33 -26.90 -34.01
C MET C 171 2.37 -27.91 -35.14
N ALA C 172 1.76 -27.54 -36.27
CA ALA C 172 1.80 -28.32 -37.51
C ALA C 172 2.21 -27.42 -38.66
N TRP C 173 3.31 -27.75 -39.33
CA TRP C 173 3.79 -27.03 -40.49
C TRP C 173 2.98 -27.46 -41.70
N ALA C 174 2.09 -26.60 -42.17
CA ALA C 174 1.12 -26.94 -43.21
C ALA C 174 1.64 -26.42 -44.54
N VAL C 175 2.03 -27.34 -45.43
CA VAL C 175 2.46 -26.94 -46.76
C VAL C 175 1.41 -27.40 -47.77
N PRO C 176 1.09 -26.59 -48.78
CA PRO C 176 0.01 -26.94 -49.69
C PRO C 176 0.28 -28.25 -50.42
N ASP C 177 -0.77 -29.06 -50.57
CA ASP C 177 -0.60 -30.40 -51.10
C ASP C 177 -0.52 -30.40 -52.61
N LYS C 178 -1.51 -29.84 -53.29
CA LYS C 178 -1.61 -29.88 -54.74
C LYS C 178 -1.48 -28.53 -55.41
N ASN C 179 -2.24 -27.53 -54.95
CA ASN C 179 -2.29 -26.23 -55.60
C ASN C 179 -1.30 -25.29 -54.92
N LYS C 180 -0.26 -24.91 -55.64
CA LYS C 180 0.74 -23.96 -55.14
C LYS C 180 0.40 -22.59 -55.72
N THR C 181 -0.44 -21.84 -55.00
CA THR C 181 -0.91 -20.54 -55.45
C THR C 181 -0.94 -19.58 -54.27
N ALA C 182 -1.02 -18.29 -54.59
CA ALA C 182 -1.20 -17.26 -53.58
C ALA C 182 -2.62 -17.30 -53.04
N THR C 183 -2.85 -16.62 -51.92
CA THR C 183 -4.17 -16.64 -51.32
C THR C 183 -4.47 -15.30 -50.66
N ASN C 184 -5.75 -15.03 -50.45
CA ASN C 184 -6.20 -13.94 -49.60
C ASN C 184 -6.09 -14.38 -48.14
N PRO C 185 -6.27 -13.48 -47.19
CA PRO C 185 -6.27 -13.91 -45.79
C PRO C 185 -7.39 -14.89 -45.50
N LEU C 186 -7.08 -15.89 -44.66
CA LEU C 186 -8.03 -16.92 -44.24
C LEU C 186 -8.18 -16.82 -42.74
N THR C 187 -9.30 -17.31 -42.22
CA THR C 187 -9.64 -17.18 -40.80
C THR C 187 -9.98 -18.53 -40.21
N ILE C 188 -9.34 -18.86 -39.09
CA ILE C 188 -9.78 -19.99 -38.27
C ILE C 188 -10.19 -19.48 -36.90
N GLU C 189 -11.18 -20.15 -36.35
CA GLU C 189 -11.66 -19.94 -34.99
C GLU C 189 -11.11 -21.05 -34.12
N VAL C 190 -10.34 -20.70 -33.09
CA VAL C 190 -9.66 -21.67 -32.24
C VAL C 190 -10.55 -21.94 -31.03
N PRO C 191 -11.08 -23.15 -30.86
CA PRO C 191 -12.06 -23.40 -29.81
C PRO C 191 -11.42 -23.66 -28.45
N TYR C 192 -12.28 -23.76 -27.45
CA TYR C 192 -11.88 -23.98 -26.07
C TYR C 192 -12.07 -25.44 -25.72
N VAL C 193 -10.97 -26.14 -25.40
CA VAL C 193 -10.98 -27.58 -25.20
C VAL C 193 -10.58 -27.99 -23.79
N CYS C 194 -10.23 -27.05 -22.92
CA CYS C 194 -9.91 -27.41 -21.56
C CYS C 194 -11.18 -27.48 -20.73
N THR C 195 -11.06 -27.92 -19.47
CA THR C 195 -12.22 -27.98 -18.59
C THR C 195 -12.51 -26.57 -18.05
N GLU C 196 -13.44 -26.45 -17.12
CA GLU C 196 -14.10 -25.17 -16.91
C GLU C 196 -13.26 -24.15 -16.14
N GLY C 197 -12.48 -24.58 -15.16
CA GLY C 197 -11.71 -23.60 -14.44
C GLY C 197 -10.37 -23.22 -15.03
N GLU C 198 -10.04 -23.74 -16.21
CA GLU C 198 -8.67 -23.71 -16.72
C GLU C 198 -8.52 -22.64 -17.80
N ASP C 199 -7.30 -22.13 -17.93
CA ASP C 199 -6.89 -21.25 -19.00
C ASP C 199 -6.24 -22.05 -20.12
N GLN C 200 -6.38 -21.58 -21.35
CA GLN C 200 -5.84 -22.26 -22.51
C GLN C 200 -4.77 -21.39 -23.16
N ILE C 201 -3.57 -21.93 -23.34
CA ILE C 201 -2.51 -21.22 -24.02
C ILE C 201 -2.25 -21.91 -25.35
N THR C 202 -2.38 -21.15 -26.44
CA THR C 202 -2.29 -21.62 -27.81
C THR C 202 -1.00 -21.10 -28.41
N VAL C 203 -0.24 -21.98 -29.08
CA VAL C 203 1.04 -21.63 -29.69
C VAL C 203 0.91 -21.78 -31.20
N TRP C 204 1.26 -20.73 -31.94
CA TRP C 204 1.20 -20.73 -33.40
C TRP C 204 2.41 -19.98 -33.94
N GLY C 205 2.54 -19.88 -35.25
CA GLY C 205 3.64 -19.15 -35.82
C GLY C 205 3.64 -19.22 -37.34
N PHE C 206 4.78 -18.90 -37.94
CA PHE C 206 4.91 -19.00 -39.39
C PHE C 206 6.36 -19.18 -39.80
N HIS C 207 6.54 -19.71 -41.02
CA HIS C 207 7.84 -20.04 -41.61
C HIS C 207 8.10 -19.16 -42.83
N SER C 208 9.36 -18.76 -43.03
CA SER C 208 9.74 -18.00 -44.21
C SER C 208 11.14 -18.41 -44.66
N ASP C 209 11.45 -18.11 -45.91
CA ASP C 209 12.64 -18.62 -46.58
C ASP C 209 13.12 -17.57 -47.58
N ASN C 210 14.09 -17.93 -48.42
CA ASN C 210 14.53 -17.03 -49.48
C ASN C 210 13.59 -17.14 -50.68
N GLU C 211 13.80 -16.31 -51.70
CA GLU C 211 12.79 -16.15 -52.75
C GLU C 211 12.57 -17.43 -53.54
N THR C 212 13.66 -18.08 -53.95
CA THR C 212 13.53 -19.28 -54.77
C THR C 212 12.77 -20.37 -54.03
N GLN C 213 13.10 -20.57 -52.77
CA GLN C 213 12.46 -21.62 -52.00
C GLN C 213 11.03 -21.25 -51.63
N MET C 214 10.73 -19.97 -51.46
CA MET C 214 9.35 -19.56 -51.24
C MET C 214 8.49 -19.82 -52.46
N ALA C 215 9.00 -19.55 -53.66
CA ALA C 215 8.23 -19.86 -54.85
C ALA C 215 8.11 -21.36 -55.07
N LYS C 216 9.09 -22.13 -54.60
CA LYS C 216 9.01 -23.58 -54.73
C LYS C 216 8.07 -24.24 -53.74
N LEU C 217 7.97 -23.72 -52.51
CA LEU C 217 7.17 -24.39 -51.48
C LEU C 217 5.71 -23.96 -51.48
N TYR C 218 5.44 -22.67 -51.68
CA TYR C 218 4.11 -22.11 -51.48
C TYR C 218 3.49 -21.53 -52.74
N GLY C 219 4.29 -21.06 -53.69
CA GLY C 219 3.76 -20.47 -54.89
C GLY C 219 3.71 -18.96 -54.90
N ASP C 220 4.23 -18.29 -53.88
CA ASP C 220 4.29 -16.84 -53.84
C ASP C 220 5.56 -16.41 -53.14
N SER C 221 6.19 -15.33 -53.62
CA SER C 221 7.47 -14.84 -53.10
C SER C 221 7.39 -13.41 -52.60
N LYS C 222 6.30 -13.05 -51.92
CA LYS C 222 6.11 -11.74 -51.32
C LYS C 222 5.95 -11.89 -49.83
N PRO C 223 6.12 -10.81 -49.05
CA PRO C 223 5.82 -10.88 -47.62
C PRO C 223 4.36 -11.24 -47.39
N GLN C 224 4.12 -12.00 -46.32
CA GLN C 224 2.78 -12.43 -45.93
C GLN C 224 2.39 -11.80 -44.61
N THR C 225 1.09 -11.67 -44.37
CA THR C 225 0.56 -10.94 -43.23
C THR C 225 -0.24 -11.87 -42.35
N PHE C 226 -0.02 -11.79 -41.04
CA PHE C 226 -0.65 -12.67 -40.07
C PHE C 226 -1.23 -11.83 -38.95
N THR C 227 -2.37 -12.25 -38.42
CA THR C 227 -3.06 -11.52 -37.37
C THR C 227 -3.63 -12.50 -36.37
N SER C 228 -3.63 -12.14 -35.10
CA SER C 228 -4.30 -12.95 -34.09
C SER C 228 -5.12 -12.06 -33.17
N SER C 229 -6.16 -12.64 -32.59
CA SER C 229 -7.05 -11.91 -31.71
C SER C 229 -7.64 -12.83 -30.65
N ALA C 230 -7.50 -12.43 -29.39
CA ALA C 230 -8.13 -13.18 -28.31
C ALA C 230 -8.37 -12.26 -27.12
N ASN C 231 -9.59 -12.30 -26.59
CA ASN C 231 -9.97 -11.57 -25.38
C ASN C 231 -9.63 -10.08 -25.47
N GLY C 232 -9.90 -9.48 -26.62
CA GLY C 232 -9.66 -8.07 -26.83
C GLY C 232 -8.24 -7.69 -27.16
N VAL C 233 -7.32 -8.65 -27.26
CA VAL C 233 -5.92 -8.38 -27.55
C VAL C 233 -5.64 -8.82 -28.98
N THR C 234 -5.07 -7.91 -29.78
CA THR C 234 -4.89 -8.08 -31.21
C THR C 234 -3.41 -7.91 -31.57
N THR C 235 -2.93 -8.66 -32.56
CA THR C 235 -1.52 -8.60 -32.92
C THR C 235 -1.38 -8.81 -34.42
N HIS C 236 -0.40 -8.13 -35.03
CA HIS C 236 -0.21 -8.09 -36.48
C HIS C 236 1.26 -8.28 -36.84
N TYR C 237 1.55 -9.13 -37.83
CA TYR C 237 2.91 -9.44 -38.27
C TYR C 237 3.01 -9.46 -39.79
N VAL C 238 4.21 -9.18 -40.28
CA VAL C 238 4.58 -9.25 -41.69
C VAL C 238 5.89 -10.00 -41.81
N SER C 239 6.00 -10.91 -42.76
CA SER C 239 7.19 -11.77 -42.87
C SER C 239 8.27 -11.16 -43.76
N GLN C 240 9.46 -11.74 -43.69
CA GLN C 240 10.65 -11.26 -44.36
C GLN C 240 11.19 -12.32 -45.31
N ILE C 241 11.61 -11.90 -46.49
CA ILE C 241 12.05 -12.80 -47.55
C ILE C 241 13.56 -12.60 -47.74
N GLY C 242 14.35 -13.52 -47.23
CA GLY C 242 15.79 -13.50 -47.42
C GLY C 242 16.50 -12.61 -46.42
N GLY C 243 17.82 -12.69 -46.43
CA GLY C 243 18.64 -11.83 -45.61
C GLY C 243 18.43 -11.99 -44.12
N PHE C 244 18.40 -13.22 -43.64
CA PHE C 244 18.15 -13.50 -42.24
C PHE C 244 19.40 -13.36 -41.40
N PRO C 245 19.26 -13.13 -40.10
CA PRO C 245 20.43 -13.22 -39.21
C PRO C 245 20.94 -14.65 -39.08
N ASN C 246 21.98 -14.85 -38.27
CA ASN C 246 22.62 -16.15 -38.14
C ASN C 246 21.81 -17.08 -37.23
N GLN C 247 22.00 -18.38 -37.42
CA GLN C 247 21.33 -19.37 -36.60
C GLN C 247 21.97 -19.45 -35.23
N THR C 248 21.16 -19.41 -34.18
CA THR C 248 21.64 -19.61 -32.83
C THR C 248 20.67 -20.53 -32.10
N GLU C 249 21.22 -21.34 -31.20
CA GLU C 249 20.46 -22.19 -30.28
C GLU C 249 19.57 -23.19 -31.04
N ASP C 250 20.21 -24.02 -31.84
CA ASP C 250 19.47 -24.99 -32.64
C ASP C 250 20.30 -26.26 -32.80
N GLY C 251 19.83 -27.17 -33.64
CA GLY C 251 20.46 -28.47 -33.81
C GLY C 251 21.73 -28.47 -34.61
N GLY C 252 22.07 -27.37 -35.27
CA GLY C 252 23.35 -27.25 -35.95
C GLY C 252 23.35 -27.56 -37.42
N LEU C 253 22.23 -27.99 -37.99
CA LEU C 253 22.20 -28.21 -39.42
C LEU C 253 22.03 -26.88 -40.17
N PRO C 254 22.62 -26.75 -41.35
CA PRO C 254 22.39 -25.55 -42.14
C PRO C 254 20.99 -25.52 -42.73
N GLN C 255 20.36 -24.35 -42.67
CA GLN C 255 19.04 -24.11 -43.25
C GLN C 255 19.08 -22.81 -44.03
N SER C 256 17.99 -22.49 -44.72
CA SER C 256 17.89 -21.22 -45.39
C SER C 256 16.73 -20.36 -44.93
N GLY C 257 15.80 -20.89 -44.12
CA GLY C 257 14.66 -20.16 -43.64
C GLY C 257 14.58 -20.19 -42.12
N ARG C 258 13.64 -19.42 -41.59
CA ARG C 258 13.46 -19.28 -40.15
C ARG C 258 11.98 -19.27 -39.81
N ILE C 259 11.67 -19.50 -38.53
CA ILE C 259 10.30 -19.46 -38.03
C ILE C 259 10.16 -18.34 -37.00
N VAL C 260 8.94 -17.82 -36.90
CA VAL C 260 8.54 -16.84 -35.90
C VAL C 260 7.36 -17.43 -35.15
N VAL C 261 7.47 -17.51 -33.82
CA VAL C 261 6.53 -18.24 -32.97
C VAL C 261 5.92 -17.28 -31.96
N ASP C 262 4.63 -17.46 -31.66
CA ASP C 262 3.92 -16.66 -30.69
C ASP C 262 2.89 -17.52 -29.96
N TYR C 263 2.32 -16.95 -28.90
CA TYR C 263 1.27 -17.61 -28.12
C TYR C 263 0.16 -16.63 -27.79
N MET C 264 -1.05 -17.16 -27.60
CA MET C 264 -2.17 -16.35 -27.11
C MET C 264 -2.93 -17.09 -26.02
N VAL C 265 -3.45 -16.31 -25.08
CA VAL C 265 -4.15 -16.83 -23.90
C VAL C 265 -5.64 -16.68 -24.09
N GLN C 266 -6.38 -17.76 -23.82
CA GLN C 266 -7.84 -17.77 -23.84
C GLN C 266 -8.33 -18.06 -22.44
N LYS C 267 -8.97 -17.07 -21.82
CA LYS C 267 -9.59 -17.23 -20.53
C LYS C 267 -10.86 -18.07 -20.66
N SER C 268 -11.24 -18.72 -19.57
CA SER C 268 -12.16 -19.85 -19.65
C SER C 268 -13.46 -19.51 -20.38
N GLY C 269 -13.85 -20.39 -21.29
CA GLY C 269 -15.03 -20.24 -22.08
C GLY C 269 -14.82 -19.57 -23.41
N LYS C 270 -13.71 -18.86 -23.59
CA LYS C 270 -13.56 -17.95 -24.72
C LYS C 270 -12.89 -18.64 -25.90
N THR C 271 -13.18 -18.10 -27.08
CA THR C 271 -12.68 -18.60 -28.34
C THR C 271 -11.71 -17.58 -28.91
N GLY C 272 -10.76 -18.04 -29.75
CA GLY C 272 -9.76 -17.17 -30.32
C GLY C 272 -9.87 -17.16 -31.84
N THR C 273 -9.09 -16.29 -32.48
CA THR C 273 -9.13 -16.20 -33.94
C THR C 273 -7.74 -15.95 -34.49
N ILE C 274 -7.40 -16.64 -35.58
CA ILE C 274 -6.17 -16.40 -36.32
C ILE C 274 -6.52 -16.15 -37.78
N THR C 275 -5.91 -15.10 -38.37
CA THR C 275 -5.99 -14.80 -39.80
C THR C 275 -4.61 -14.97 -40.40
N TYR C 276 -4.52 -15.64 -41.54
CA TYR C 276 -3.23 -16.08 -42.03
C TYR C 276 -3.18 -16.15 -43.54
N GLN C 277 -1.97 -16.37 -44.04
CA GLN C 277 -1.65 -16.57 -45.45
C GLN C 277 -0.60 -17.69 -45.52
N ARG C 278 0.13 -17.79 -46.63
CA ARG C 278 1.03 -18.92 -46.87
C ARG C 278 2.17 -18.98 -45.87
N GLY C 279 2.33 -20.13 -45.21
CA GLY C 279 3.42 -20.37 -44.29
C GLY C 279 3.01 -20.64 -42.86
N ILE C 280 1.72 -20.92 -42.62
CA ILE C 280 1.19 -20.99 -41.27
C ILE C 280 1.64 -22.26 -40.57
N LEU C 281 1.97 -22.16 -39.29
CA LEU C 281 2.16 -23.30 -38.41
C LEU C 281 0.95 -23.34 -37.48
N LEU C 282 0.01 -24.22 -37.79
CA LEU C 282 -1.28 -24.24 -37.11
C LEU C 282 -1.18 -24.91 -35.74
N PRO C 283 -1.97 -24.48 -34.77
CA PRO C 283 -1.86 -25.07 -33.42
C PRO C 283 -2.44 -26.47 -33.32
N GLN C 284 -1.71 -27.36 -32.65
CA GLN C 284 -2.17 -28.73 -32.46
C GLN C 284 -2.45 -29.06 -30.99
N LYS C 285 -1.46 -28.98 -30.12
CA LYS C 285 -1.63 -29.24 -28.69
C LYS C 285 -1.57 -27.92 -27.94
N VAL C 286 -2.47 -27.74 -27.00
CA VAL C 286 -2.56 -26.50 -26.25
C VAL C 286 -2.24 -26.82 -24.80
N TRP C 287 -1.84 -25.80 -24.06
CA TRP C 287 -1.53 -25.97 -22.65
C TRP C 287 -2.77 -25.63 -21.83
N CYS C 288 -3.22 -26.56 -21.01
CA CYS C 288 -4.35 -26.36 -20.10
C CYS C 288 -3.81 -26.15 -18.69
N ALA C 289 -4.11 -25.01 -18.09
CA ALA C 289 -3.41 -24.59 -16.90
C ALA C 289 -4.36 -23.99 -15.89
N SER C 290 -4.22 -24.38 -14.62
CA SER C 290 -5.12 -23.90 -13.58
C SER C 290 -4.38 -23.85 -12.26
N GLY C 291 -4.88 -23.01 -11.36
CA GLY C 291 -4.28 -22.84 -10.05
C GLY C 291 -3.37 -21.63 -10.02
N ARG C 292 -2.62 -21.54 -8.93
CA ARG C 292 -1.65 -20.46 -8.80
C ARG C 292 -0.46 -20.92 -7.96
N SER C 293 0.72 -20.40 -8.30
CA SER C 293 1.98 -20.75 -7.68
C SER C 293 2.70 -19.46 -7.27
N LYS C 294 3.61 -19.56 -6.31
CA LYS C 294 4.36 -18.42 -5.82
C LYS C 294 5.79 -18.45 -6.36
N VAL C 295 6.22 -17.35 -6.96
CA VAL C 295 7.46 -17.28 -7.72
C VAL C 295 8.36 -16.20 -7.12
N ILE C 296 9.65 -16.52 -6.98
CA ILE C 296 10.71 -15.53 -6.79
C ILE C 296 11.90 -15.93 -7.65
N LYS C 297 12.82 -15.00 -7.85
CA LYS C 297 14.04 -15.24 -8.61
C LYS C 297 15.10 -15.94 -7.76
N GLY C 298 15.77 -16.91 -8.35
CA GLY C 298 16.79 -17.66 -7.65
C GLY C 298 17.80 -18.24 -8.59
N SER C 299 18.45 -19.32 -8.16
CA SER C 299 19.40 -20.03 -9.00
C SER C 299 19.40 -21.50 -8.63
N LEU C 300 19.94 -22.31 -9.53
CA LEU C 300 19.96 -23.76 -9.43
C LEU C 300 21.39 -24.25 -9.34
N PRO C 301 21.62 -25.45 -8.76
CA PRO C 301 20.68 -26.39 -8.17
C PRO C 301 20.20 -26.04 -6.75
N LEU C 302 19.11 -26.67 -6.34
CA LEU C 302 18.58 -26.55 -4.99
C LEU C 302 19.27 -27.56 -4.09
N ILE C 303 20.03 -27.07 -3.12
CA ILE C 303 20.85 -27.91 -2.25
C ILE C 303 20.34 -27.77 -0.83
N GLY C 304 19.68 -28.82 -0.32
CA GLY C 304 19.30 -28.84 1.07
C GLY C 304 17.89 -28.40 1.38
N GLU C 305 17.69 -27.79 2.55
CA GLU C 305 16.37 -27.41 3.02
C GLU C 305 16.50 -26.24 3.97
N ALA C 306 15.47 -25.38 3.97
CA ALA C 306 15.53 -24.12 4.71
C ALA C 306 14.13 -23.64 5.02
N ASP C 307 14.03 -22.76 6.02
CA ASP C 307 12.75 -22.20 6.45
C ASP C 307 12.22 -21.16 5.48
N CYS C 308 13.09 -20.29 4.98
CA CYS C 308 12.70 -19.16 4.14
C CYS C 308 13.59 -19.14 2.91
N LEU C 309 13.04 -18.65 1.79
CA LEU C 309 13.82 -18.38 0.59
C LEU C 309 13.78 -16.88 0.34
N HIS C 310 14.96 -16.28 0.16
CA HIS C 310 15.13 -14.84 0.02
C HIS C 310 15.88 -14.54 -1.27
N GLU C 311 15.45 -13.47 -1.97
CA GLU C 311 16.00 -13.19 -3.29
C GLU C 311 17.44 -12.71 -3.26
N LYS C 312 17.91 -12.15 -2.15
CA LYS C 312 19.29 -11.71 -2.05
C LYS C 312 20.18 -12.64 -1.22
N TYR C 313 19.59 -13.46 -0.35
CA TYR C 313 20.36 -14.25 0.60
C TYR C 313 20.22 -15.75 0.45
N GLY C 314 19.30 -16.25 -0.38
CA GLY C 314 19.15 -17.68 -0.51
C GLY C 314 18.30 -18.32 0.57
N GLY C 315 18.70 -19.48 1.07
CA GLY C 315 17.95 -20.13 2.12
C GLY C 315 18.33 -19.61 3.50
N LEU C 316 17.32 -19.37 4.32
CA LEU C 316 17.52 -18.87 5.68
C LEU C 316 16.77 -19.74 6.67
N ASN C 317 17.33 -19.82 7.87
CA ASN C 317 16.67 -20.40 9.04
C ASN C 317 16.40 -19.29 10.04
N LYS C 318 15.18 -19.26 10.57
CA LYS C 318 14.74 -18.14 11.39
C LYS C 318 15.27 -18.30 12.81
N SER C 319 16.08 -17.34 13.26
CA SER C 319 16.57 -17.32 14.63
C SER C 319 16.04 -16.12 15.39
N LYS C 320 16.25 -14.94 14.90
CA LYS C 320 15.80 -13.65 15.39
C LYS C 320 14.54 -13.22 14.64
N PRO C 321 13.67 -12.46 15.29
CA PRO C 321 12.43 -12.05 14.61
C PRO C 321 12.64 -11.07 13.46
N TYR C 322 13.68 -10.25 13.47
CA TYR C 322 13.88 -9.21 12.47
C TYR C 322 15.24 -9.38 11.79
N TYR C 323 15.47 -8.57 10.76
CA TYR C 323 16.78 -8.54 10.10
C TYR C 323 17.03 -7.16 9.51
N THR C 324 18.30 -6.84 9.35
CA THR C 324 18.74 -5.62 8.67
C THR C 324 19.62 -5.99 7.49
N GLY C 325 19.45 -5.28 6.38
CA GLY C 325 20.22 -5.57 5.19
C GLY C 325 19.61 -4.99 3.94
N GLU C 326 19.56 -5.77 2.87
CA GLU C 326 18.84 -5.38 1.66
C GLU C 326 17.47 -6.03 1.70
N HIS C 327 16.42 -5.23 1.58
CA HIS C 327 15.07 -5.74 1.50
C HIS C 327 14.82 -6.34 0.13
N ALA C 328 14.13 -7.48 0.10
CA ALA C 328 13.80 -8.14 -1.15
C ALA C 328 12.58 -9.02 -0.92
N LYS C 329 12.11 -9.65 -1.98
CA LYS C 329 11.02 -10.60 -1.88
C LYS C 329 11.47 -11.89 -1.22
N ALA C 330 10.54 -12.56 -0.56
CA ALA C 330 10.87 -13.76 0.19
C ALA C 330 9.61 -14.60 0.35
N ILE C 331 9.80 -15.90 0.49
CA ILE C 331 8.70 -16.86 0.64
C ILE C 331 9.03 -17.81 1.78
N GLY C 332 8.08 -18.00 2.68
CA GLY C 332 8.20 -19.01 3.71
C GLY C 332 7.99 -18.50 5.12
N ASN C 333 8.85 -18.94 6.03
CA ASN C 333 8.87 -18.53 7.43
C ASN C 333 10.06 -17.59 7.59
N CYS C 334 9.80 -16.29 7.47
CA CYS C 334 10.88 -15.33 7.32
C CYS C 334 10.84 -14.27 8.41
N PRO C 335 12.00 -13.68 8.74
CA PRO C 335 12.01 -12.51 9.61
C PRO C 335 11.51 -11.27 8.89
N ILE C 336 11.33 -10.18 9.66
CA ILE C 336 10.79 -8.93 9.15
C ILE C 336 11.91 -7.90 9.06
N TRP C 337 11.87 -7.06 8.02
CA TRP C 337 12.91 -6.08 7.77
C TRP C 337 12.67 -4.80 8.58
N VAL C 338 13.77 -4.26 9.13
CA VAL C 338 13.75 -3.00 9.88
C VAL C 338 14.96 -2.16 9.46
N LYS C 339 14.85 -0.84 9.66
CA LYS C 339 15.90 0.06 9.17
C LYS C 339 17.18 -0.05 10.00
N THR C 340 17.05 -0.09 11.31
CA THR C 340 18.18 -0.03 12.22
C THR C 340 18.23 -1.30 13.06
N PRO C 341 19.37 -1.60 13.67
CA PRO C 341 19.41 -2.67 14.67
C PRO C 341 18.65 -2.29 15.92
N LEU C 342 17.74 -3.14 16.33
CA LEU C 342 16.87 -2.88 17.47
C LEU C 342 17.28 -3.73 18.66
N LYS C 343 17.07 -3.21 19.86
CA LYS C 343 17.47 -3.86 21.10
C LYS C 343 16.37 -3.72 22.13
N LEU C 344 16.22 -4.73 22.97
CA LEU C 344 15.27 -4.68 24.07
C LEU C 344 16.05 -4.68 25.38
N ALA C 345 15.80 -3.68 26.22
CA ALA C 345 16.56 -3.55 27.46
C ALA C 345 16.32 -4.76 28.36
N ASN C 346 17.41 -5.33 28.86
CA ASN C 346 17.40 -6.43 29.84
C ASN C 346 18.35 -6.11 30.96
N GLY C 347 18.23 -4.91 31.50
CA GLY C 347 19.03 -4.48 32.61
C GLY C 347 18.39 -3.31 33.31
N THR C 348 19.21 -2.58 34.05
CA THR C 348 18.77 -1.38 34.74
C THR C 348 19.58 -0.19 34.26
N LYS C 349 18.99 1.00 34.38
CA LYS C 349 19.58 2.21 33.87
C LYS C 349 20.93 2.48 34.54
N TYR C 350 21.74 3.34 33.91
CA TYR C 350 23.05 3.67 34.46
C TYR C 350 22.91 4.36 35.81
N ARG C 351 23.77 3.95 36.74
CA ARG C 351 23.70 4.37 38.14
C ARG C 351 25.11 4.72 38.56
N PRO C 352 25.42 5.99 38.82
CA PRO C 352 26.80 6.37 39.18
C PRO C 352 27.29 5.63 40.40
N PRO C 353 28.55 5.19 40.39
CA PRO C 353 29.05 4.38 41.51
C PRO C 353 29.17 5.17 42.79
N ALA C 354 28.06 5.71 43.27
CA ALA C 354 28.10 6.64 44.39
C ALA C 354 27.98 5.91 45.71
N LYS C 355 28.52 4.68 45.82
CA LYS C 355 28.60 4.08 47.14
C LYS C 355 29.46 5.01 47.97
N LEU C 356 30.73 5.09 47.55
CA LEU C 356 31.77 5.77 48.30
C LEU C 356 31.48 7.25 48.52
N LEU C 357 30.60 7.83 47.70
CA LEU C 357 30.19 9.21 47.92
C LEU C 357 29.34 9.33 49.18
N LYS C 358 28.42 8.38 49.39
CA LYS C 358 27.59 8.39 50.59
C LYS C 358 28.31 7.72 51.75
N GLU C 359 29.28 6.86 51.46
CA GLU C 359 30.08 6.18 52.47
C GLU C 359 31.06 7.16 53.11
N ARG C 360 31.16 8.35 52.54
CA ARG C 360 32.02 9.45 53.00
C ARG C 360 33.29 8.99 53.72
N GLY D 1 13.95 7.99 37.94
CA GLY D 1 12.92 8.58 37.10
C GLY D 1 12.44 9.90 37.63
N PHE D 2 11.32 10.40 37.11
CA PHE D 2 10.76 11.63 37.62
C PHE D 2 10.22 11.48 39.02
N PHE D 3 10.02 10.25 39.49
CA PHE D 3 9.47 10.01 40.82
C PHE D 3 10.55 10.13 41.89
N GLY D 4 11.72 9.53 41.64
CA GLY D 4 12.81 9.60 42.60
C GLY D 4 13.51 10.94 42.62
N ALA D 5 13.43 11.71 41.53
CA ALA D 5 14.01 13.04 41.53
C ALA D 5 13.32 13.94 42.55
N ILE D 6 12.00 13.81 42.72
CA ILE D 6 11.28 14.65 43.65
C ILE D 6 11.15 14.00 45.02
N ALA D 7 10.89 12.70 45.07
CA ALA D 7 10.63 12.07 46.36
C ALA D 7 11.85 12.06 47.26
N GLY D 8 13.04 12.32 46.73
CA GLY D 8 14.24 12.38 47.54
C GLY D 8 15.08 11.12 47.54
N PHE D 9 14.90 10.23 46.58
CA PHE D 9 15.67 9.00 46.53
C PHE D 9 17.15 9.27 46.30
N LEU D 10 17.94 8.22 46.46
CA LEU D 10 19.37 8.28 46.18
C LEU D 10 19.60 8.20 44.67
N GLU D 11 20.55 9.00 44.19
CA GLU D 11 20.86 9.04 42.77
C GLU D 11 21.91 8.02 42.35
N GLY D 12 22.59 7.38 43.31
CA GLY D 12 23.60 6.39 43.02
C GLY D 12 23.20 5.02 43.53
N GLY D 13 24.05 4.05 43.25
CA GLY D 13 23.77 2.68 43.62
C GLY D 13 25.01 1.98 44.15
N TRP D 14 24.84 0.71 44.47
CA TRP D 14 25.85 -0.10 45.13
C TRP D 14 26.35 -1.20 44.19
N GLU D 15 27.67 -1.43 44.18
CA GLU D 15 28.23 -2.58 43.50
C GLU D 15 28.44 -3.79 44.40
N GLY D 16 28.06 -3.72 45.68
CA GLY D 16 27.98 -4.94 46.45
C GLY D 16 26.86 -5.87 46.03
N MET D 17 25.91 -5.38 45.23
CA MET D 17 24.83 -6.20 44.68
C MET D 17 25.36 -6.92 43.45
N ILE D 18 25.71 -8.19 43.61
CA ILE D 18 26.14 -9.01 42.50
C ILE D 18 25.08 -10.04 42.10
N ALA D 19 24.23 -10.46 43.03
CA ALA D 19 23.24 -11.49 42.76
C ALA D 19 21.86 -10.92 42.42
N GLY D 20 21.78 -9.69 41.95
CA GLY D 20 20.49 -9.13 41.57
C GLY D 20 20.62 -7.69 41.13
N TRP D 21 19.51 -7.17 40.63
CA TRP D 21 19.41 -5.77 40.25
C TRP D 21 18.91 -4.89 41.40
N PHE D 22 17.90 -5.34 42.13
CA PHE D 22 17.32 -4.59 43.23
C PHE D 22 17.67 -5.27 44.54
N GLY D 23 17.87 -4.48 45.59
CA GLY D 23 18.27 -5.08 46.86
C GLY D 23 18.27 -4.08 47.99
N TYR D 24 18.85 -4.51 49.12
CA TYR D 24 18.88 -3.76 50.36
C TYR D 24 20.31 -3.40 50.74
N THR D 25 20.44 -2.32 51.51
CA THR D 25 21.72 -1.94 52.09
C THR D 25 21.47 -1.29 53.44
N SER D 26 22.28 -1.67 54.42
CA SER D 26 22.15 -1.16 55.80
C SER D 26 23.42 -0.40 56.16
N HIS D 27 23.24 0.82 56.66
CA HIS D 27 24.33 1.70 57.02
C HIS D 27 24.30 1.94 58.52
N GLY D 28 25.41 1.64 59.19
CA GLY D 28 25.47 1.79 60.63
C GLY D 28 26.88 1.99 61.16
N ALA D 29 27.06 1.75 62.45
CA ALA D 29 28.37 1.96 63.07
C ALA D 29 29.43 1.10 62.40
N HIS D 30 29.11 -0.17 62.12
CA HIS D 30 30.07 -1.06 61.48
C HIS D 30 30.40 -0.65 60.06
N GLY D 31 29.65 0.27 59.47
CA GLY D 31 29.93 0.70 58.12
C GLY D 31 28.74 0.50 57.19
N VAL D 32 28.93 -0.26 56.12
CA VAL D 32 27.87 -0.56 55.18
C VAL D 32 27.76 -2.07 55.01
N ALA D 33 26.56 -2.52 54.68
CA ALA D 33 26.32 -3.91 54.34
C ALA D 33 25.29 -3.97 53.23
N VAL D 34 25.43 -4.94 52.33
CA VAL D 34 24.65 -5.00 51.10
C VAL D 34 24.13 -6.42 50.89
N ALA D 35 22.89 -6.53 50.43
CA ALA D 35 22.31 -7.82 50.06
C ALA D 35 21.36 -7.60 48.90
N ALA D 36 21.08 -8.68 48.16
CA ALA D 36 20.28 -8.59 46.95
C ALA D 36 18.99 -9.39 47.10
N ASP D 37 17.92 -8.88 46.48
CA ASP D 37 16.62 -9.53 46.49
C ASP D 37 16.44 -10.33 45.20
N LEU D 38 16.02 -11.58 45.34
CA LEU D 38 15.98 -12.48 44.19
C LEU D 38 14.62 -12.52 43.52
N LYS D 39 13.54 -12.40 44.29
CA LYS D 39 12.19 -12.52 43.72
C LYS D 39 11.84 -11.33 42.84
N ALA D 40 12.20 -10.12 43.26
CA ALA D 40 11.94 -8.94 42.44
C ALA D 40 12.69 -9.00 41.13
N THR D 41 13.98 -9.36 41.20
CA THR D 41 14.77 -9.53 40.00
C THR D 41 14.16 -10.57 39.07
N GLN D 42 13.71 -11.69 39.66
CA GLN D 42 13.14 -12.76 38.86
C GLN D 42 11.88 -12.32 38.13
N GLU D 43 10.98 -11.61 38.80
CA GLU D 43 9.77 -11.25 38.08
C GLU D 43 9.98 -10.11 37.10
N ALA D 44 10.94 -9.22 37.35
CA ALA D 44 11.32 -8.26 36.31
C ALA D 44 11.81 -8.98 35.06
N ILE D 45 12.65 -10.00 35.24
CA ILE D 45 13.14 -10.78 34.11
C ILE D 45 11.98 -11.48 33.40
N ASN D 46 11.04 -12.03 34.17
CA ASN D 46 9.90 -12.73 33.57
C ASN D 46 9.05 -11.79 32.73
N LYS D 47 8.83 -10.56 33.20
CA LYS D 47 8.02 -9.64 32.42
C LYS D 47 8.73 -9.21 31.15
N ILE D 48 10.05 -9.02 31.21
CA ILE D 48 10.79 -8.72 29.98
C ILE D 48 10.72 -9.87 28.99
N THR D 49 10.72 -11.12 29.50
CA THR D 49 10.60 -12.29 28.62
C THR D 49 9.24 -12.39 27.96
N LYS D 50 8.17 -12.14 28.71
CA LYS D 50 6.83 -12.12 28.10
C LYS D 50 6.71 -11.02 27.06
N ASN D 51 7.31 -9.85 27.33
CA ASN D 51 7.33 -8.78 26.34
C ASN D 51 8.06 -9.20 25.07
N LEU D 52 9.18 -9.90 25.22
CA LEU D 52 9.90 -10.41 24.05
C LEU D 52 9.04 -11.39 23.25
N ASN D 53 8.31 -12.27 23.94
CA ASN D 53 7.41 -13.19 23.25
C ASN D 53 6.33 -12.44 22.48
N SER D 54 5.78 -11.38 23.08
CA SER D 54 4.77 -10.58 22.38
C SER D 54 5.35 -9.92 21.13
N LEU D 55 6.57 -9.40 21.24
CA LEU D 55 7.19 -8.76 20.08
C LEU D 55 7.51 -9.77 18.97
N SER D 56 7.82 -11.00 19.35
CA SER D 56 8.29 -12.00 18.39
C SER D 56 7.17 -12.77 17.70
N GLU D 57 5.91 -12.53 18.04
CA GLU D 57 4.81 -13.35 17.54
C GLU D 57 3.85 -12.60 16.63
N LEU D 58 4.34 -11.66 15.82
CA LEU D 58 3.48 -10.97 14.89
C LEU D 58 3.88 -11.32 13.46
N GLU D 59 2.89 -11.49 12.60
CA GLU D 59 3.09 -11.93 11.23
C GLU D 59 2.59 -10.88 10.26
N VAL D 60 3.26 -10.82 9.11
CA VAL D 60 2.84 -10.04 7.97
C VAL D 60 2.87 -10.95 6.75
N LYS D 61 2.21 -10.52 5.68
CA LYS D 61 2.06 -11.35 4.51
C LYS D 61 3.30 -11.29 3.62
N ASN D 62 3.58 -12.40 2.94
CA ASN D 62 4.72 -12.49 2.05
C ASN D 62 4.54 -11.59 0.83
N LEU D 63 5.66 -11.11 0.31
CA LEU D 63 5.70 -10.38 -0.94
C LEU D 63 6.48 -11.20 -1.95
N TYR D 64 5.85 -11.53 -3.07
CA TYR D 64 6.47 -12.31 -4.12
C TYR D 64 6.05 -11.70 -5.45
N ARG D 65 6.41 -12.35 -6.54
CA ARG D 65 6.18 -11.81 -7.87
C ARG D 65 4.72 -11.97 -8.28
N LEU D 66 4.27 -11.05 -9.13
CA LEU D 66 2.99 -11.21 -9.82
C LEU D 66 3.08 -12.33 -10.83
N SER D 67 2.01 -13.10 -10.94
CA SER D 67 2.05 -14.31 -11.76
C SER D 67 1.95 -14.04 -13.25
N TYR D 68 1.27 -12.96 -13.65
CA TYR D 68 0.90 -12.74 -15.04
C TYR D 68 1.77 -11.70 -15.75
N ALA D 69 2.56 -10.93 -15.03
CA ALA D 69 3.34 -9.85 -15.62
C ALA D 69 4.72 -10.34 -16.00
N MET D 70 5.11 -10.09 -17.25
CA MET D 70 6.34 -10.59 -17.83
C MET D 70 7.34 -9.47 -18.03
N ASP D 71 8.62 -9.81 -17.98
CA ASP D 71 9.67 -8.79 -18.11
C ASP D 71 9.72 -8.25 -19.53
N GLU D 72 9.94 -6.94 -19.65
CA GLU D 72 10.13 -6.17 -20.87
C GLU D 72 8.86 -6.03 -21.69
N LEU D 73 7.76 -6.66 -21.29
CA LEU D 73 6.48 -6.42 -21.92
C LEU D 73 5.52 -5.66 -21.03
N HIS D 74 5.74 -5.68 -19.72
CA HIS D 74 4.90 -5.02 -18.72
C HIS D 74 5.73 -4.21 -17.74
N ASN D 75 6.62 -3.35 -18.26
CA ASN D 75 7.57 -2.64 -17.41
C ASN D 75 6.90 -1.64 -16.49
N GLU D 76 5.84 -0.99 -16.94
CA GLU D 76 5.14 -0.01 -16.11
C GLU D 76 4.50 -0.66 -14.90
N ILE D 77 3.83 -1.79 -15.10
CA ILE D 77 3.22 -2.54 -14.02
C ILE D 77 4.27 -3.04 -13.04
N LEU D 78 5.44 -3.46 -13.56
CA LEU D 78 6.47 -3.98 -12.67
C LEU D 78 7.13 -2.87 -11.85
N GLU D 79 7.25 -1.67 -12.42
CA GLU D 79 7.73 -0.53 -11.63
C GLU D 79 6.75 -0.17 -10.52
N LEU D 80 5.44 -0.17 -10.81
CA LEU D 80 4.47 0.10 -9.75
C LEU D 80 4.50 -0.99 -8.68
N ASP D 81 4.71 -2.24 -9.08
CA ASP D 81 4.81 -3.34 -8.12
C ASP D 81 5.99 -3.16 -7.17
N GLU D 82 7.13 -2.75 -7.72
CA GLU D 82 8.30 -2.47 -6.89
C GLU D 82 8.03 -1.33 -5.91
N LYS D 83 7.35 -0.29 -6.37
CA LYS D 83 7.00 0.82 -5.49
C LYS D 83 6.09 0.38 -4.35
N VAL D 84 5.13 -0.50 -4.65
CA VAL D 84 4.24 -1.03 -3.62
C VAL D 84 5.03 -1.76 -2.54
N ASP D 85 6.00 -2.58 -2.96
CA ASP D 85 6.84 -3.30 -1.99
C ASP D 85 7.65 -2.35 -1.11
N ASP D 86 8.25 -1.33 -1.72
CA ASP D 86 8.99 -0.33 -0.95
C ASP D 86 8.12 0.32 0.11
N LEU D 87 6.92 0.75 -0.28
CA LEU D 87 6.06 1.46 0.66
C LEU D 87 5.60 0.56 1.79
N ARG D 88 5.30 -0.70 1.50
CA ARG D 88 4.83 -1.60 2.55
C ARG D 88 5.94 -1.89 3.55
N ALA D 89 7.17 -2.10 3.07
CA ALA D 89 8.29 -2.29 3.98
C ALA D 89 8.51 -1.08 4.87
N ASP D 90 8.41 0.12 4.30
CA ASP D 90 8.57 1.34 5.09
C ASP D 90 7.54 1.43 6.21
N THR D 91 6.26 1.17 5.88
CA THR D 91 5.20 1.29 6.88
C THR D 91 5.36 0.29 8.02
N ILE D 92 5.66 -0.97 7.69
CA ILE D 92 5.77 -1.97 8.74
C ILE D 92 7.01 -1.72 9.60
N SER D 93 8.09 -1.22 9.00
CA SER D 93 9.27 -0.88 9.80
C SER D 93 8.97 0.23 10.79
N SER D 94 8.22 1.25 10.37
CA SER D 94 7.87 2.33 11.28
C SER D 94 7.03 1.83 12.44
N GLN D 95 6.08 0.94 12.16
CA GLN D 95 5.25 0.37 13.22
C GLN D 95 6.06 -0.44 14.22
N ILE D 96 7.02 -1.24 13.74
CA ILE D 96 7.84 -2.04 14.64
C ILE D 96 8.71 -1.15 15.51
N GLU D 97 9.28 -0.08 14.96
CA GLU D 97 10.08 0.83 15.76
C GLU D 97 9.24 1.50 16.84
N LEU D 98 7.98 1.84 16.53
CA LEU D 98 7.10 2.39 17.56
C LEU D 98 6.86 1.40 18.69
N ALA D 99 6.61 0.13 18.35
CA ALA D 99 6.37 -0.87 19.39
C ALA D 99 7.59 -1.09 20.28
N VAL D 100 8.78 -1.11 19.70
CA VAL D 100 9.99 -1.27 20.51
C VAL D 100 10.23 -0.05 21.39
N LEU D 101 9.96 1.15 20.87
CA LEU D 101 10.10 2.35 21.68
C LEU D 101 9.17 2.32 22.89
N LEU D 102 7.92 1.89 22.70
CA LEU D 102 7.00 1.76 23.83
C LEU D 102 7.48 0.72 24.83
N SER D 103 7.99 -0.41 24.34
CA SER D 103 8.48 -1.45 25.24
C SER D 103 9.63 -0.95 26.10
N ASN D 104 10.61 -0.28 25.49
CA ASN D 104 11.75 0.21 26.26
C ASN D 104 11.32 1.31 27.23
N GLU D 105 10.36 2.13 26.83
CA GLU D 105 9.82 3.14 27.73
C GLU D 105 9.26 2.49 28.98
N GLY D 106 8.45 1.44 28.80
CA GLY D 106 7.86 0.78 29.96
C GLY D 106 8.89 0.10 30.84
N ILE D 107 9.88 -0.55 30.22
CA ILE D 107 10.91 -1.25 30.97
C ILE D 107 11.73 -0.27 31.81
N ILE D 108 12.06 0.88 31.25
CA ILE D 108 12.83 1.86 32.02
C ILE D 108 11.97 2.53 33.09
N ASN D 109 10.67 2.72 32.85
CA ASN D 109 9.86 3.34 33.89
C ASN D 109 9.59 2.43 35.08
N ARG D 110 9.50 1.11 34.90
CA ARG D 110 9.14 0.29 36.05
C ARG D 110 10.15 0.33 37.20
N GLU D 111 11.28 1.01 37.05
CA GLU D 111 12.34 0.91 38.05
C GLU D 111 12.01 1.59 39.36
N ASP D 112 11.00 2.46 39.40
CA ASP D 112 10.59 3.11 40.64
C ASP D 112 9.42 2.43 41.32
N TRP D 113 8.55 1.78 40.56
CA TRP D 113 7.52 0.95 41.16
C TRP D 113 8.10 -0.34 41.74
N PHE D 114 9.09 -0.94 41.06
CA PHE D 114 9.81 -2.05 41.70
C PHE D 114 10.48 -1.63 42.99
N LEU D 115 10.73 -0.34 43.19
CA LEU D 115 11.41 0.09 44.40
C LEU D 115 10.44 0.54 45.50
N LEU D 116 9.29 1.10 45.12
CA LEU D 116 8.23 1.30 46.11
C LEU D 116 7.72 -0.01 46.68
N ALA D 117 7.58 -1.03 45.83
CA ALA D 117 7.17 -2.34 46.33
C ALA D 117 8.17 -2.85 47.37
N LEU D 118 9.46 -2.72 47.08
CA LEU D 118 10.49 -3.15 48.02
C LEU D 118 10.42 -2.35 49.30
N GLU D 119 10.20 -1.04 49.19
CA GLU D 119 10.18 -0.19 50.38
C GLU D 119 9.09 -0.62 51.33
N ARG D 120 7.89 -0.88 50.83
CA ARG D 120 6.85 -1.20 51.79
C ARG D 120 6.83 -2.68 52.18
N LYS D 121 7.39 -3.58 51.37
CA LYS D 121 7.68 -4.91 51.92
C LYS D 121 8.62 -4.81 53.10
N LEU D 122 9.67 -4.00 52.98
CA LEU D 122 10.59 -3.81 54.09
C LEU D 122 9.89 -3.22 55.30
N LYS D 123 9.01 -2.25 55.08
CA LYS D 123 8.29 -1.65 56.21
C LYS D 123 7.45 -2.69 56.93
N LYS D 124 6.74 -3.55 56.17
CA LYS D 124 5.94 -4.58 56.81
C LYS D 124 6.80 -5.54 57.62
N MET D 125 7.93 -5.95 57.05
CA MET D 125 8.75 -6.97 57.71
C MET D 125 9.67 -6.40 58.78
N LEU D 126 9.84 -5.09 58.85
CA LEU D 126 10.79 -4.51 59.79
C LEU D 126 10.19 -4.22 61.16
N GLY D 127 8.87 -4.37 61.32
CA GLY D 127 8.27 -4.25 62.63
C GLY D 127 7.63 -2.90 62.89
N PRO D 128 6.63 -2.88 63.79
CA PRO D 128 5.89 -1.63 64.04
C PRO D 128 6.73 -0.51 64.62
N SER D 129 7.86 -0.82 65.24
CA SER D 129 8.63 0.21 65.95
C SER D 129 9.53 1.03 65.03
N ALA D 130 9.77 0.58 63.81
CA ALA D 130 10.60 1.36 62.89
C ALA D 130 9.87 2.61 62.44
N VAL D 131 10.63 3.59 61.97
CA VAL D 131 10.08 4.85 61.50
C VAL D 131 10.46 5.06 60.03
N GLU D 132 9.47 5.35 59.21
CA GLU D 132 9.70 5.70 57.82
C GLU D 132 10.12 7.15 57.71
N ILE D 133 11.15 7.41 56.93
CA ILE D 133 11.62 8.78 56.71
C ILE D 133 10.89 9.43 55.54
N GLY D 134 10.79 8.73 54.41
CA GLY D 134 10.11 9.27 53.25
C GLY D 134 10.78 8.97 51.93
N ASN D 135 12.06 8.62 51.96
CA ASN D 135 12.84 8.36 50.74
C ASN D 135 13.33 6.92 50.68
N GLY D 136 12.58 6.00 51.27
CA GLY D 136 12.91 4.60 51.22
C GLY D 136 13.78 4.07 52.33
N CYS D 137 14.31 4.94 53.18
CA CYS D 137 15.18 4.53 54.27
C CYS D 137 14.39 4.34 55.56
N PHE D 138 14.94 3.53 56.46
CA PHE D 138 14.29 3.22 57.72
C PHE D 138 15.30 3.29 58.86
N GLU D 139 14.81 3.71 60.03
CA GLU D 139 15.63 3.82 61.23
C GLU D 139 15.19 2.76 62.24
N THR D 140 16.12 1.92 62.66
CA THR D 140 15.85 0.84 63.60
C THR D 140 16.55 1.11 64.92
N LYS D 141 16.16 0.33 65.93
CA LYS D 141 16.74 0.43 67.27
C LYS D 141 17.77 -0.66 67.56
N HIS D 142 18.14 -1.45 66.56
CA HIS D 142 18.98 -2.61 66.75
C HIS D 142 20.06 -2.67 65.68
N LYS D 143 21.15 -3.36 66.01
CA LYS D 143 22.24 -3.54 65.06
C LYS D 143 21.84 -4.53 63.97
N CYS D 144 22.36 -4.29 62.77
CA CYS D 144 22.05 -5.14 61.61
C CYS D 144 23.34 -5.30 60.79
N ASN D 145 24.02 -6.41 60.98
CA ASN D 145 25.22 -6.72 60.23
C ASN D 145 24.86 -7.56 59.00
N GLN D 146 25.86 -8.16 58.36
CA GLN D 146 25.64 -8.85 57.09
C GLN D 146 24.65 -10.00 57.22
N THR D 147 24.74 -10.78 58.30
CA THR D 147 23.80 -11.89 58.47
C THR D 147 22.39 -11.40 58.74
N CYS D 148 22.26 -10.26 59.44
CA CYS D 148 20.96 -9.63 59.60
C CYS D 148 20.32 -9.31 58.25
N LEU D 149 21.05 -8.61 57.37
CA LEU D 149 20.50 -8.31 56.06
C LEU D 149 20.30 -9.58 55.24
N ASP D 150 21.11 -10.61 55.47
CA ASP D 150 20.92 -11.85 54.76
C ASP D 150 19.57 -12.47 55.10
N LYS D 151 19.20 -12.41 56.39
CA LYS D 151 17.89 -12.92 56.78
C LYS D 151 16.76 -11.98 56.35
N ILE D 152 17.03 -10.69 56.28
CA ILE D 152 15.98 -9.74 55.86
C ILE D 152 15.65 -9.94 54.39
N ALA D 153 16.67 -9.98 53.53
CA ALA D 153 16.44 -10.09 52.10
C ALA D 153 15.88 -11.46 51.72
N ALA D 154 16.07 -12.47 52.56
CA ALA D 154 15.56 -13.81 52.29
C ALA D 154 14.13 -14.00 52.77
N GLY D 155 13.54 -13.00 53.41
CA GLY D 155 12.17 -13.12 53.87
C GLY D 155 11.99 -14.00 55.08
N THR D 156 12.97 -14.02 55.99
CA THR D 156 12.88 -14.79 57.23
C THR D 156 13.12 -13.93 58.46
N PHE D 157 13.17 -12.60 58.33
CA PHE D 157 13.47 -11.76 59.47
C PHE D 157 12.26 -11.67 60.39
N ASP D 158 12.49 -11.92 61.67
CA ASP D 158 11.46 -11.81 62.70
C ASP D 158 12.00 -10.97 63.84
N ALA D 159 11.35 -9.84 64.10
CA ALA D 159 11.83 -8.92 65.13
C ALA D 159 11.63 -9.47 66.54
N GLY D 160 10.87 -10.55 66.69
CA GLY D 160 10.68 -11.12 68.01
C GLY D 160 11.96 -11.55 68.67
N GLU D 161 12.89 -12.11 67.89
CA GLU D 161 14.19 -12.49 68.41
C GLU D 161 15.03 -11.31 68.86
N PHE D 162 14.63 -10.08 68.50
CA PHE D 162 15.37 -8.88 68.85
C PHE D 162 14.79 -8.17 70.06
N SER D 163 13.91 -8.85 70.81
CA SER D 163 13.34 -8.31 72.04
C SER D 163 12.62 -7.00 71.80
N LEU D 164 11.88 -6.94 70.70
CA LEU D 164 11.13 -5.75 70.31
C LEU D 164 9.74 -6.17 69.84
N PRO D 165 8.74 -5.29 70.01
CA PRO D 165 7.37 -5.66 69.61
C PRO D 165 7.27 -5.87 68.10
N THR D 166 6.39 -6.79 67.71
CA THR D 166 6.20 -7.13 66.31
C THR D 166 4.76 -6.90 65.89
N ASP E 16 -9.56 -5.89 65.85
CA ASP E 16 -9.96 -6.36 64.53
C ASP E 16 -8.93 -5.99 63.48
N ARG E 17 -9.12 -6.52 62.27
CA ARG E 17 -8.26 -6.20 61.13
C ARG E 17 -9.15 -5.88 59.93
N ILE E 18 -9.04 -4.67 59.42
CA ILE E 18 -9.77 -4.22 58.24
C ILE E 18 -8.78 -4.16 57.09
N CYS E 19 -9.14 -4.78 55.97
CA CYS E 19 -8.26 -4.85 54.82
C CYS E 19 -9.03 -4.47 53.56
N THR E 20 -8.29 -4.07 52.54
CA THR E 20 -8.80 -3.86 51.21
C THR E 20 -8.63 -5.15 50.41
N GLY E 21 -9.54 -5.37 49.46
CA GLY E 21 -9.49 -6.59 48.71
C GLY E 21 -10.19 -6.47 47.38
N ILE E 22 -10.28 -7.59 46.69
CA ILE E 22 -10.86 -7.67 45.35
C ILE E 22 -11.73 -8.91 45.29
N THR E 23 -12.82 -8.84 44.53
CA THR E 23 -13.77 -9.93 44.52
C THR E 23 -13.19 -11.17 43.88
N SER E 24 -13.88 -12.29 44.05
CA SER E 24 -13.58 -13.53 43.36
C SER E 24 -14.86 -14.08 42.76
N SER E 25 -14.83 -14.41 41.47
CA SER E 25 -16.00 -14.93 40.80
C SER E 25 -15.56 -15.97 39.78
N ASN E 26 -16.53 -16.49 39.05
CA ASN E 26 -16.23 -17.32 37.88
C ASN E 26 -15.55 -16.46 36.83
N SER E 27 -14.44 -16.95 36.29
CA SER E 27 -13.63 -16.21 35.32
C SER E 27 -13.43 -17.08 34.09
N PRO E 28 -14.47 -17.25 33.27
CA PRO E 28 -14.36 -18.09 32.09
C PRO E 28 -13.84 -17.40 30.84
N HIS E 29 -13.50 -16.12 30.87
CA HIS E 29 -13.09 -15.49 29.63
C HIS E 29 -11.57 -15.33 29.61
N VAL E 30 -10.99 -15.26 28.42
CA VAL E 30 -9.54 -15.18 28.28
C VAL E 30 -9.20 -13.98 27.40
N VAL E 31 -8.30 -13.12 27.87
CA VAL E 31 -7.79 -12.02 27.06
C VAL E 31 -6.27 -12.07 27.03
N LYS E 32 -5.71 -11.29 26.10
CA LYS E 32 -4.30 -11.32 25.76
C LYS E 32 -3.67 -9.98 26.07
N THR E 33 -2.65 -10.00 26.92
CA THR E 33 -1.91 -8.81 27.34
C THR E 33 -0.49 -8.87 26.79
N ALA E 34 0.31 -7.88 27.14
CA ALA E 34 1.64 -7.72 26.57
C ALA E 34 2.79 -8.06 27.50
N THR E 35 2.54 -8.19 28.79
CA THR E 35 3.59 -8.52 29.74
C THR E 35 3.23 -9.66 30.67
N GLN E 36 2.00 -10.17 30.61
CA GLN E 36 1.55 -11.26 31.45
C GLN E 36 1.13 -12.50 30.69
N GLY E 37 1.00 -12.43 29.37
CA GLY E 37 0.53 -13.56 28.62
C GLY E 37 -0.98 -13.53 28.48
N GLU E 38 -1.63 -14.69 28.53
CA GLU E 38 -3.08 -14.75 28.44
C GLU E 38 -3.64 -14.95 29.84
N VAL E 39 -4.66 -14.16 30.18
CA VAL E 39 -5.23 -14.17 31.52
C VAL E 39 -6.71 -14.48 31.46
N ASN E 40 -7.23 -14.99 32.58
CA ASN E 40 -8.66 -15.24 32.76
C ASN E 40 -9.31 -14.01 33.38
N VAL E 41 -10.43 -13.60 32.82
CA VAL E 41 -11.17 -12.42 33.26
C VAL E 41 -12.63 -12.80 33.46
N THR E 42 -13.26 -12.04 34.37
CA THR E 42 -14.64 -12.24 34.78
C THR E 42 -15.61 -12.01 33.63
N GLY E 43 -15.41 -10.95 32.86
CA GLY E 43 -16.32 -10.61 31.79
C GLY E 43 -15.59 -9.85 30.71
N VAL E 44 -16.22 -9.80 29.54
CA VAL E 44 -15.62 -9.15 28.37
C VAL E 44 -16.66 -8.33 27.65
N ILE E 45 -16.19 -7.59 26.65
CA ILE E 45 -17.00 -6.87 25.67
C ILE E 45 -16.53 -7.38 24.31
N PRO E 46 -17.36 -8.09 23.55
CA PRO E 46 -16.96 -8.47 22.19
C PRO E 46 -16.86 -7.26 21.29
N LEU E 47 -15.99 -7.36 20.29
CA LEU E 47 -15.82 -6.27 19.32
C LEU E 47 -16.01 -6.72 17.88
N THR E 48 -16.35 -7.97 17.63
CA THR E 48 -16.49 -8.49 16.28
C THR E 48 -17.79 -9.27 16.14
N THR E 49 -18.19 -9.49 14.88
CA THR E 49 -19.22 -10.43 14.49
C THR E 49 -18.79 -11.11 13.20
N THR E 50 -19.41 -12.25 12.92
CA THR E 50 -19.35 -12.84 11.59
C THR E 50 -20.71 -12.65 10.92
N PRO E 51 -20.81 -11.85 9.87
CA PRO E 51 -22.12 -11.57 9.28
C PRO E 51 -22.64 -12.75 8.47
N THR E 52 -23.86 -12.60 7.98
CA THR E 52 -24.53 -13.63 7.19
C THR E 52 -24.91 -13.07 5.83
N LYS E 53 -24.81 -13.90 4.81
CA LYS E 53 -25.12 -13.50 3.45
C LYS E 53 -26.58 -13.07 3.33
N SER E 54 -26.80 -11.95 2.65
CA SER E 54 -28.11 -11.37 2.48
C SER E 54 -28.24 -10.85 1.06
N HIS E 55 -29.35 -10.19 0.76
CA HIS E 55 -29.53 -9.60 -0.55
C HIS E 55 -28.97 -8.19 -0.58
N PHE E 56 -28.88 -7.62 -1.78
CA PHE E 56 -28.36 -6.28 -1.96
C PHE E 56 -29.48 -5.26 -1.86
N ALA E 57 -29.12 -4.05 -1.42
CA ALA E 57 -30.10 -3.06 -1.04
C ALA E 57 -29.71 -1.72 -1.65
N ASN E 58 -30.41 -0.67 -1.24
CA ASN E 58 -30.09 0.69 -1.62
C ASN E 58 -29.21 1.30 -0.55
N LEU E 59 -28.16 2.02 -0.96
CA LEU E 59 -27.31 2.65 0.02
C LEU E 59 -28.05 3.78 0.72
N LYS E 60 -27.87 3.87 2.02
CA LYS E 60 -28.62 4.77 2.88
C LYS E 60 -27.97 6.14 2.82
N GLY E 61 -28.61 7.07 2.12
CA GLY E 61 -28.10 8.41 1.95
C GLY E 61 -27.59 8.76 0.56
N THR E 62 -27.53 7.81 -0.35
CA THR E 62 -26.98 8.03 -1.68
C THR E 62 -27.88 7.36 -2.71
N GLU E 63 -27.93 7.93 -3.91
CA GLU E 63 -28.67 7.32 -5.02
C GLU E 63 -27.83 6.20 -5.64
N THR E 64 -28.44 5.04 -5.84
CA THR E 64 -27.73 3.83 -6.22
C THR E 64 -28.23 3.34 -7.56
N ARG E 65 -27.31 3.00 -8.45
CA ARG E 65 -27.61 2.61 -9.81
C ARG E 65 -27.60 1.10 -9.92
N GLY E 66 -28.66 0.55 -10.51
CA GLY E 66 -28.74 -0.84 -10.90
C GLY E 66 -28.58 -0.95 -12.40
N LYS E 67 -29.70 -1.02 -13.10
CA LYS E 67 -29.73 -0.89 -14.55
C LYS E 67 -29.42 0.55 -14.97
N LEU E 68 -28.93 0.70 -16.19
CA LEU E 68 -28.57 2.04 -16.70
C LEU E 68 -29.81 2.89 -16.94
N CYS E 69 -30.78 2.37 -17.71
CA CYS E 69 -32.07 3.03 -17.91
C CYS E 69 -33.15 2.10 -17.37
N PRO E 70 -33.64 2.34 -16.15
CA PRO E 70 -34.67 1.45 -15.59
C PRO E 70 -36.08 1.73 -16.08
N LYS E 71 -36.32 2.83 -16.78
CA LYS E 71 -37.60 3.10 -17.42
C LYS E 71 -37.69 2.57 -18.84
N CYS E 72 -36.59 2.07 -19.38
CA CYS E 72 -36.62 1.37 -20.67
C CYS E 72 -36.97 -0.09 -20.39
N LEU E 73 -38.08 -0.55 -20.96
CA LEU E 73 -38.58 -1.89 -20.69
C LEU E 73 -38.14 -2.86 -21.77
N ASN E 74 -37.84 -4.09 -21.37
CA ASN E 74 -37.37 -5.14 -22.27
C ASN E 74 -36.03 -4.82 -22.91
N CYS E 75 -35.18 -4.07 -22.21
CA CYS E 75 -33.84 -3.73 -22.68
C CYS E 75 -32.82 -4.26 -21.70
N THR E 76 -31.69 -4.70 -22.23
CA THR E 76 -30.51 -4.99 -21.41
C THR E 76 -29.63 -3.75 -21.37
N ASP E 77 -28.50 -3.82 -20.66
CA ASP E 77 -27.62 -2.68 -20.59
C ASP E 77 -26.84 -2.48 -21.90
N LEU E 78 -26.45 -3.57 -22.56
CA LEU E 78 -25.75 -3.45 -23.83
C LEU E 78 -26.70 -2.95 -24.93
N ASP E 79 -27.99 -3.25 -24.82
CA ASP E 79 -28.97 -2.68 -25.74
C ASP E 79 -29.01 -1.17 -25.65
N VAL E 80 -29.00 -0.64 -24.41
CA VAL E 80 -29.02 0.80 -24.21
C VAL E 80 -27.71 1.43 -24.61
N ALA E 81 -26.58 0.79 -24.30
CA ALA E 81 -25.28 1.33 -24.67
C ALA E 81 -25.09 1.39 -26.17
N LEU E 82 -25.66 0.45 -26.92
CA LEU E 82 -25.52 0.47 -28.37
C LEU E 82 -26.58 1.31 -29.06
N GLY E 83 -27.58 1.79 -28.34
CA GLY E 83 -28.60 2.65 -28.94
C GLY E 83 -29.70 1.94 -29.68
N ARG E 84 -30.13 0.78 -29.21
CA ARG E 84 -31.13 0.01 -29.94
C ARG E 84 -32.46 0.76 -29.99
N PRO E 85 -33.19 0.69 -31.09
CA PRO E 85 -34.45 1.43 -31.18
C PRO E 85 -35.45 0.97 -30.12
N LYS E 86 -36.12 1.95 -29.52
CA LYS E 86 -37.03 1.81 -28.38
C LYS E 86 -36.31 1.53 -27.06
N CYS E 87 -34.98 1.57 -27.05
CA CYS E 87 -34.19 1.49 -25.83
C CYS E 87 -33.44 2.78 -25.57
N THR E 88 -33.97 3.90 -26.06
CA THR E 88 -33.38 5.20 -25.84
C THR E 88 -34.15 5.93 -24.75
N GLY E 89 -33.42 6.60 -23.88
CA GLY E 89 -34.01 7.22 -22.72
C GLY E 89 -32.95 7.99 -21.98
N LYS E 90 -33.37 8.61 -20.90
CA LYS E 90 -32.48 9.51 -20.20
C LYS E 90 -31.79 8.69 -19.11
N ILE E 91 -30.50 8.90 -18.89
CA ILE E 91 -29.76 8.05 -17.96
C ILE E 91 -29.54 8.83 -16.67
N PRO E 92 -30.20 8.44 -15.57
CA PRO E 92 -30.06 9.19 -14.31
C PRO E 92 -28.67 9.10 -13.72
N SER E 93 -28.26 10.18 -13.06
CA SER E 93 -26.96 10.25 -12.42
C SER E 93 -26.95 9.46 -11.12
N ALA E 94 -25.76 9.04 -10.71
CA ALA E 94 -25.63 8.27 -9.49
C ALA E 94 -24.18 8.25 -9.07
N ARG E 95 -23.97 8.22 -7.77
CA ARG E 95 -22.63 8.26 -7.20
C ARG E 95 -22.15 6.87 -6.79
N VAL E 96 -23.02 5.87 -6.83
CA VAL E 96 -22.70 4.47 -6.54
C VAL E 96 -23.38 3.61 -7.59
N SER E 97 -22.65 2.60 -8.09
CA SER E 97 -23.18 1.69 -9.10
C SER E 97 -22.95 0.25 -8.69
N ILE E 98 -23.79 -0.63 -9.19
CA ILE E 98 -23.66 -2.08 -8.97
C ILE E 98 -23.31 -2.73 -10.30
N LEU E 99 -22.25 -3.53 -10.31
CA LEU E 99 -21.86 -4.31 -11.48
C LEU E 99 -22.48 -5.70 -11.31
N HIS E 100 -23.60 -5.94 -11.96
CA HIS E 100 -24.38 -7.14 -11.76
C HIS E 100 -24.23 -8.15 -12.90
N GLU E 101 -23.30 -7.95 -13.84
CA GLU E 101 -23.23 -8.79 -15.02
C GLU E 101 -21.83 -8.72 -15.59
N VAL E 102 -21.06 -9.80 -15.44
CA VAL E 102 -19.65 -9.78 -15.86
C VAL E 102 -19.44 -9.98 -17.36
N ARG E 103 -20.45 -10.49 -18.07
CA ARG E 103 -20.43 -10.58 -19.53
C ARG E 103 -21.81 -10.21 -20.05
N PRO E 104 -22.04 -8.92 -20.31
CA PRO E 104 -23.38 -8.48 -20.71
C PRO E 104 -23.81 -9.02 -22.06
N VAL E 105 -25.13 -9.15 -22.24
CA VAL E 105 -25.71 -9.74 -23.44
C VAL E 105 -26.65 -8.75 -24.11
N THR E 106 -26.89 -8.97 -25.40
CA THR E 106 -27.96 -8.29 -26.12
C THR E 106 -29.20 -9.17 -26.17
N SER E 107 -30.30 -8.58 -26.62
CA SER E 107 -31.51 -9.35 -26.90
C SER E 107 -32.24 -8.81 -28.12
N GLY E 108 -31.55 -8.08 -28.98
CA GLY E 108 -32.20 -7.15 -29.88
C GLY E 108 -31.99 -7.27 -31.37
N CYS E 109 -31.25 -6.30 -31.90
CA CYS E 109 -31.17 -5.84 -33.28
C CYS E 109 -30.36 -6.84 -34.10
N PHE E 110 -29.79 -6.42 -35.21
CA PHE E 110 -28.87 -7.21 -36.04
C PHE E 110 -27.90 -8.06 -35.23
N PRO E 111 -27.59 -9.28 -35.70
CA PRO E 111 -26.65 -10.15 -34.96
C PRO E 111 -25.20 -9.71 -35.03
N ILE E 112 -24.48 -9.89 -33.91
CA ILE E 112 -23.11 -9.44 -33.72
C ILE E 112 -22.24 -10.66 -33.44
N MET E 113 -20.97 -10.58 -33.85
CA MET E 113 -19.95 -11.52 -33.38
C MET E 113 -19.23 -10.88 -32.20
N HIS E 114 -19.81 -11.07 -31.01
CA HIS E 114 -19.44 -10.28 -29.84
C HIS E 114 -18.01 -10.52 -29.39
N ASP E 115 -17.42 -11.65 -29.74
CA ASP E 115 -16.19 -12.09 -29.09
C ASP E 115 -14.93 -11.72 -29.84
N ARG E 116 -15.03 -10.97 -30.92
CA ARG E 116 -13.86 -10.60 -31.71
C ARG E 116 -13.38 -9.20 -31.40
N THR E 117 -13.97 -8.51 -30.44
CA THR E 117 -13.59 -7.18 -30.01
C THR E 117 -13.78 -7.12 -28.50
N LYS E 118 -13.79 -5.92 -27.95
CA LYS E 118 -13.99 -5.70 -26.52
C LYS E 118 -15.34 -5.03 -26.20
N ILE E 119 -16.34 -5.19 -27.06
CA ILE E 119 -17.55 -4.37 -26.96
C ILE E 119 -18.43 -4.78 -25.80
N ARG E 120 -18.36 -6.05 -25.35
CA ARG E 120 -19.20 -6.50 -24.24
C ARG E 120 -18.98 -5.66 -23.00
N GLN E 121 -17.81 -5.06 -22.84
CA GLN E 121 -17.49 -4.31 -21.65
C GLN E 121 -17.85 -2.83 -21.76
N LEU E 122 -18.47 -2.40 -22.85
CA LEU E 122 -18.86 -1.00 -22.96
C LEU E 122 -19.88 -0.55 -21.93
N PRO E 123 -20.95 -1.30 -21.61
CA PRO E 123 -21.82 -0.85 -20.52
C PRO E 123 -21.11 -0.68 -19.18
N ASN E 124 -20.24 -1.61 -18.81
CA ASN E 124 -19.56 -1.52 -17.52
C ASN E 124 -18.66 -0.29 -17.46
N LEU E 125 -17.96 0.02 -18.54
CA LEU E 125 -17.22 1.27 -18.62
C LEU E 125 -18.14 2.46 -18.37
N LEU E 126 -19.28 2.50 -19.06
CA LEU E 126 -20.19 3.63 -18.90
C LEU E 126 -20.70 3.75 -17.48
N ARG E 127 -20.64 2.70 -16.68
CA ARG E 127 -21.20 2.80 -15.34
C ARG E 127 -20.18 3.28 -14.32
N GLY E 128 -18.97 3.62 -14.75
CA GLY E 128 -18.01 4.23 -13.86
C GLY E 128 -18.00 5.73 -13.85
N TYR E 129 -18.82 6.36 -14.67
CA TYR E 129 -18.98 7.80 -14.75
C TYR E 129 -20.26 8.20 -14.04
N GLU E 130 -20.27 9.41 -13.50
CA GLU E 130 -21.46 9.87 -12.79
C GLU E 130 -22.51 10.41 -13.75
N HIS E 131 -22.09 11.25 -14.69
CA HIS E 131 -22.96 11.80 -15.72
C HIS E 131 -22.63 11.15 -17.05
N VAL E 132 -23.65 10.61 -17.71
CA VAL E 132 -23.54 9.98 -19.02
C VAL E 132 -24.70 10.46 -19.88
N ARG E 133 -24.40 10.96 -21.08
CA ARG E 133 -25.49 11.34 -21.97
C ARG E 133 -25.11 11.09 -23.42
N LEU E 134 -26.13 11.01 -24.27
CA LEU E 134 -25.96 10.83 -25.70
C LEU E 134 -26.08 12.19 -26.38
N SER E 135 -25.14 12.50 -27.27
CA SER E 135 -25.10 13.81 -27.89
C SER E 135 -26.40 14.08 -28.64
N THR E 136 -26.64 15.35 -28.96
CA THR E 136 -27.87 15.73 -29.64
C THR E 136 -27.71 15.89 -31.15
N HIS E 137 -26.48 15.97 -31.65
CA HIS E 137 -26.22 16.04 -33.08
C HIS E 137 -25.26 14.93 -33.48
N ASN E 138 -25.26 14.59 -34.76
CA ASN E 138 -24.35 13.59 -35.27
C ASN E 138 -22.94 14.15 -35.38
N VAL E 139 -21.94 13.31 -35.14
CA VAL E 139 -20.56 13.80 -35.11
C VAL E 139 -20.00 13.99 -36.51
N ILE E 140 -20.43 13.19 -37.48
CA ILE E 140 -20.09 13.41 -38.88
C ILE E 140 -21.34 13.25 -39.72
N ASN E 141 -21.32 13.82 -40.92
CA ASN E 141 -22.39 13.68 -41.90
C ASN E 141 -22.09 12.45 -42.76
N ALA E 142 -22.94 11.43 -42.65
CA ALA E 142 -22.59 10.11 -43.18
C ALA E 142 -22.67 10.06 -44.71
N GLU E 143 -23.69 10.70 -45.30
CA GLU E 143 -23.87 10.62 -46.74
C GLU E 143 -22.74 11.29 -47.52
N GLY E 144 -21.99 12.20 -46.91
CA GLY E 144 -20.97 12.92 -47.64
C GLY E 144 -19.56 12.55 -47.24
N ALA E 145 -19.39 11.46 -46.51
CA ALA E 145 -18.08 11.06 -46.03
C ALA E 145 -17.21 10.55 -47.17
N PRO E 146 -15.88 10.47 -46.98
CA PRO E 146 -15.01 9.93 -48.02
C PRO E 146 -15.41 8.51 -48.39
N GLY E 147 -15.26 8.18 -49.67
CA GLY E 147 -15.66 6.89 -50.17
C GLY E 147 -16.88 6.91 -51.05
N GLY E 148 -17.44 8.07 -51.32
CA GLY E 148 -18.52 8.17 -52.26
C GLY E 148 -19.78 8.64 -51.58
N PRO E 149 -20.78 9.05 -52.36
CA PRO E 149 -22.10 9.29 -51.78
C PRO E 149 -22.68 7.98 -51.25
N TYR E 150 -23.27 8.06 -50.07
CA TYR E 150 -23.75 6.87 -49.38
C TYR E 150 -25.26 6.94 -49.21
N LYS E 151 -25.86 5.77 -49.04
CA LYS E 151 -27.23 5.70 -48.55
C LYS E 151 -27.24 4.83 -47.30
N ILE E 152 -28.14 5.14 -46.39
CA ILE E 152 -28.13 4.59 -45.04
C ILE E 152 -29.05 3.38 -44.99
N GLY E 153 -28.50 2.24 -44.58
CA GLY E 153 -29.23 1.00 -44.60
C GLY E 153 -29.97 0.71 -43.30
N THR E 154 -31.11 0.06 -43.45
CA THR E 154 -31.97 -0.30 -42.33
C THR E 154 -32.23 -1.80 -42.39
N SER E 155 -32.61 -2.37 -41.25
CA SER E 155 -32.75 -3.81 -41.11
C SER E 155 -34.14 -4.17 -40.63
N GLY E 156 -34.66 -5.29 -41.12
CA GLY E 156 -35.96 -5.77 -40.69
C GLY E 156 -35.98 -6.33 -39.29
N SER E 157 -34.84 -6.77 -38.79
CA SER E 157 -34.69 -7.23 -37.42
C SER E 157 -34.45 -6.10 -36.45
N CYS E 158 -34.82 -4.88 -36.83
CA CYS E 158 -34.61 -3.69 -35.99
C CYS E 158 -35.77 -2.73 -36.21
N PRO E 159 -36.96 -3.06 -35.73
CA PRO E 159 -38.10 -2.16 -35.90
C PRO E 159 -38.09 -1.00 -34.90
N ASN E 160 -38.69 0.11 -35.31
CA ASN E 160 -38.76 1.32 -34.50
C ASN E 160 -40.21 1.54 -34.03
N ILE E 161 -40.46 2.70 -33.42
CA ILE E 161 -41.67 2.93 -32.64
C ILE E 161 -42.93 2.71 -33.48
N THR E 162 -42.96 3.24 -34.69
CA THR E 162 -43.94 2.83 -35.70
C THR E 162 -43.22 1.80 -36.55
N ASN E 163 -43.57 0.52 -36.36
CA ASN E 163 -42.72 -0.58 -36.80
C ASN E 163 -42.33 -0.45 -38.26
N GLY E 164 -41.26 -1.13 -38.63
CA GLY E 164 -40.97 -1.34 -40.03
C GLY E 164 -39.54 -1.38 -40.53
N ASN E 165 -38.61 -0.58 -39.98
CA ASN E 165 -37.16 -0.76 -40.21
C ASN E 165 -36.33 0.25 -39.41
N GLY E 166 -35.21 -0.17 -38.85
CA GLY E 166 -34.37 0.75 -38.13
C GLY E 166 -32.94 0.27 -38.05
N PHE E 167 -32.21 0.83 -37.09
CA PHE E 167 -30.82 0.48 -36.83
C PHE E 167 -30.42 1.12 -35.51
N PHE E 168 -29.23 0.78 -35.04
CA PHE E 168 -28.69 1.40 -33.84
C PHE E 168 -28.51 2.89 -34.05
N ALA E 169 -28.73 3.68 -32.99
CA ALA E 169 -28.63 5.13 -33.09
C ALA E 169 -27.21 5.65 -32.98
N THR E 170 -26.25 4.82 -32.59
CA THR E 170 -24.86 5.22 -32.49
C THR E 170 -24.07 5.01 -33.77
N MET E 171 -24.65 4.42 -34.80
CA MET E 171 -23.92 4.08 -36.01
C MET E 171 -24.81 4.30 -37.23
N ALA E 172 -24.17 4.41 -38.39
CA ALA E 172 -24.84 4.50 -39.68
C ALA E 172 -24.24 3.48 -40.64
N TRP E 173 -25.07 2.58 -41.15
CA TRP E 173 -24.65 1.58 -42.12
C TRP E 173 -24.61 2.23 -43.49
N ALA E 174 -23.41 2.49 -44.00
CA ALA E 174 -23.21 3.25 -45.22
C ALA E 174 -23.00 2.30 -46.38
N VAL E 175 -23.97 2.22 -47.29
CA VAL E 175 -23.81 1.39 -48.48
C VAL E 175 -23.67 2.30 -49.69
N PRO E 176 -22.79 1.97 -50.63
CA PRO E 176 -22.54 2.89 -51.75
C PRO E 176 -23.81 3.13 -52.57
N ASP E 177 -23.98 4.39 -52.99
CA ASP E 177 -25.22 4.78 -53.63
C ASP E 177 -25.24 4.41 -55.10
N LYS E 178 -24.24 4.84 -55.86
CA LYS E 178 -24.21 4.65 -57.31
C LYS E 178 -23.09 3.74 -57.78
N ASN E 179 -21.85 4.01 -57.35
CA ASN E 179 -20.68 3.30 -57.84
C ASN E 179 -20.38 2.14 -56.90
N LYS E 180 -20.54 0.91 -57.38
CA LYS E 180 -20.23 -0.29 -56.62
C LYS E 180 -18.86 -0.78 -57.09
N THR E 181 -17.80 -0.27 -56.44
CA THR E 181 -16.43 -0.59 -56.81
C THR E 181 -15.61 -0.79 -55.55
N ALA E 182 -14.44 -1.41 -55.72
CA ALA E 182 -13.47 -1.55 -54.65
C ALA E 182 -12.81 -0.21 -54.37
N THR E 183 -12.12 -0.12 -53.22
CA THR E 183 -11.49 1.14 -52.87
C THR E 183 -10.20 0.87 -52.11
N ASN E 184 -9.34 1.88 -52.09
CA ASN E 184 -8.18 1.91 -51.21
C ASN E 184 -8.64 2.33 -49.82
N PRO E 185 -7.78 2.23 -48.80
CA PRO E 185 -8.18 2.73 -47.49
C PRO E 185 -8.48 4.22 -47.50
N LEU E 186 -9.52 4.61 -46.74
CA LEU E 186 -9.94 6.00 -46.61
C LEU E 186 -9.81 6.39 -45.16
N THR E 187 -9.69 7.69 -44.89
CA THR E 187 -9.43 8.19 -43.55
C THR E 187 -10.45 9.25 -43.18
N ILE E 188 -11.08 9.11 -42.01
CA ILE E 188 -11.85 10.19 -41.42
C ILE E 188 -11.23 10.56 -40.09
N GLU E 189 -11.34 11.85 -39.79
CA GLU E 189 -10.93 12.43 -38.52
C GLU E 189 -12.19 12.69 -37.70
N VAL E 190 -12.27 12.07 -36.52
CA VAL E 190 -13.47 12.13 -35.69
C VAL E 190 -13.28 13.26 -34.68
N PRO E 191 -14.08 14.33 -34.75
CA PRO E 191 -13.82 15.50 -33.91
C PRO E 191 -14.38 15.36 -32.51
N TYR E 192 -14.06 16.35 -31.68
CA TYR E 192 -14.47 16.39 -30.29
C TYR E 192 -15.66 17.33 -30.15
N VAL E 193 -16.81 16.80 -29.73
CA VAL E 193 -18.06 17.54 -29.70
C VAL E 193 -18.64 17.68 -28.30
N CYS E 194 -18.01 17.11 -27.28
CA CYS E 194 -18.51 17.28 -25.94
C CYS E 194 -17.96 18.57 -25.35
N THR E 195 -18.41 18.94 -24.15
CA THR E 195 -17.91 20.13 -23.49
C THR E 195 -16.56 19.80 -22.85
N GLU E 196 -16.00 20.73 -22.08
CA GLU E 196 -14.56 20.72 -21.84
C GLU E 196 -14.12 19.67 -20.82
N GLY E 197 -14.89 19.41 -19.79
CA GLY E 197 -14.43 18.43 -18.84
C GLY E 197 -14.76 16.99 -19.14
N GLU E 198 -15.36 16.70 -20.30
CA GLU E 198 -15.99 15.43 -20.57
C GLU E 198 -15.13 14.56 -21.48
N ASP E 199 -15.29 13.25 -21.34
CA ASP E 199 -14.71 12.26 -22.22
C ASP E 199 -15.71 11.86 -23.29
N GLN E 200 -15.20 11.51 -24.47
CA GLN E 200 -16.04 11.13 -25.59
C GLN E 200 -15.81 9.67 -25.95
N ILE E 201 -16.87 8.88 -25.98
CA ILE E 201 -16.76 7.48 -26.39
C ILE E 201 -17.47 7.34 -27.73
N THR E 202 -16.73 6.86 -28.72
CA THR E 202 -17.16 6.73 -30.11
C THR E 202 -17.34 5.25 -30.42
N VAL E 203 -18.45 4.89 -31.05
CA VAL E 203 -18.78 3.51 -31.39
C VAL E 203 -18.82 3.38 -32.90
N TRP E 204 -18.08 2.43 -33.45
CA TRP E 204 -18.02 2.19 -34.89
C TRP E 204 -17.96 0.68 -35.12
N GLY E 205 -17.92 0.26 -36.38
CA GLY E 205 -17.83 -1.15 -36.66
C GLY E 205 -17.86 -1.42 -38.15
N PHE E 206 -18.13 -2.66 -38.52
CA PHE E 206 -18.27 -3.02 -39.92
C PHE E 206 -19.13 -4.27 -40.11
N HIS E 207 -19.65 -4.41 -41.32
CA HIS E 207 -20.56 -5.47 -41.73
C HIS E 207 -19.92 -6.37 -42.77
N SER E 208 -20.20 -7.68 -42.71
CA SER E 208 -19.71 -8.61 -43.72
C SER E 208 -20.75 -9.70 -43.96
N ASP E 209 -20.62 -10.36 -45.11
CA ASP E 209 -21.65 -11.26 -45.62
C ASP E 209 -20.95 -12.37 -46.39
N ASN E 210 -21.73 -13.20 -47.10
CA ASN E 210 -21.14 -14.22 -47.95
C ASN E 210 -20.75 -13.62 -49.30
N GLU E 211 -20.11 -14.41 -50.16
CA GLU E 211 -19.46 -13.84 -51.35
C GLU E 211 -20.46 -13.19 -52.30
N THR E 212 -21.55 -13.89 -52.60
CA THR E 212 -22.52 -13.37 -53.57
C THR E 212 -23.09 -12.04 -53.10
N GLN E 213 -23.46 -11.96 -51.83
CA GLN E 213 -24.06 -10.76 -51.30
C GLN E 213 -23.05 -9.64 -51.14
N MET E 214 -21.78 -9.98 -50.88
CA MET E 214 -20.74 -8.96 -50.84
C MET E 214 -20.52 -8.34 -52.22
N ALA E 215 -20.51 -9.16 -53.27
CA ALA E 215 -20.39 -8.60 -54.60
C ALA E 215 -21.63 -7.80 -55.01
N LYS E 216 -22.79 -8.16 -54.48
CA LYS E 216 -24.02 -7.43 -54.78
C LYS E 216 -24.14 -6.10 -54.05
N LEU E 217 -23.66 -6.02 -52.80
CA LEU E 217 -23.85 -4.82 -52.00
C LEU E 217 -22.76 -3.77 -52.20
N TYR E 218 -21.51 -4.21 -52.29
CA TYR E 218 -20.36 -3.31 -52.25
C TYR E 218 -19.53 -3.32 -53.52
N GLY E 219 -19.50 -4.41 -54.26
CA GLY E 219 -18.70 -4.50 -55.46
C GLY E 219 -17.36 -5.19 -55.31
N ASP E 220 -17.05 -5.74 -54.15
CA ASP E 220 -15.83 -6.49 -53.93
C ASP E 220 -16.11 -7.64 -52.97
N SER E 221 -15.47 -8.78 -53.21
CA SER E 221 -15.68 -10.00 -52.44
C SER E 221 -14.41 -10.53 -51.79
N LYS E 222 -13.57 -9.64 -51.27
CA LYS E 222 -12.35 -10.00 -50.56
C LYS E 222 -12.42 -9.47 -49.15
N PRO E 223 -11.59 -9.98 -48.24
CA PRO E 223 -11.52 -9.39 -46.89
C PRO E 223 -11.11 -7.93 -46.95
N GLN E 224 -11.67 -7.14 -46.03
CA GLN E 224 -11.40 -5.72 -45.93
C GLN E 224 -10.68 -5.42 -44.63
N THR E 225 -9.92 -4.33 -44.60
CA THR E 225 -9.04 -4.00 -43.48
C THR E 225 -9.47 -2.68 -42.87
N PHE E 226 -9.53 -2.65 -41.54
CA PHE E 226 -9.99 -1.49 -40.80
C PHE E 226 -8.99 -1.17 -39.70
N THR E 227 -8.81 0.12 -39.43
CA THR E 227 -7.84 0.56 -38.43
C THR E 227 -8.43 1.72 -37.66
N SER E 228 -8.14 1.81 -36.37
CA SER E 228 -8.53 2.97 -35.59
C SER E 228 -7.37 3.43 -34.72
N SER E 229 -7.37 4.73 -34.40
CA SER E 229 -6.31 5.30 -33.60
C SER E 229 -6.83 6.46 -32.77
N ALA E 230 -6.57 6.42 -31.47
CA ALA E 230 -6.93 7.53 -30.61
C ALA E 230 -6.03 7.53 -29.37
N ASN E 231 -5.46 8.70 -29.06
CA ASN E 231 -4.67 8.91 -27.86
C ASN E 231 -3.54 7.88 -27.72
N GLY E 232 -2.86 7.60 -28.83
CA GLY E 232 -1.76 6.67 -28.82
C GLY E 232 -2.13 5.20 -28.87
N VAL E 233 -3.41 4.87 -28.92
CA VAL E 233 -3.88 3.48 -28.94
C VAL E 233 -4.37 3.16 -30.34
N THR E 234 -3.85 2.08 -30.92
CA THR E 234 -4.05 1.70 -32.31
C THR E 234 -4.63 0.30 -32.39
N THR E 235 -5.50 0.05 -33.37
CA THR E 235 -6.15 -1.25 -33.47
C THR E 235 -6.39 -1.58 -34.95
N HIS E 236 -6.26 -2.87 -35.30
CA HIS E 236 -6.31 -3.33 -36.69
C HIS E 236 -7.18 -4.57 -36.81
N TYR E 237 -8.05 -4.60 -37.83
CA TYR E 237 -8.99 -5.70 -38.07
C TYR E 237 -9.02 -6.10 -39.53
N VAL E 238 -9.38 -7.36 -39.78
CA VAL E 238 -9.58 -7.92 -41.11
C VAL E 238 -10.89 -8.71 -41.09
N SER E 239 -11.72 -8.55 -42.11
CA SER E 239 -13.05 -9.17 -42.12
C SER E 239 -13.04 -10.57 -42.73
N GLN E 240 -14.14 -11.28 -42.53
CA GLN E 240 -14.31 -12.67 -42.93
C GLN E 240 -15.47 -12.80 -43.90
N ILE E 241 -15.30 -13.62 -44.93
CA ILE E 241 -16.29 -13.77 -46.00
C ILE E 241 -16.85 -15.18 -45.91
N GLY E 242 -18.06 -15.32 -45.38
CA GLY E 242 -18.74 -16.58 -45.32
C GLY E 242 -18.34 -17.41 -44.12
N GLY E 243 -19.07 -18.50 -43.91
CA GLY E 243 -18.74 -19.45 -42.87
C GLY E 243 -18.80 -18.90 -41.47
N PHE E 244 -19.86 -18.18 -41.15
CA PHE E 244 -20.00 -17.53 -39.85
C PHE E 244 -20.53 -18.51 -38.80
N PRO E 245 -20.28 -18.23 -37.53
CA PRO E 245 -20.95 -18.99 -36.47
C PRO E 245 -22.44 -18.72 -36.42
N ASN E 246 -23.15 -19.35 -35.48
CA ASN E 246 -24.59 -19.23 -35.39
C ASN E 246 -25.01 -17.92 -34.74
N GLN E 247 -26.23 -17.48 -35.05
CA GLN E 247 -26.77 -16.27 -34.47
C GLN E 247 -27.19 -16.50 -33.03
N THR E 248 -26.77 -15.61 -32.14
CA THR E 248 -27.20 -15.64 -30.75
C THR E 248 -27.53 -14.23 -30.31
N GLU E 249 -28.52 -14.13 -29.43
CA GLU E 249 -28.89 -12.87 -28.76
C GLU E 249 -29.31 -11.79 -29.76
N ASP E 250 -30.34 -12.10 -30.54
CA ASP E 250 -30.80 -11.16 -31.56
C ASP E 250 -32.31 -11.29 -31.72
N GLY E 251 -32.85 -10.62 -32.73
CA GLY E 251 -34.28 -10.56 -32.94
C GLY E 251 -34.92 -11.81 -33.51
N GLY E 252 -34.11 -12.77 -33.97
CA GLY E 252 -34.63 -14.05 -34.40
C GLY E 252 -34.88 -14.20 -35.88
N LEU E 253 -34.68 -13.16 -36.67
CA LEU E 253 -34.83 -13.31 -38.11
C LEU E 253 -33.59 -13.96 -38.72
N PRO E 254 -33.74 -14.76 -39.76
CA PRO E 254 -32.56 -15.32 -40.43
C PRO E 254 -31.84 -14.25 -41.24
N GLN E 255 -30.51 -14.26 -41.16
CA GLN E 255 -29.64 -13.38 -41.91
C GLN E 255 -28.52 -14.21 -42.52
N SER E 256 -27.69 -13.57 -43.34
CA SER E 256 -26.52 -14.24 -43.87
C SER E 256 -25.21 -13.56 -43.52
N GLY E 257 -25.23 -12.35 -42.94
CA GLY E 257 -24.03 -11.64 -42.58
C GLY E 257 -24.05 -11.25 -41.11
N ARG E 258 -22.92 -10.71 -40.66
CA ARG E 258 -22.73 -10.34 -39.26
C ARG E 258 -21.99 -9.00 -39.18
N ILE E 259 -22.06 -8.37 -38.00
CA ILE E 259 -21.35 -7.12 -37.74
C ILE E 259 -20.34 -7.33 -36.62
N VAL E 260 -19.28 -6.52 -36.67
CA VAL E 260 -18.24 -6.45 -35.65
C VAL E 260 -18.18 -5.00 -35.18
N VAL E 261 -18.33 -4.79 -33.87
CA VAL E 261 -18.51 -3.47 -33.28
C VAL E 261 -17.39 -3.20 -32.29
N ASP E 262 -16.92 -1.96 -32.23
CA ASP E 262 -15.88 -1.54 -31.30
C ASP E 262 -16.13 -0.10 -30.86
N TYR E 263 -15.37 0.33 -29.86
CA TYR E 263 -15.45 1.70 -29.35
C TYR E 263 -14.04 2.23 -29.10
N MET E 264 -13.90 3.56 -29.18
CA MET E 264 -12.65 4.22 -28.80
C MET E 264 -12.93 5.45 -27.94
N VAL E 265 -12.02 5.71 -27.02
CA VAL E 265 -12.15 6.79 -26.04
C VAL E 265 -11.28 7.96 -26.46
N GLN E 266 -11.84 9.16 -26.44
CA GLN E 266 -11.13 10.40 -26.71
C GLN E 266 -11.16 11.25 -25.45
N LYS E 267 -10.00 11.44 -24.85
CA LYS E 267 -9.85 12.31 -23.70
C LYS E 267 -9.95 13.76 -24.14
N SER E 268 -10.34 14.63 -23.21
CA SER E 268 -10.87 15.94 -23.58
C SER E 268 -9.91 16.73 -24.47
N GLY E 269 -10.47 17.31 -25.53
CA GLY E 269 -9.74 18.08 -26.48
C GLY E 269 -9.23 17.30 -27.67
N LYS E 270 -9.17 15.98 -27.59
CA LYS E 270 -8.45 15.19 -28.55
C LYS E 270 -9.34 14.69 -29.67
N THR E 271 -8.72 14.46 -30.82
CA THR E 271 -9.37 14.01 -32.03
C THR E 271 -8.96 12.57 -32.30
N GLY E 272 -9.81 11.82 -33.02
CA GLY E 272 -9.54 10.43 -33.31
C GLY E 272 -9.46 10.20 -34.81
N THR E 273 -9.08 8.99 -35.20
CA THR E 273 -8.96 8.70 -36.63
C THR E 273 -9.42 7.27 -36.91
N ILE E 274 -10.17 7.10 -38.00
CA ILE E 274 -10.56 5.78 -38.49
C ILE E 274 -10.14 5.65 -39.95
N THR E 275 -9.53 4.52 -40.30
CA THR E 275 -9.20 4.15 -41.68
C THR E 275 -10.02 2.93 -42.06
N TYR E 276 -10.62 2.95 -43.24
CA TYR E 276 -11.65 1.96 -43.54
C TYR E 276 -11.71 1.64 -45.02
N GLN E 277 -12.49 0.61 -45.34
CA GLN E 277 -12.81 0.15 -46.68
C GLN E 277 -14.29 -0.20 -46.71
N ARG E 278 -14.72 -1.01 -47.68
CA ARG E 278 -16.14 -1.28 -47.89
C ARG E 278 -16.78 -2.03 -46.72
N GLY E 279 -17.86 -1.46 -46.19
CA GLY E 279 -18.62 -2.09 -45.13
C GLY E 279 -18.68 -1.32 -43.83
N ILE E 280 -18.28 -0.05 -43.85
CA ILE E 280 -18.10 0.72 -42.62
C ILE E 280 -19.45 1.09 -42.01
N LEU E 281 -19.53 1.02 -40.69
CA LEU E 281 -20.64 1.59 -39.93
C LEU E 281 -20.10 2.83 -39.22
N LEU E 282 -20.38 4.00 -39.79
CA LEU E 282 -19.77 5.24 -39.34
C LEU E 282 -20.43 5.75 -38.06
N PRO E 283 -19.69 6.42 -37.19
CA PRO E 283 -20.28 6.88 -35.92
C PRO E 283 -21.20 8.08 -36.09
N GLN E 284 -22.35 8.02 -35.41
CA GLN E 284 -23.31 9.12 -35.46
C GLN E 284 -23.49 9.80 -34.10
N LYS E 285 -23.92 9.09 -33.08
CA LYS E 285 -24.08 9.66 -31.74
C LYS E 285 -22.99 9.13 -30.84
N VAL E 286 -22.40 10.00 -30.05
CA VAL E 286 -21.29 9.63 -29.19
C VAL E 286 -21.75 9.80 -27.75
N TRP E 287 -21.07 9.11 -26.84
CA TRP E 287 -21.40 9.23 -25.43
C TRP E 287 -20.49 10.29 -24.80
N CYS E 288 -21.09 11.29 -24.17
CA CYS E 288 -20.37 12.34 -23.46
C CYS E 288 -20.50 12.06 -21.96
N ALA E 289 -19.36 11.89 -21.29
CA ALA E 289 -19.37 11.33 -19.96
C ALA E 289 -18.39 12.05 -19.06
N SER E 290 -18.82 12.39 -17.84
CA SER E 290 -17.98 13.14 -16.92
C SER E 290 -18.32 12.75 -15.50
N GLY E 291 -17.36 12.95 -14.60
CA GLY E 291 -17.53 12.63 -13.20
C GLY E 291 -16.94 11.27 -12.87
N ARG E 292 -17.25 10.80 -11.67
CA ARG E 292 -16.79 9.49 -11.26
C ARG E 292 -17.81 8.87 -10.28
N SER E 293 -17.92 7.55 -10.36
CA SER E 293 -18.86 6.76 -9.58
C SER E 293 -18.11 5.62 -8.91
N LYS E 294 -18.67 5.08 -7.83
CA LYS E 294 -18.06 3.98 -7.08
C LYS E 294 -18.79 2.68 -7.38
N VAL E 295 -18.03 1.67 -7.77
CA VAL E 295 -18.57 0.41 -8.29
C VAL E 295 -18.09 -0.75 -7.43
N ILE E 296 -19.01 -1.66 -7.11
CA ILE E 296 -18.67 -3.01 -6.64
C ILE E 296 -19.61 -4.00 -7.32
N LYS E 297 -19.24 -5.28 -7.25
CA LYS E 297 -20.06 -6.35 -7.82
C LYS E 297 -21.20 -6.74 -6.89
N GLY E 298 -22.36 -6.98 -7.46
CA GLY E 298 -23.53 -7.34 -6.70
C GLY E 298 -24.52 -8.11 -7.51
N SER E 299 -25.79 -8.04 -7.11
CA SER E 299 -26.86 -8.68 -7.85
C SER E 299 -28.14 -7.90 -7.66
N LEU E 300 -29.10 -8.15 -8.54
CA LEU E 300 -30.36 -7.44 -8.61
C LEU E 300 -31.51 -8.41 -8.34
N PRO E 301 -32.67 -7.92 -7.87
CA PRO E 301 -33.03 -6.54 -7.56
C PRO E 301 -32.51 -6.01 -6.21
N LEU E 302 -32.53 -4.69 -6.07
CA LEU E 302 -32.18 -4.03 -4.82
C LEU E 302 -33.41 -3.95 -3.94
N ILE E 303 -33.38 -4.63 -2.80
CA ILE E 303 -34.53 -4.74 -1.92
C ILE E 303 -34.19 -4.08 -0.59
N GLY E 304 -34.77 -2.92 -0.33
CA GLY E 304 -34.63 -2.31 0.97
C GLY E 304 -33.55 -1.25 1.08
N GLU E 305 -32.95 -1.12 2.27
CA GLU E 305 -31.97 -0.09 2.55
C GLU E 305 -31.03 -0.57 3.64
N ALA E 306 -29.77 -0.12 3.57
CA ALA E 306 -28.73 -0.63 4.44
C ALA E 306 -27.62 0.41 4.57
N ASP E 307 -26.82 0.26 5.63
CA ASP E 307 -25.71 1.18 5.90
C ASP E 307 -24.52 0.92 4.98
N CYS E 308 -24.19 -0.34 4.73
CA CYS E 308 -23.01 -0.73 3.98
C CYS E 308 -23.41 -1.74 2.93
N LEU E 309 -22.70 -1.73 1.80
CA LEU E 309 -22.82 -2.77 0.79
C LEU E 309 -21.49 -3.52 0.71
N HIS E 310 -21.55 -4.84 0.80
CA HIS E 310 -20.39 -5.72 0.86
C HIS E 310 -20.47 -6.76 -0.25
N GLU E 311 -19.33 -7.05 -0.88
CA GLU E 311 -19.34 -7.93 -2.05
C GLU E 311 -19.63 -9.39 -1.72
N LYS E 312 -19.39 -9.83 -0.49
CA LYS E 312 -19.71 -11.20 -0.10
C LYS E 312 -20.96 -11.33 0.75
N TYR E 313 -21.41 -10.26 1.40
CA TYR E 313 -22.48 -10.34 2.37
C TYR E 313 -23.72 -9.53 2.03
N GLY E 314 -23.68 -8.68 1.01
CA GLY E 314 -24.85 -7.88 0.69
C GLY E 314 -25.00 -6.63 1.53
N GLY E 315 -26.22 -6.31 1.95
CA GLY E 315 -26.42 -5.13 2.78
C GLY E 315 -26.18 -5.44 4.25
N LEU E 316 -25.48 -4.52 4.91
CA LEU E 316 -25.17 -4.66 6.33
C LEU E 316 -25.56 -3.40 7.08
N ASN E 317 -25.94 -3.59 8.34
CA ASN E 317 -26.13 -2.51 9.30
C ASN E 317 -25.05 -2.61 10.36
N LYS E 318 -24.42 -1.48 10.68
CA LYS E 318 -23.25 -1.48 11.54
C LYS E 318 -23.68 -1.57 13.00
N SER E 319 -23.26 -2.62 13.68
CA SER E 319 -23.51 -2.78 15.11
C SER E 319 -22.21 -2.75 15.91
N LYS E 320 -21.29 -3.59 15.60
CA LYS E 320 -19.96 -3.74 16.15
C LYS E 320 -18.94 -3.02 15.26
N PRO E 321 -17.85 -2.51 15.83
CA PRO E 321 -16.88 -1.79 15.00
C PRO E 321 -16.11 -2.68 14.03
N TYR E 322 -15.92 -3.96 14.31
CA TYR E 322 -15.10 -4.84 13.49
C TYR E 322 -15.90 -6.05 13.02
N TYR E 323 -15.30 -6.86 12.15
CA TYR E 323 -15.92 -8.11 11.73
C TYR E 323 -14.83 -9.11 11.35
N THR E 324 -15.17 -10.39 11.45
CA THR E 324 -14.32 -11.48 11.00
C THR E 324 -15.06 -12.29 9.95
N GLY E 325 -14.34 -12.71 8.91
CA GLY E 325 -14.96 -13.49 7.85
C GLY E 325 -14.13 -13.49 6.58
N GLU E 326 -14.76 -13.30 5.44
CA GLU E 326 -14.04 -13.11 4.18
C GLU E 326 -13.93 -11.62 3.91
N HIS E 327 -12.70 -11.14 3.71
CA HIS E 327 -12.48 -9.76 3.35
C HIS E 327 -12.86 -9.54 1.89
N ALA E 328 -13.50 -8.41 1.61
CA ALA E 328 -13.89 -8.06 0.26
C ALA E 328 -14.05 -6.55 0.18
N LYS E 329 -14.36 -6.07 -1.01
CA LYS E 329 -14.63 -4.65 -1.21
C LYS E 329 -16.00 -4.28 -0.64
N ALA E 330 -16.12 -3.03 -0.22
CA ALA E 330 -17.35 -2.57 0.43
C ALA E 330 -17.45 -1.07 0.28
N ILE E 331 -18.68 -0.57 0.30
CA ILE E 331 -18.96 0.86 0.15
C ILE E 331 -19.97 1.27 1.20
N GLY E 332 -19.68 2.36 1.91
CA GLY E 332 -20.63 2.95 2.82
C GLY E 332 -20.11 3.16 4.22
N ASN E 333 -20.94 2.83 5.20
CA ASN E 333 -20.62 2.90 6.63
C ASN E 333 -20.39 1.48 7.09
N CYS E 334 -19.13 1.04 7.09
CA CYS E 334 -18.82 -0.37 7.22
C CYS E 334 -17.91 -0.65 8.41
N PRO E 335 -17.97 -1.83 9.00
CA PRO E 335 -16.97 -2.24 9.99
C PRO E 335 -15.64 -2.56 9.34
N ILE E 336 -14.64 -2.77 10.19
CA ILE E 336 -13.26 -3.02 9.74
C ILE E 336 -12.92 -4.48 9.96
N TRP E 337 -12.16 -5.06 9.04
CA TRP E 337 -11.81 -6.48 9.08
C TRP E 337 -10.61 -6.74 9.98
N VAL E 338 -10.68 -7.81 10.77
CA VAL E 338 -9.59 -8.26 11.64
C VAL E 338 -9.46 -9.77 11.53
N LYS E 339 -8.27 -10.28 11.86
CA LYS E 339 -7.99 -11.71 11.67
C LYS E 339 -8.73 -12.57 12.67
N THR E 340 -8.73 -12.18 13.93
CA THR E 340 -9.25 -12.98 15.02
C THR E 340 -10.40 -12.25 15.71
N PRO E 341 -11.24 -12.95 16.46
CA PRO E 341 -12.21 -12.26 17.32
C PRO E 341 -11.51 -11.55 18.47
N LEU E 342 -11.80 -10.26 18.61
CA LEU E 342 -11.16 -9.42 19.61
C LEU E 342 -12.14 -9.12 20.75
N LYS E 343 -11.59 -8.95 21.95
CA LYS E 343 -12.38 -8.72 23.15
C LYS E 343 -11.72 -7.64 23.99
N LEU E 344 -12.54 -6.85 24.67
CA LEU E 344 -12.05 -5.84 25.59
C LEU E 344 -12.45 -6.25 27.01
N ALA E 345 -11.48 -6.35 27.91
CA ALA E 345 -11.77 -6.80 29.26
C ALA E 345 -12.71 -5.83 29.97
N ASN E 346 -13.76 -6.38 30.57
CA ASN E 346 -14.72 -5.64 31.40
C ASN E 346 -14.94 -6.39 32.70
N GLY E 347 -13.84 -6.75 33.34
CA GLY E 347 -13.89 -7.41 34.61
C GLY E 347 -12.57 -7.28 35.32
N THR E 348 -12.35 -8.18 36.28
CA THR E 348 -11.10 -8.25 37.01
C THR E 348 -10.46 -9.61 36.82
N LYS E 349 -9.14 -9.66 36.98
CA LYS E 349 -8.37 -10.86 36.71
C LYS E 349 -8.82 -12.00 37.62
N TYR E 350 -8.46 -13.22 37.24
CA TYR E 350 -8.84 -14.38 38.04
C TYR E 350 -8.20 -14.33 39.41
N ARG E 351 -8.98 -14.67 40.43
CA ARG E 351 -8.61 -14.53 41.83
C ARG E 351 -9.02 -15.82 42.53
N PRO E 352 -8.07 -16.64 42.98
CA PRO E 352 -8.43 -17.93 43.60
C PRO E 352 -9.33 -17.74 44.80
N PRO E 353 -10.34 -18.60 44.95
CA PRO E 353 -11.32 -18.42 46.04
C PRO E 353 -10.71 -18.64 47.40
N ALA E 354 -9.71 -17.84 47.75
CA ALA E 354 -8.94 -18.11 48.95
C ALA E 354 -9.53 -17.37 50.14
N LYS E 355 -10.86 -17.23 50.20
CA LYS E 355 -11.45 -16.74 51.43
C LYS E 355 -11.09 -17.74 52.50
N LEU E 356 -11.64 -18.95 52.32
CA LEU E 356 -11.58 -20.01 53.30
C LEU E 356 -10.15 -20.43 53.64
N LEU E 357 -9.20 -20.13 52.75
CA LEU E 357 -7.80 -20.40 53.06
C LEU E 357 -7.30 -19.48 54.17
N LYS E 358 -7.67 -18.20 54.11
CA LYS E 358 -7.27 -17.26 55.14
C LYS E 358 -8.22 -17.31 56.32
N GLU E 359 -9.45 -17.77 56.10
CA GLU E 359 -10.45 -17.92 57.15
C GLU E 359 -10.10 -19.10 58.05
N ARG E 360 -9.10 -19.88 57.64
CA ARG E 360 -8.59 -21.05 58.37
C ARG E 360 -9.63 -21.77 59.23
N GLY F 1 -0.64 -8.01 40.41
CA GLY F 1 0.40 -7.60 39.49
C GLY F 1 1.78 -7.73 40.07
N PHE F 2 2.77 -7.11 39.43
CA PHE F 2 4.12 -7.13 39.98
C PHE F 2 4.23 -6.30 41.24
N PHE F 3 3.25 -5.44 41.52
CA PHE F 3 3.30 -4.60 42.71
C PHE F 3 2.84 -5.35 43.95
N GLY F 4 1.75 -6.10 43.84
CA GLY F 4 1.26 -6.88 44.96
C GLY F 4 2.07 -8.11 45.26
N ALA F 5 2.80 -8.63 44.27
CA ALA F 5 3.67 -9.77 44.52
C ALA F 5 4.77 -9.42 45.51
N ILE F 6 5.30 -8.19 45.43
CA ILE F 6 6.38 -7.80 46.32
C ILE F 6 5.86 -7.10 47.56
N ALA F 7 4.85 -6.23 47.42
CA ALA F 7 4.41 -5.44 48.57
C ALA F 7 3.78 -6.29 49.66
N GLY F 8 3.44 -7.54 49.37
CA GLY F 8 2.87 -8.43 50.37
C GLY F 8 1.36 -8.54 50.37
N PHE F 9 0.70 -8.15 49.29
CA PHE F 9 -0.76 -8.22 49.23
C PHE F 9 -1.24 -9.66 49.28
N LEU F 10 -2.55 -9.79 49.45
CA LEU F 10 -3.20 -11.10 49.43
C LEU F 10 -3.37 -11.56 47.98
N GLU F 11 -3.14 -12.85 47.76
CA GLU F 11 -3.23 -13.42 46.42
C GLU F 11 -4.63 -13.91 46.07
N GLY F 12 -5.53 -13.98 47.06
CA GLY F 12 -6.89 -14.42 46.83
C GLY F 12 -7.89 -13.31 47.10
N GLY F 13 -9.16 -13.63 46.86
CA GLY F 13 -10.22 -12.66 47.01
C GLY F 13 -11.43 -13.27 47.66
N TRP F 14 -12.47 -12.44 47.80
CA TRP F 14 -13.68 -12.78 48.52
C TRP F 14 -14.86 -12.86 47.56
N GLU F 15 -15.71 -13.89 47.75
CA GLU F 15 -16.99 -13.94 47.04
C GLU F 15 -18.16 -13.36 47.82
N GLY F 16 -17.93 -12.81 49.01
CA GLY F 16 -18.96 -11.99 49.61
C GLY F 16 -19.20 -10.67 48.91
N MET F 17 -18.30 -10.26 48.02
CA MET F 17 -18.47 -9.06 47.21
C MET F 17 -19.32 -9.41 46.01
N ILE F 18 -20.60 -9.06 46.08
CA ILE F 18 -21.51 -9.26 44.97
C ILE F 18 -21.88 -7.95 44.28
N ALA F 19 -21.83 -6.82 44.99
CA ALA F 19 -22.23 -5.54 44.44
C ALA F 19 -21.05 -4.71 43.95
N GLY F 20 -19.93 -5.34 43.62
CA GLY F 20 -18.80 -4.58 43.10
C GLY F 20 -17.61 -5.48 42.85
N TRP F 21 -16.59 -4.88 42.23
CA TRP F 21 -15.32 -5.55 42.00
C TRP F 21 -14.33 -5.32 43.15
N PHE F 22 -14.24 -4.09 43.64
CA PHE F 22 -13.32 -3.73 44.71
C PHE F 22 -14.09 -3.42 45.97
N GLY F 23 -13.53 -3.78 47.12
CA GLY F 23 -14.27 -3.57 48.36
C GLY F 23 -13.42 -3.82 49.59
N TYR F 24 -14.11 -3.87 50.73
CA TYR F 24 -13.49 -4.01 52.05
C TYR F 24 -13.89 -5.32 52.70
N THR F 25 -13.04 -5.80 53.60
CA THR F 25 -13.33 -6.96 54.42
C THR F 25 -12.67 -6.79 55.78
N SER F 26 -13.42 -7.09 56.84
CA SER F 26 -12.95 -6.95 58.22
C SER F 26 -12.92 -8.32 58.88
N HIS F 27 -11.79 -8.65 59.47
CA HIS F 27 -11.57 -9.94 60.11
C HIS F 27 -11.37 -9.72 61.61
N GLY F 28 -12.19 -10.39 62.42
CA GLY F 28 -12.12 -10.22 63.85
C GLY F 28 -12.65 -11.40 64.62
N ALA F 29 -12.96 -11.18 65.90
CA ALA F 29 -13.44 -12.27 66.74
C ALA F 29 -14.72 -12.90 66.17
N HIS F 30 -15.64 -12.07 65.70
CA HIS F 30 -16.88 -12.58 65.13
C HIS F 30 -16.67 -13.35 63.84
N GLY F 31 -15.49 -13.28 63.24
CA GLY F 31 -15.22 -14.00 62.02
C GLY F 31 -14.80 -13.08 60.89
N VAL F 32 -15.54 -13.10 59.78
CA VAL F 32 -15.24 -12.24 58.64
C VAL F 32 -16.50 -11.44 58.29
N ALA F 33 -16.30 -10.27 57.71
CA ALA F 33 -17.39 -9.47 57.18
C ALA F 33 -16.90 -8.79 55.91
N VAL F 34 -17.79 -8.62 54.94
CA VAL F 34 -17.44 -8.18 53.60
C VAL F 34 -18.41 -7.10 53.15
N ALA F 35 -17.88 -6.08 52.47
CA ALA F 35 -18.71 -5.04 51.86
C ALA F 35 -18.03 -4.57 50.59
N ALA F 36 -18.81 -3.96 49.70
CA ALA F 36 -18.32 -3.56 48.38
C ALA F 36 -18.38 -2.05 48.22
N ASP F 37 -17.40 -1.52 47.50
CA ASP F 37 -17.31 -0.09 47.21
C ASP F 37 -17.89 0.18 45.83
N LEU F 38 -18.78 1.17 45.75
CA LEU F 38 -19.51 1.41 44.51
C LEU F 38 -18.86 2.46 43.62
N LYS F 39 -18.23 3.48 44.20
CA LYS F 39 -17.67 4.56 43.41
C LYS F 39 -16.44 4.10 42.62
N ALA F 40 -15.58 3.30 43.24
CA ALA F 40 -14.41 2.79 42.53
C ALA F 40 -14.81 1.91 41.37
N THR F 41 -15.76 1.00 41.60
CA THR F 41 -16.28 0.16 40.54
C THR F 41 -16.87 1.01 39.41
N GLN F 42 -17.62 2.04 39.78
CA GLN F 42 -18.27 2.88 38.78
C GLN F 42 -17.24 3.59 37.90
N GLU F 43 -16.19 4.15 38.50
CA GLU F 43 -15.26 4.87 37.62
C GLU F 43 -14.35 3.94 36.83
N ALA F 44 -14.07 2.73 37.34
CA ALA F 44 -13.40 1.75 36.50
C ALA F 44 -14.24 1.42 35.28
N ILE F 45 -15.56 1.23 35.47
CA ILE F 45 -16.45 0.96 34.36
C ILE F 45 -16.48 2.14 33.39
N ASN F 46 -16.50 3.36 33.92
CA ASN F 46 -16.53 4.54 33.06
C ASN F 46 -15.28 4.64 32.20
N LYS F 47 -14.11 4.34 32.77
CA LYS F 47 -12.89 4.42 31.97
C LYS F 47 -12.86 3.35 30.90
N ILE F 48 -13.36 2.15 31.20
CA ILE F 48 -13.43 1.12 30.16
C ILE F 48 -14.39 1.54 29.05
N THR F 49 -15.47 2.24 29.40
CA THR F 49 -16.42 2.72 28.39
C THR F 49 -15.81 3.80 27.50
N LYS F 50 -15.07 4.75 28.08
CA LYS F 50 -14.39 5.75 27.26
C LYS F 50 -13.35 5.11 26.35
N ASN F 51 -12.65 4.09 26.85
CA ASN F 51 -11.70 3.36 26.00
C ASN F 51 -12.41 2.67 24.83
N LEU F 52 -13.58 2.09 25.09
CA LEU F 52 -14.36 1.49 24.00
C LEU F 52 -14.76 2.54 22.97
N ASN F 53 -15.18 3.72 23.42
CA ASN F 53 -15.52 4.79 22.49
C ASN F 53 -14.32 5.20 21.64
N SER F 54 -13.14 5.28 22.25
CA SER F 54 -11.93 5.60 21.49
C SER F 54 -11.63 4.53 20.44
N LEU F 55 -11.77 3.26 20.81
CA LEU F 55 -11.51 2.19 19.86
C LEU F 55 -12.52 2.19 18.71
N SER F 56 -13.76 2.59 18.99
CA SER F 56 -14.84 2.48 18.01
C SER F 56 -14.95 3.67 17.06
N GLU F 57 -14.11 4.69 17.21
CA GLU F 57 -14.27 5.92 16.44
C GLU F 57 -13.13 6.19 15.47
N LEU F 58 -12.54 5.15 14.88
CA LEU F 58 -11.49 5.37 13.89
C LEU F 58 -11.98 4.89 12.53
N GLU F 59 -11.62 5.65 11.49
CA GLU F 59 -12.09 5.41 10.14
C GLU F 59 -10.90 5.13 9.22
N VAL F 60 -11.17 4.30 8.22
CA VAL F 60 -10.25 4.06 7.12
C VAL F 60 -11.04 4.21 5.83
N LYS F 61 -10.33 4.34 4.72
CA LYS F 61 -10.96 4.64 3.45
C LYS F 61 -11.50 3.38 2.80
N ASN F 62 -12.59 3.54 2.05
CA ASN F 62 -13.22 2.43 1.36
C ASN F 62 -12.33 1.90 0.24
N LEU F 63 -12.46 0.61 -0.03
CA LEU F 63 -11.81 -0.04 -1.16
C LEU F 63 -12.90 -0.51 -2.11
N TYR F 64 -12.87 -0.03 -3.35
CA TYR F 64 -13.82 -0.41 -4.37
C TYR F 64 -13.07 -0.61 -5.67
N ARG F 65 -13.79 -0.83 -6.75
CA ARG F 65 -13.18 -1.16 -8.03
C ARG F 65 -12.59 0.07 -8.69
N LEU F 66 -11.55 -0.16 -9.50
CA LEU F 66 -11.04 0.86 -10.40
C LEU F 66 -12.04 1.12 -11.50
N SER F 67 -12.19 2.39 -11.89
CA SER F 67 -13.24 2.78 -12.82
C SER F 67 -12.92 2.43 -14.27
N TYR F 68 -11.64 2.40 -14.64
CA TYR F 68 -11.25 2.31 -16.04
C TYR F 68 -10.77 0.93 -16.47
N ALA F 69 -10.50 0.04 -15.54
CA ALA F 69 -9.94 -1.27 -15.87
C ALA F 69 -11.04 -2.29 -16.06
N MET F 70 -11.01 -3.00 -17.19
CA MET F 70 -12.04 -3.91 -17.61
C MET F 70 -11.56 -5.35 -17.51
N ASP F 71 -12.49 -6.27 -17.28
CA ASP F 71 -12.12 -7.67 -17.12
C ASP F 71 -11.65 -8.27 -18.44
N GLU F 72 -10.63 -9.12 -18.36
CA GLU F 72 -10.02 -9.90 -19.43
C GLU F 72 -9.27 -9.04 -20.44
N LEU F 73 -9.27 -7.74 -20.30
CA LEU F 73 -8.42 -6.88 -21.11
C LEU F 73 -7.29 -6.25 -20.31
N HIS F 74 -7.44 -6.16 -18.99
CA HIS F 74 -6.47 -5.55 -18.08
C HIS F 74 -6.20 -6.47 -16.89
N ASN F 75 -5.88 -7.73 -17.15
CA ASN F 75 -5.76 -8.72 -16.07
C ASN F 75 -4.56 -8.44 -15.17
N GLU F 76 -3.47 -7.93 -15.71
CA GLU F 76 -2.29 -7.66 -14.90
C GLU F 76 -2.55 -6.54 -13.90
N ILE F 77 -3.20 -5.47 -14.35
CA ILE F 77 -3.56 -4.36 -13.47
C ILE F 77 -4.54 -4.83 -12.40
N LEU F 78 -5.47 -5.72 -12.75
CA LEU F 78 -6.45 -6.17 -11.77
C LEU F 78 -5.83 -7.10 -10.73
N GLU F 79 -4.84 -7.90 -11.13
CA GLU F 79 -4.10 -8.69 -10.15
C GLU F 79 -3.32 -7.81 -9.18
N LEU F 80 -2.67 -6.76 -9.68
CA LEU F 80 -1.96 -5.85 -8.78
C LEU F 80 -2.95 -5.12 -7.85
N ASP F 81 -4.13 -4.78 -8.35
CA ASP F 81 -5.15 -4.13 -7.52
C ASP F 81 -5.59 -5.04 -6.38
N GLU F 82 -5.80 -6.32 -6.67
CA GLU F 82 -6.14 -7.28 -5.63
C GLU F 82 -5.04 -7.41 -4.59
N LYS F 83 -3.78 -7.42 -5.03
CA LYS F 83 -2.66 -7.48 -4.10
C LYS F 83 -2.63 -6.26 -3.18
N VAL F 84 -2.90 -5.07 -3.74
CA VAL F 84 -2.93 -3.85 -2.94
C VAL F 84 -3.99 -3.95 -1.84
N ASP F 85 -5.17 -4.48 -2.19
CA ASP F 85 -6.22 -4.64 -1.18
C ASP F 85 -5.82 -5.60 -0.07
N ASP F 86 -5.21 -6.74 -0.45
CA ASP F 86 -4.72 -7.70 0.54
C ASP F 86 -3.75 -7.06 1.51
N LEU F 87 -2.78 -6.31 0.98
CA LEU F 87 -1.75 -5.73 1.83
C LEU F 87 -2.33 -4.68 2.76
N ARG F 88 -3.26 -3.87 2.28
CA ARG F 88 -3.83 -2.82 3.12
C ARG F 88 -4.65 -3.42 4.26
N ALA F 89 -5.43 -4.48 3.97
CA ALA F 89 -6.17 -5.15 5.03
C ALA F 89 -5.23 -5.73 6.08
N ASP F 90 -4.14 -6.34 5.64
CA ASP F 90 -3.18 -6.91 6.58
C ASP F 90 -2.60 -5.85 7.52
N THR F 91 -2.19 -4.70 6.95
CA THR F 91 -1.57 -3.65 7.76
C THR F 91 -2.56 -3.07 8.79
N ILE F 92 -3.78 -2.78 8.36
CA ILE F 92 -4.73 -2.19 9.31
C ILE F 92 -5.13 -3.19 10.38
N SER F 93 -5.23 -4.48 10.03
CA SER F 93 -5.52 -5.48 11.05
C SER F 93 -4.44 -5.54 12.10
N SER F 94 -3.18 -5.50 11.68
CA SER F 94 -2.07 -5.53 12.64
C SER F 94 -2.11 -4.33 13.57
N GLN F 95 -2.41 -3.16 13.04
CA GLN F 95 -2.50 -1.96 13.87
C GLN F 95 -3.64 -2.05 14.89
N ILE F 96 -4.79 -2.58 14.49
CA ILE F 96 -5.91 -2.71 15.41
C ILE F 96 -5.59 -3.71 16.52
N GLU F 97 -4.93 -4.82 16.20
CA GLU F 97 -4.55 -5.77 17.23
C GLU F 97 -3.57 -5.16 18.22
N LEU F 98 -2.65 -4.32 17.74
CA LEU F 98 -1.74 -3.63 18.66
C LEU F 98 -2.51 -2.72 19.61
N ALA F 99 -3.49 -1.96 19.10
CA ALA F 99 -4.25 -1.05 19.95
C ALA F 99 -5.05 -1.81 21.00
N VAL F 100 -5.65 -2.94 20.63
CA VAL F 100 -6.41 -3.71 21.61
C VAL F 100 -5.49 -4.34 22.66
N LEU F 101 -4.30 -4.79 22.24
CA LEU F 101 -3.34 -5.32 23.20
C LEU F 101 -2.93 -4.27 24.22
N LEU F 102 -2.67 -3.04 23.77
CA LEU F 102 -2.35 -1.96 24.71
C LEU F 102 -3.51 -1.66 25.65
N SER F 103 -4.74 -1.65 25.13
CA SER F 103 -5.90 -1.39 25.97
C SER F 103 -6.04 -2.43 27.06
N ASN F 104 -5.94 -3.71 26.71
CA ASN F 104 -6.09 -4.76 27.71
C ASN F 104 -4.95 -4.73 28.72
N GLU F 105 -3.74 -4.40 28.26
CA GLU F 105 -2.62 -4.24 29.17
C GLU F 105 -2.93 -3.18 30.22
N GLY F 106 -3.43 -2.02 29.79
CA GLY F 106 -3.73 -0.97 30.74
C GLY F 106 -4.85 -1.35 31.70
N ILE F 107 -5.89 -1.99 31.19
CA ILE F 107 -7.03 -2.38 32.01
C ILE F 107 -6.60 -3.37 33.08
N ILE F 108 -5.75 -4.34 32.72
CA ILE F 108 -5.29 -5.30 33.72
C ILE F 108 -4.31 -4.68 34.70
N ASN F 109 -3.49 -3.71 34.27
CA ASN F 109 -2.57 -3.12 35.23
C ASN F 109 -3.25 -2.20 36.24
N ARG F 110 -4.34 -1.53 35.89
CA ARG F 110 -4.90 -0.59 36.87
C ARG F 110 -5.38 -1.23 38.16
N GLU F 111 -5.35 -2.55 38.29
CA GLU F 111 -5.99 -3.21 39.43
C GLU F 111 -5.25 -2.98 40.74
N ASP F 112 -3.99 -2.54 40.71
CA ASP F 112 -3.24 -2.25 41.93
C ASP F 112 -3.27 -0.78 42.31
N TRP F 113 -3.39 0.12 41.35
CA TRP F 113 -3.61 1.52 41.67
C TRP F 113 -5.02 1.75 42.19
N PHE F 114 -6.03 1.07 41.62
CA PHE F 114 -7.35 1.12 42.24
C PHE F 114 -7.34 0.61 43.66
N LEU F 115 -6.36 -0.17 44.05
CA LEU F 115 -6.34 -0.72 45.39
C LEU F 115 -5.49 0.10 46.36
N LEU F 116 -4.43 0.74 45.86
CA LEU F 116 -3.73 1.74 46.68
C LEU F 116 -4.64 2.92 47.00
N ALA F 117 -5.43 3.37 46.02
CA ALA F 117 -6.38 4.45 46.29
C ALA F 117 -7.33 4.07 47.42
N LEU F 118 -7.86 2.84 47.36
CA LEU F 118 -8.75 2.36 48.41
C LEU F 118 -8.05 2.29 49.75
N GLU F 119 -6.80 1.82 49.76
CA GLU F 119 -6.07 1.68 51.01
C GLU F 119 -5.91 3.01 51.71
N ARG F 120 -5.54 4.05 50.98
CA ARG F 120 -5.33 5.29 51.71
C ARG F 120 -6.60 6.09 51.92
N LYS F 121 -7.65 5.88 51.12
CA LYS F 121 -8.95 6.40 51.55
C LYS F 121 -9.36 5.79 52.87
N LEU F 122 -9.17 4.48 53.03
CA LEU F 122 -9.48 3.83 54.29
C LEU F 122 -8.64 4.39 55.43
N LYS F 123 -7.35 4.62 55.17
CA LYS F 123 -6.50 5.18 56.23
C LYS F 123 -7.00 6.55 56.67
N LYS F 124 -7.38 7.40 55.71
CA LYS F 124 -7.88 8.72 56.09
C LYS F 124 -9.16 8.61 56.91
N MET F 125 -10.07 7.73 56.50
CA MET F 125 -11.37 7.66 57.17
C MET F 125 -11.35 6.82 58.43
N LEU F 126 -10.30 6.06 58.68
CA LEU F 126 -10.28 5.15 59.83
C LEU F 126 -9.76 5.81 61.10
N GLY F 127 -9.24 7.03 61.02
CA GLY F 127 -8.86 7.76 62.21
C GLY F 127 -7.37 7.71 62.52
N PRO F 128 -6.88 8.72 63.23
CA PRO F 128 -5.43 8.80 63.50
C PRO F 128 -4.88 7.67 64.34
N SER F 129 -5.73 6.98 65.10
CA SER F 129 -5.22 5.98 66.04
C SER F 129 -4.94 4.63 65.38
N ALA F 130 -5.42 4.39 64.17
CA ALA F 130 -5.15 3.12 63.51
C ALA F 130 -3.69 3.04 63.09
N VAL F 131 -3.21 1.82 62.87
CA VAL F 131 -1.83 1.59 62.46
C VAL F 131 -1.83 0.87 61.12
N GLU F 132 -1.06 1.41 60.17
CA GLU F 132 -0.85 0.75 58.89
C GLU F 132 0.21 -0.32 59.02
N ILE F 133 -0.07 -1.49 58.46
CA ILE F 133 0.89 -2.59 58.49
C ILE F 133 1.84 -2.53 57.30
N GLY F 134 1.30 -2.33 56.09
CA GLY F 134 2.12 -2.24 54.90
C GLY F 134 1.56 -2.95 53.69
N ASN F 135 0.61 -3.86 53.90
CA ASN F 135 0.03 -4.64 52.80
C ASN F 135 -1.46 -4.37 52.66
N GLY F 136 -1.91 -3.17 53.01
CA GLY F 136 -3.29 -2.78 52.84
C GLY F 136 -4.19 -3.05 54.02
N CYS F 137 -3.71 -3.74 55.04
CA CYS F 137 -4.52 -4.07 56.21
C CYS F 137 -4.31 -3.04 57.31
N PHE F 138 -5.30 -2.94 58.19
CA PHE F 138 -5.28 -1.97 59.28
C PHE F 138 -5.72 -2.64 60.58
N GLU F 139 -5.16 -2.18 61.69
CA GLU F 139 -5.48 -2.69 63.02
C GLU F 139 -6.20 -1.59 63.80
N THR F 140 -7.40 -1.90 64.28
CA THR F 140 -8.22 -0.96 65.02
C THR F 140 -8.35 -1.42 66.47
N LYS F 141 -8.86 -0.51 67.30
CA LYS F 141 -9.08 -0.77 68.72
C LYS F 141 -10.54 -1.06 69.05
N HIS F 142 -11.39 -1.20 68.04
CA HIS F 142 -12.83 -1.32 68.24
C HIS F 142 -13.39 -2.43 67.37
N LYS F 143 -14.53 -2.95 67.80
CA LYS F 143 -15.21 -3.99 67.03
C LYS F 143 -15.86 -3.39 65.78
N CYS F 144 -15.89 -4.20 64.72
CA CYS F 144 -16.45 -3.77 63.43
C CYS F 144 -17.20 -4.95 62.83
N ASN F 145 -18.52 -4.95 63.00
CA ASN F 145 -19.38 -5.98 62.43
C ASN F 145 -19.90 -5.52 61.07
N GLN F 146 -20.92 -6.21 60.54
CA GLN F 146 -21.37 -5.95 59.19
C GLN F 146 -21.88 -4.52 59.01
N THR F 147 -22.62 -4.00 60.00
CA THR F 147 -23.13 -2.63 59.87
C THR F 147 -22.00 -1.61 59.96
N CYS F 148 -20.97 -1.91 60.75
CA CYS F 148 -19.77 -1.06 60.76
C CYS F 148 -19.15 -0.96 59.37
N LEU F 149 -18.89 -2.10 58.71
CA LEU F 149 -18.34 -2.03 57.37
C LEU F 149 -19.32 -1.42 56.39
N ASP F 150 -20.62 -1.57 56.63
CA ASP F 150 -21.60 -0.95 55.76
C ASP F 150 -21.47 0.57 55.80
N LYS F 151 -21.25 1.12 57.00
CA LYS F 151 -21.06 2.56 57.10
C LYS F 151 -19.69 2.98 56.61
N ILE F 152 -18.68 2.11 56.73
CA ILE F 152 -17.33 2.46 56.25
C ILE F 152 -17.32 2.54 54.73
N ALA F 153 -17.84 1.51 54.06
CA ALA F 153 -17.81 1.47 52.60
C ALA F 153 -18.70 2.54 51.98
N ALA F 154 -19.68 3.03 52.72
CA ALA F 154 -20.60 4.05 52.22
C ALA F 154 -20.06 5.46 52.42
N GLY F 155 -18.90 5.62 53.06
CA GLY F 155 -18.34 6.94 53.27
C GLY F 155 -19.03 7.76 54.32
N THR F 156 -19.56 7.13 55.38
CA THR F 156 -20.20 7.83 56.48
C THR F 156 -19.60 7.45 57.83
N PHE F 157 -18.48 6.74 57.86
CA PHE F 157 -17.91 6.31 59.13
C PHE F 157 -17.23 7.48 59.83
N ASP F 158 -17.59 7.67 61.10
CA ASP F 158 -17.00 8.71 61.94
C ASP F 158 -16.56 8.07 63.25
N ALA F 159 -15.26 8.13 63.53
CA ALA F 159 -14.72 7.49 64.72
C ALA F 159 -15.12 8.21 66.00
N GLY F 160 -15.69 9.41 65.90
CA GLY F 160 -16.11 10.13 67.09
C GLY F 160 -17.13 9.36 67.90
N GLU F 161 -18.06 8.68 67.23
CA GLU F 161 -19.06 7.87 67.92
C GLU F 161 -18.44 6.68 68.63
N PHE F 162 -17.18 6.35 68.36
CA PHE F 162 -16.52 5.21 68.96
C PHE F 162 -15.62 5.61 70.13
N SER F 163 -15.79 6.83 70.64
CA SER F 163 -15.07 7.32 71.81
C SER F 163 -13.55 7.25 71.60
N LEU F 164 -13.11 7.63 70.41
CA LEU F 164 -11.71 7.62 70.04
C LEU F 164 -11.37 8.91 69.30
N PRO F 165 -10.13 9.36 69.40
CA PRO F 165 -9.76 10.62 68.73
C PRO F 165 -9.86 10.50 67.22
N THR F 166 -10.22 11.62 66.58
CA THR F 166 -10.40 11.66 65.13
C THR F 166 -9.47 12.69 64.50
#